data_1BFO
#
_entry.id   1BFO
#
_cell.length_a   94.280
_cell.length_b   108.150
_cell.length_c   166.670
_cell.angle_alpha   90.00
_cell.angle_beta   90.00
_cell.angle_gamma   90.00
#
_symmetry.space_group_name_H-M   'P 21 21 21'
#
loop_
_entity.id
_entity.type
_entity.pdbx_description
1 polymer 'CAMPATH-1G ANTIBODY'
2 polymer 'CAMPATH-1G ANTIBODY'
3 water water
#
loop_
_entity_poly.entity_id
_entity_poly.type
_entity_poly.pdbx_seq_one_letter_code
_entity_poly.pdbx_strand_id
1 'polypeptide(L)'
;DIKMTQSPSFLSASVGDRVTLNCKASQNIDKYLNWYQQKLGESPKLLIYNTNNLQTGIPSRFSGSGSGTDFTLTISSLQP
EDVATYFCLQHISRPRTFGTGTKLELKRANAAPTVSIFPPSTEQLATGGASVVCLMNKFYPRDISVKWKIDGTERNGVLN
SVTDQDSADSTYSMSSTLSLTKADYQSHNLYTCQVVHKTSSSPVVAKNFNRNEC
;
A,C,E,G
2 'polypeptide(L)'
;EVKLLESGGGLVQPGGSMRLSCAGSGFTFTDFYMNWIRQPAGKAPEWLGFIRDKAKGYTTEYNPSVKGRFTISRDNTQNM
LYLQMNTLRAEDTATYYCAREGHTAAPFDYWGQGVMVTVSSAQTTAPSVYPLAPGCGDTTSSTVTLGCLVKGYFPEPVTV
TWNSGALSSDVHTFPAVLQSGLYTLTSSVTSSTWPSQTVTCNVAHPASSTKVDKKV
;
B,D,F,H
#
# COMPACT_ATOMS: atom_id res chain seq x y z
N ASP A 1 -3.52 -0.20 37.13
CA ASP A 1 -4.31 0.76 36.29
C ASP A 1 -5.59 0.15 35.74
N ILE A 2 -6.58 0.99 35.50
CA ILE A 2 -7.83 0.52 34.98
C ILE A 2 -7.79 0.67 33.47
N LYS A 3 -7.86 -0.43 32.77
CA LYS A 3 -7.83 -0.39 31.31
C LYS A 3 -9.23 -0.31 30.65
N MET A 4 -9.48 0.77 29.91
CA MET A 4 -10.75 0.98 29.22
C MET A 4 -10.77 0.55 27.77
N THR A 5 -11.79 -0.21 27.41
CA THR A 5 -11.97 -0.70 26.05
C THR A 5 -13.27 -0.17 25.45
N GLN A 6 -13.22 0.24 24.20
CA GLN A 6 -14.42 0.74 23.53
C GLN A 6 -14.72 -0.07 22.29
N SER A 7 -16.01 -0.18 21.97
CA SER A 7 -16.42 -0.92 20.81
C SER A 7 -17.74 -0.43 20.23
N PRO A 8 -17.87 -0.52 18.91
CA PRO A 8 -16.83 -1.02 18.00
C PRO A 8 -15.88 0.18 17.75
N SER A 9 -14.80 -0.01 16.99
CA SER A 9 -13.91 1.13 16.77
C SER A 9 -14.48 2.04 15.70
N PHE A 10 -15.09 1.46 14.68
CA PHE A 10 -15.68 2.25 13.58
C PHE A 10 -17.18 2.01 13.47
N LEU A 11 -17.90 3.04 13.10
CA LEU A 11 -19.32 2.85 13.03
C LEU A 11 -19.95 3.74 11.99
N SER A 12 -20.58 3.10 11.02
CA SER A 12 -21.27 3.80 9.96
C SER A 12 -22.78 3.74 10.16
N ALA A 13 -23.41 4.90 10.19
CA ALA A 13 -24.84 4.98 10.39
C ALA A 13 -25.47 6.06 9.50
N SER A 14 -26.76 5.90 9.16
CA SER A 14 -27.45 6.90 8.34
C SER A 14 -27.92 8.01 9.22
N VAL A 15 -27.98 9.21 8.69
CA VAL A 15 -28.46 10.33 9.50
C VAL A 15 -29.88 10.05 9.96
N GLY A 16 -30.11 10.18 11.26
CA GLY A 16 -31.42 9.96 11.81
C GLY A 16 -31.50 8.67 12.59
N ASP A 17 -30.59 7.74 12.34
CA ASP A 17 -30.58 6.47 13.06
C ASP A 17 -30.17 6.50 14.53
N ARG A 18 -30.38 5.37 15.18
CA ARG A 18 -30.06 5.15 16.60
C ARG A 18 -28.67 4.54 16.62
N VAL A 19 -27.79 5.12 17.40
CA VAL A 19 -26.44 4.61 17.45
C VAL A 19 -26.07 4.33 18.89
N THR A 20 -25.34 3.25 19.09
CA THR A 20 -24.88 2.84 20.44
C THR A 20 -23.37 2.55 20.58
N LEU A 21 -22.75 3.27 21.50
CA LEU A 21 -21.30 3.11 21.73
C LEU A 21 -20.99 2.37 23.05
N ASN A 22 -20.14 1.37 22.96
CA ASN A 22 -19.81 0.58 24.12
C ASN A 22 -18.42 0.86 24.68
N CYS A 23 -18.33 0.79 25.99
CA CYS A 23 -17.11 1.03 26.72
C CYS A 23 -17.03 0.09 27.91
N LYS A 24 -15.98 -0.73 27.99
CA LYS A 24 -15.83 -1.67 29.09
C LYS A 24 -14.58 -1.35 29.90
N ALA A 25 -14.74 -1.23 31.22
CA ALA A 25 -13.64 -0.94 32.16
C ALA A 25 -13.14 -2.31 32.52
N SER A 26 -11.97 -2.44 33.16
CA SER A 26 -11.47 -3.78 33.56
C SER A 26 -11.57 -3.95 35.07
N GLN A 27 -12.28 -3.04 35.71
CA GLN A 27 -12.46 -3.10 37.12
C GLN A 27 -13.70 -2.32 37.33
N ASN A 28 -14.37 -2.53 38.47
CA ASN A 28 -15.56 -1.73 38.67
C ASN A 28 -15.11 -0.27 38.90
N ILE A 29 -15.75 0.65 38.19
CA ILE A 29 -15.46 2.07 38.26
C ILE A 29 -16.68 2.70 38.89
N ASP A 30 -17.58 1.84 39.33
CA ASP A 30 -18.81 2.31 39.92
C ASP A 30 -19.55 3.24 38.94
N LYS A 31 -19.71 4.50 39.33
CA LYS A 31 -20.41 5.47 38.48
C LYS A 31 -19.49 6.48 37.78
N TYR A 32 -18.21 6.45 38.09
CA TYR A 32 -17.34 7.45 37.49
C TYR A 32 -16.81 7.12 36.09
N LEU A 33 -17.64 7.42 35.09
CA LEU A 33 -17.25 7.23 33.70
C LEU A 33 -17.75 8.38 32.81
N ASN A 34 -16.86 8.97 32.04
CA ASN A 34 -17.21 10.05 31.16
C ASN A 34 -17.06 9.85 29.63
N TRP A 35 -17.69 10.74 28.90
CA TRP A 35 -17.64 10.66 27.48
C TRP A 35 -17.23 11.98 26.88
N TYR A 36 -16.30 11.92 25.94
CA TYR A 36 -15.89 13.13 25.28
C TYR A 36 -16.06 12.99 23.77
N GLN A 37 -16.36 14.09 23.12
CA GLN A 37 -16.51 14.13 21.69
C GLN A 37 -15.33 14.93 21.15
N GLN A 38 -14.64 14.43 20.14
CA GLN A 38 -13.53 15.20 19.58
C GLN A 38 -13.70 15.26 18.08
N LYS A 39 -14.05 16.44 17.62
CA LYS A 39 -14.22 16.61 16.20
C LYS A 39 -12.85 16.77 15.58
N LEU A 40 -12.79 16.73 14.25
CA LEU A 40 -11.52 16.87 13.53
C LEU A 40 -10.78 18.19 13.78
N GLY A 41 -9.52 18.09 14.19
CA GLY A 41 -8.72 19.27 14.50
C GLY A 41 -9.20 20.03 15.73
N GLU A 42 -9.84 19.36 16.70
CA GLU A 42 -10.29 20.05 17.93
C GLU A 42 -10.01 19.30 19.21
N SER A 43 -10.00 20.04 20.32
CA SER A 43 -9.71 19.41 21.60
C SER A 43 -10.91 18.65 22.06
N PRO A 44 -10.72 17.51 22.70
CA PRO A 44 -11.86 16.76 23.17
C PRO A 44 -12.76 17.69 23.97
N LYS A 45 -14.07 17.46 23.89
CA LYS A 45 -15.08 18.22 24.63
C LYS A 45 -15.95 17.24 25.45
N LEU A 46 -16.30 17.66 26.67
CA LEU A 46 -17.09 16.84 27.59
C LEU A 46 -18.53 16.69 27.16
N LEU A 47 -18.98 15.44 27.02
CA LEU A 47 -20.36 15.15 26.64
C LEU A 47 -21.16 14.74 27.84
N ILE A 48 -20.65 13.75 28.55
CA ILE A 48 -21.33 13.24 29.74
C ILE A 48 -20.37 12.81 30.84
N TYR A 49 -20.77 13.06 32.08
CA TYR A 49 -19.96 12.68 33.24
C TYR A 49 -20.65 11.79 34.27
N ASN A 50 -19.95 10.74 34.66
CA ASN A 50 -20.44 9.77 35.62
C ASN A 50 -21.62 9.03 35.02
N THR A 51 -21.27 8.24 34.02
CA THR A 51 -22.13 7.41 33.19
C THR A 51 -23.38 8.06 32.60
N ASN A 52 -24.01 9.05 33.24
CA ASN A 52 -25.22 9.59 32.64
C ASN A 52 -25.64 11.03 32.87
N ASN A 53 -24.70 11.92 33.08
CA ASN A 53 -25.09 13.31 33.25
C ASN A 53 -24.71 14.10 32.03
N LEU A 54 -25.69 14.70 31.37
CA LEU A 54 -25.32 15.47 30.23
C LEU A 54 -24.74 16.67 30.86
N GLN A 55 -23.90 17.30 30.08
CA GLN A 55 -23.22 18.52 30.41
C GLN A 55 -24.11 19.65 29.83
N THR A 56 -23.83 20.88 30.24
CA THR A 56 -24.58 22.04 29.79
C THR A 56 -24.46 22.26 28.31
N GLY A 57 -25.56 22.49 27.62
CA GLY A 57 -25.50 22.80 26.19
C GLY A 57 -25.41 21.63 25.22
N ILE A 58 -25.50 20.41 25.71
CA ILE A 58 -25.42 19.31 24.76
C ILE A 58 -26.81 18.82 24.46
N PRO A 59 -27.12 18.57 23.18
CA PRO A 59 -28.43 18.10 22.72
C PRO A 59 -28.97 16.85 23.45
N SER A 60 -30.29 16.79 23.59
CA SER A 60 -30.97 15.67 24.28
C SER A 60 -30.92 14.32 23.61
N ARG A 61 -30.43 14.27 22.38
CA ARG A 61 -30.34 13.04 21.63
C ARG A 61 -29.27 12.13 22.21
N PHE A 62 -28.49 12.66 23.15
CA PHE A 62 -27.41 11.92 23.82
C PHE A 62 -27.82 11.41 25.18
N SER A 63 -27.33 10.22 25.51
CA SER A 63 -27.63 9.66 26.80
C SER A 63 -26.62 8.58 27.10
N GLY A 64 -26.41 8.36 28.38
CA GLY A 64 -25.45 7.36 28.78
C GLY A 64 -26.06 6.43 29.81
N SER A 65 -25.45 5.27 29.96
CA SER A 65 -25.94 4.31 30.91
C SER A 65 -24.93 3.20 31.18
N GLY A 66 -25.44 2.15 31.80
CA GLY A 66 -24.62 1.01 32.15
C GLY A 66 -24.08 1.31 33.52
N SER A 67 -23.38 0.35 34.10
CA SER A 67 -22.81 0.60 35.41
C SER A 67 -21.84 -0.47 35.82
N GLY A 68 -20.76 -0.03 36.45
CA GLY A 68 -19.75 -0.95 36.93
C GLY A 68 -18.66 -1.27 35.94
N THR A 69 -18.91 -2.16 34.99
CA THR A 69 -17.90 -2.52 34.02
C THR A 69 -18.32 -2.29 32.57
N ASP A 70 -19.63 -2.17 32.34
CA ASP A 70 -20.12 -1.91 30.99
C ASP A 70 -20.92 -0.63 30.91
N PHE A 71 -20.54 0.21 29.96
CA PHE A 71 -21.21 1.49 29.74
C PHE A 71 -21.61 1.68 28.29
N THR A 72 -22.59 2.56 28.10
CA THR A 72 -23.11 2.80 26.79
C THR A 72 -23.44 4.24 26.51
N LEU A 73 -23.08 4.69 25.32
CA LEU A 73 -23.43 6.05 24.90
C LEU A 73 -24.38 5.74 23.77
N THR A 74 -25.52 6.42 23.78
CA THR A 74 -26.53 6.20 22.80
C THR A 74 -27.01 7.51 22.21
N ILE A 75 -27.05 7.55 20.87
CA ILE A 75 -27.52 8.72 20.20
C ILE A 75 -28.80 8.25 19.55
N SER A 76 -29.90 8.89 19.93
CA SER A 76 -31.24 8.54 19.44
C SER A 76 -31.24 8.70 17.95
N SER A 77 -31.07 9.94 17.48
CA SER A 77 -31.06 10.20 16.07
C SER A 77 -29.76 10.93 15.66
N LEU A 78 -28.92 10.25 14.88
CA LEU A 78 -27.64 10.76 14.40
C LEU A 78 -27.71 12.04 13.53
N GLN A 79 -27.11 13.12 13.98
CA GLN A 79 -27.10 14.32 13.20
C GLN A 79 -25.76 14.36 12.46
N PRO A 80 -25.67 15.13 11.36
CA PRO A 80 -24.40 15.17 10.64
C PRO A 80 -23.33 15.88 11.48
N GLU A 81 -23.72 16.71 12.45
CA GLU A 81 -22.72 17.35 13.31
C GLU A 81 -22.32 16.44 14.47
N ASP A 82 -22.47 15.14 14.29
CA ASP A 82 -22.16 14.23 15.37
C ASP A 82 -21.12 13.30 14.85
N VAL A 83 -20.73 13.52 13.60
CA VAL A 83 -19.64 12.72 13.04
C VAL A 83 -18.38 13.15 13.83
N ALA A 84 -17.73 12.21 14.48
CA ALA A 84 -16.56 12.53 15.25
C ALA A 84 -16.02 11.26 15.91
N THR A 85 -15.04 11.40 16.79
CA THR A 85 -14.49 10.25 17.51
C THR A 85 -14.98 10.44 18.93
N TYR A 86 -15.21 9.32 19.61
CA TYR A 86 -15.77 9.37 20.96
C TYR A 86 -14.90 8.63 21.96
N PHE A 87 -14.64 9.33 23.06
CA PHE A 87 -13.82 8.83 24.11
C PHE A 87 -14.48 8.67 25.44
N CYS A 88 -14.11 7.56 26.02
CA CYS A 88 -14.57 7.06 27.28
C CYS A 88 -13.47 7.37 28.33
N LEU A 89 -13.85 7.78 29.52
CA LEU A 89 -12.87 8.09 30.54
C LEU A 89 -13.15 7.62 31.95
N GLN A 90 -12.32 6.73 32.46
CA GLN A 90 -12.45 6.16 33.82
C GLN A 90 -11.75 7.06 34.86
N HIS A 91 -12.48 7.54 35.86
CA HIS A 91 -11.78 8.39 36.82
C HIS A 91 -12.10 8.18 38.28
N ILE A 92 -12.12 6.93 38.68
CA ILE A 92 -12.36 6.62 40.07
C ILE A 92 -10.96 6.64 40.72
N SER A 93 -9.97 6.16 39.96
CA SER A 93 -8.59 6.04 40.37
C SER A 93 -7.59 6.74 39.48
N ARG A 94 -6.48 7.16 40.08
CA ARG A 94 -5.37 7.73 39.32
C ARG A 94 -4.48 6.53 38.98
N PRO A 95 -3.86 6.51 37.79
CA PRO A 95 -4.00 7.54 36.75
C PRO A 95 -5.37 7.42 36.08
N ARG A 96 -5.95 8.54 35.67
CA ARG A 96 -7.23 8.52 34.97
C ARG A 96 -6.88 7.93 33.60
N THR A 97 -7.68 7.00 33.08
CA THR A 97 -7.43 6.36 31.78
C THR A 97 -8.61 6.52 30.84
N PHE A 98 -8.28 6.73 29.55
CA PHE A 98 -9.26 6.93 28.46
C PHE A 98 -9.45 5.62 27.72
N GLY A 99 -10.54 5.49 26.97
CA GLY A 99 -10.79 4.29 26.18
C GLY A 99 -10.16 4.49 24.82
N THR A 100 -10.06 3.42 24.06
CA THR A 100 -9.43 3.45 22.73
C THR A 100 -10.09 4.36 21.70
N GLY A 101 -11.36 4.69 21.92
CA GLY A 101 -12.08 5.57 21.00
C GLY A 101 -12.90 4.91 19.92
N THR A 102 -13.96 5.59 19.48
CA THR A 102 -14.85 5.14 18.42
C THR A 102 -15.11 6.27 17.45
N LYS A 103 -14.96 5.97 16.16
CA LYS A 103 -15.17 6.92 15.08
C LYS A 103 -16.49 6.63 14.33
N LEU A 104 -17.31 7.67 14.19
CA LEU A 104 -18.59 7.64 13.51
C LEU A 104 -18.43 8.16 12.10
N GLU A 105 -18.99 7.45 11.14
CA GLU A 105 -19.00 7.85 9.76
C GLU A 105 -20.47 7.95 9.28
N LEU A 106 -20.88 9.10 8.77
CA LEU A 106 -22.22 9.28 8.24
C LEU A 106 -22.30 8.45 6.94
N LYS A 107 -23.38 7.71 6.73
CA LYS A 107 -23.47 6.91 5.50
C LYS A 107 -24.18 7.65 4.35
N ARG A 108 -23.87 7.24 3.12
CA ARG A 108 -24.48 7.85 1.95
C ARG A 108 -24.41 6.94 0.75
N ALA A 109 -25.00 7.44 -0.32
CA ALA A 109 -25.10 6.78 -1.58
C ALA A 109 -23.75 6.74 -2.34
N ASN A 110 -23.49 5.57 -2.93
CA ASN A 110 -22.26 5.40 -3.66
C ASN A 110 -22.07 6.56 -4.57
N ALA A 111 -20.79 6.87 -4.80
CA ALA A 111 -20.34 7.96 -5.68
C ALA A 111 -18.99 7.66 -6.33
N ALA A 112 -18.99 7.70 -7.64
CA ALA A 112 -17.75 7.43 -8.32
C ALA A 112 -16.95 8.69 -8.29
N PRO A 113 -15.63 8.57 -8.11
CA PRO A 113 -14.69 9.68 -8.05
C PRO A 113 -14.38 10.37 -9.33
N THR A 114 -14.06 11.65 -9.18
CA THR A 114 -13.59 12.47 -10.26
C THR A 114 -12.02 12.34 -10.16
N VAL A 115 -11.39 11.78 -11.19
CA VAL A 115 -9.96 11.60 -11.22
C VAL A 115 -9.33 12.62 -12.09
N SER A 116 -8.14 13.02 -11.68
CA SER A 116 -7.42 14.14 -12.29
C SER A 116 -5.91 13.91 -12.21
N ILE A 117 -5.19 14.10 -13.32
CA ILE A 117 -3.75 13.84 -13.29
C ILE A 117 -2.91 15.07 -13.60
N PHE A 118 -1.83 15.27 -12.88
CA PHE A 118 -1.01 16.43 -13.14
C PHE A 118 0.47 16.09 -13.40
N PRO A 119 0.99 16.51 -14.55
CA PRO A 119 2.40 16.25 -14.90
C PRO A 119 3.21 17.20 -14.04
N PRO A 120 4.50 16.98 -13.95
CA PRO A 120 5.30 17.87 -13.12
C PRO A 120 5.29 19.33 -13.57
N SER A 121 5.55 20.23 -12.64
CA SER A 121 5.60 21.66 -12.90
C SER A 121 6.95 21.97 -13.57
N THR A 122 7.02 22.93 -14.50
CA THR A 122 8.28 23.24 -15.16
C THR A 122 9.26 23.66 -14.08
N GLU A 123 8.75 24.29 -13.01
CA GLU A 123 9.61 24.69 -11.89
C GLU A 123 10.26 23.52 -11.14
N GLN A 124 9.45 22.54 -10.72
CA GLN A 124 10.02 21.40 -10.01
C GLN A 124 11.11 20.73 -10.86
N LEU A 125 10.90 20.72 -12.18
CA LEU A 125 11.84 20.13 -13.14
C LEU A 125 13.13 20.88 -13.14
N ALA A 126 13.02 22.19 -13.37
CA ALA A 126 14.16 23.07 -13.38
C ALA A 126 15.04 22.87 -12.14
N THR A 127 14.69 21.89 -11.31
CA THR A 127 15.47 21.57 -10.11
C THR A 127 15.74 20.06 -10.07
N GLY A 128 15.57 19.44 -11.24
CA GLY A 128 15.84 18.02 -11.42
C GLY A 128 15.00 17.02 -10.70
N GLY A 129 13.87 17.50 -10.20
CA GLY A 129 12.95 16.63 -9.51
C GLY A 129 11.69 16.57 -10.32
N ALA A 130 10.87 15.58 -10.05
CA ALA A 130 9.63 15.49 -10.78
C ALA A 130 8.58 14.65 -10.01
N SER A 131 7.48 15.29 -9.61
CA SER A 131 6.43 14.55 -8.92
C SER A 131 5.21 14.62 -9.82
N VAL A 132 4.58 13.48 -10.09
CA VAL A 132 3.38 13.41 -10.88
C VAL A 132 2.34 13.31 -9.80
N VAL A 133 1.22 13.97 -10.03
CA VAL A 133 0.17 13.96 -9.03
C VAL A 133 -1.14 13.48 -9.58
N CYS A 134 -1.86 12.71 -8.77
CA CYS A 134 -3.22 12.24 -9.13
C CYS A 134 -4.22 12.52 -7.98
N LEU A 135 -5.13 13.42 -8.22
CA LEU A 135 -6.12 13.77 -7.23
C LEU A 135 -7.31 12.87 -7.62
N MET A 136 -7.75 12.11 -6.64
CA MET A 136 -8.83 11.19 -6.79
C MET A 136 -9.92 11.68 -5.79
N ASN A 137 -10.84 12.52 -6.26
CA ASN A 137 -11.83 13.16 -5.36
C ASN A 137 -13.32 12.79 -5.31
N LYS A 138 -13.90 13.18 -4.16
CA LYS A 138 -15.30 13.01 -3.83
C LYS A 138 -15.96 11.69 -4.11
N PHE A 139 -15.40 10.65 -3.52
CA PHE A 139 -15.91 9.32 -3.68
C PHE A 139 -16.49 8.67 -2.41
N TYR A 140 -17.22 7.57 -2.61
CA TYR A 140 -17.80 6.82 -1.50
C TYR A 140 -18.29 5.50 -2.03
N PRO A 141 -18.07 4.42 -1.29
CA PRO A 141 -17.38 4.29 0.00
C PRO A 141 -15.87 4.53 -0.03
N ARG A 142 -15.27 4.51 1.16
CA ARG A 142 -13.86 4.74 1.34
C ARG A 142 -12.95 3.77 0.65
N ASP A 143 -13.37 2.54 0.44
CA ASP A 143 -12.45 1.62 -0.19
C ASP A 143 -12.23 1.97 -1.61
N ILE A 144 -10.96 1.96 -1.97
CA ILE A 144 -10.54 2.32 -3.32
C ILE A 144 -9.06 1.95 -3.49
N SER A 145 -8.57 1.91 -4.70
CA SER A 145 -7.17 1.61 -4.90
C SER A 145 -6.72 2.39 -6.10
N VAL A 146 -5.51 2.91 -6.03
CA VAL A 146 -4.94 3.67 -7.13
C VAL A 146 -3.65 2.99 -7.54
N LYS A 147 -3.33 3.00 -8.82
CA LYS A 147 -2.05 2.46 -9.28
C LYS A 147 -1.46 3.36 -10.33
N TRP A 148 -0.15 3.56 -10.25
CA TRP A 148 0.58 4.33 -11.22
C TRP A 148 1.16 3.35 -12.23
N LYS A 149 1.33 3.79 -13.47
CA LYS A 149 1.91 2.94 -14.49
C LYS A 149 2.61 3.82 -15.49
N ILE A 150 3.91 3.60 -15.63
CA ILE A 150 4.68 4.36 -16.57
C ILE A 150 4.82 3.48 -17.77
N ASP A 151 4.28 3.93 -18.89
CA ASP A 151 4.30 3.17 -20.14
C ASP A 151 3.63 1.80 -19.92
N GLY A 152 2.42 1.80 -19.36
CA GLY A 152 1.74 0.56 -19.13
C GLY A 152 2.27 -0.30 -17.99
N THR A 153 3.44 0.00 -17.42
CA THR A 153 3.97 -0.81 -16.31
C THR A 153 3.71 -0.34 -14.86
N GLU A 154 2.98 -1.14 -14.08
CA GLU A 154 2.68 -0.77 -12.68
C GLU A 154 3.99 -0.32 -12.08
N ARG A 155 3.91 0.63 -11.15
CA ARG A 155 5.10 1.19 -10.58
C ARG A 155 5.04 1.40 -9.06
N ASN A 156 6.22 1.58 -8.44
CA ASN A 156 6.28 1.84 -7.01
C ASN A 156 7.45 2.61 -6.34
N GLY A 157 7.13 3.87 -6.04
CA GLY A 157 7.97 4.86 -5.38
C GLY A 157 6.91 5.93 -5.05
N VAL A 158 5.70 5.40 -4.85
CA VAL A 158 4.46 6.13 -4.58
C VAL A 158 4.13 6.53 -3.13
N LEU A 159 3.26 7.54 -3.02
CA LEU A 159 2.83 8.08 -1.74
C LEU A 159 1.34 8.43 -1.81
N ASN A 160 0.54 7.80 -0.94
CA ASN A 160 -0.89 8.03 -0.88
C ASN A 160 -1.26 8.78 0.38
N SER A 161 -2.46 9.37 0.34
CA SER A 161 -2.99 10.13 1.45
C SER A 161 -4.52 10.28 1.22
N VAL A 162 -5.32 9.94 2.23
CA VAL A 162 -6.77 10.06 2.12
C VAL A 162 -7.29 11.04 3.16
N THR A 163 -8.23 11.89 2.79
CA THR A 163 -8.79 12.79 3.77
C THR A 163 -9.73 12.06 4.67
N ASP A 164 -10.42 12.86 5.48
CA ASP A 164 -11.39 12.31 6.38
C ASP A 164 -12.71 12.63 5.68
N GLN A 165 -13.80 12.00 6.11
CA GLN A 165 -15.10 12.21 5.48
C GLN A 165 -15.45 13.69 5.44
N ASP A 166 -15.81 14.19 4.26
CA ASP A 166 -16.10 15.61 4.12
C ASP A 166 -17.42 16.03 4.77
N SER A 167 -17.38 17.10 5.55
CA SER A 167 -18.58 17.55 6.28
C SER A 167 -19.68 18.07 5.40
N ALA A 168 -19.39 18.22 4.10
CA ALA A 168 -20.38 18.75 3.15
C ALA A 168 -21.12 17.75 2.26
N ASP A 169 -20.50 16.63 1.92
CA ASP A 169 -21.17 15.69 1.04
C ASP A 169 -20.81 14.30 1.46
N SER A 170 -20.13 14.23 2.60
CA SER A 170 -19.77 12.94 3.16
C SER A 170 -18.93 12.06 2.27
N THR A 171 -18.21 12.62 1.31
CA THR A 171 -17.35 11.82 0.44
C THR A 171 -15.94 11.76 1.01
N TYR A 172 -15.07 11.06 0.31
CA TYR A 172 -13.67 10.92 0.67
C TYR A 172 -12.86 11.35 -0.55
N SER A 173 -11.68 11.92 -0.32
CA SER A 173 -10.83 12.30 -1.41
C SER A 173 -9.46 11.68 -1.16
N MET A 174 -8.75 11.41 -2.23
CA MET A 174 -7.44 10.85 -2.09
C MET A 174 -6.44 11.48 -3.01
N SER A 175 -5.22 11.59 -2.53
CA SER A 175 -4.14 12.14 -3.31
C SER A 175 -3.01 11.14 -3.38
N SER A 176 -2.53 10.84 -4.59
CA SER A 176 -1.40 9.93 -4.77
C SER A 176 -0.33 10.66 -5.53
N THR A 177 0.89 10.45 -5.10
CA THR A 177 2.11 11.09 -5.61
C THR A 177 3.12 10.06 -6.17
N LEU A 178 3.77 10.41 -7.29
CA LEU A 178 4.76 9.52 -7.92
C LEU A 178 5.99 10.37 -8.14
N SER A 179 6.98 10.19 -7.28
CA SER A 179 8.19 10.98 -7.40
C SER A 179 9.31 10.28 -8.14
N LEU A 180 9.86 10.98 -9.14
CA LEU A 180 10.95 10.44 -9.96
C LEU A 180 12.01 11.52 -10.13
N THR A 181 13.17 11.12 -10.64
CA THR A 181 14.26 12.06 -10.88
C THR A 181 13.90 12.67 -12.22
N LYS A 182 14.43 13.83 -12.53
CA LYS A 182 14.14 14.44 -13.83
C LYS A 182 14.55 13.48 -14.97
N ALA A 183 15.75 12.95 -14.87
CA ALA A 183 16.29 12.03 -15.86
C ALA A 183 15.33 10.85 -16.15
N ASP A 184 14.94 10.12 -15.12
CA ASP A 184 14.03 9.00 -15.30
C ASP A 184 12.68 9.46 -15.78
N TYR A 185 12.20 10.61 -15.31
CA TYR A 185 10.92 11.11 -15.78
C TYR A 185 11.00 11.32 -17.27
N GLN A 186 12.16 11.72 -17.78
CA GLN A 186 12.32 11.99 -19.22
C GLN A 186 12.55 10.78 -20.12
N SER A 187 12.97 9.64 -19.59
CA SER A 187 13.15 8.50 -20.46
C SER A 187 11.91 7.63 -20.57
N HIS A 188 10.74 8.19 -20.26
CA HIS A 188 9.46 7.49 -20.40
C HIS A 188 8.45 8.44 -21.01
N ASN A 189 7.27 7.96 -21.38
CA ASN A 189 6.29 8.78 -22.07
C ASN A 189 4.84 8.84 -21.61
N LEU A 190 4.23 7.70 -21.33
CA LEU A 190 2.85 7.74 -20.89
C LEU A 190 2.66 7.34 -19.42
N TYR A 191 2.30 8.36 -18.63
CA TYR A 191 2.09 8.19 -17.20
C TYR A 191 0.64 7.98 -16.93
N THR A 192 0.34 7.07 -16.00
CA THR A 192 -1.05 6.77 -15.77
C THR A 192 -1.49 6.57 -14.34
N CYS A 193 -2.70 7.06 -14.07
CA CYS A 193 -3.33 6.90 -12.78
C CYS A 193 -4.59 6.07 -13.02
N GLN A 194 -4.62 4.89 -12.42
CA GLN A 194 -5.76 4.01 -12.65
C GLN A 194 -6.33 3.80 -11.31
N VAL A 195 -7.62 4.02 -11.18
CA VAL A 195 -8.24 3.81 -9.91
C VAL A 195 -9.35 2.82 -10.13
N VAL A 196 -9.55 2.01 -9.12
CA VAL A 196 -10.55 0.99 -9.14
C VAL A 196 -11.42 1.27 -7.93
N HIS A 197 -12.69 1.58 -8.16
CA HIS A 197 -13.57 1.83 -7.02
C HIS A 197 -14.44 0.64 -6.88
N LYS A 198 -14.00 -0.30 -6.02
CA LYS A 198 -14.72 -1.53 -5.74
C LYS A 198 -16.12 -1.06 -5.46
N THR A 199 -16.84 -0.82 -6.55
CA THR A 199 -18.20 -0.34 -6.56
C THR A 199 -18.31 0.50 -7.80
N SER A 200 -18.87 1.67 -7.66
CA SER A 200 -19.07 2.60 -8.74
C SER A 200 -18.93 2.17 -10.20
N SER A 201 -17.85 1.48 -10.56
CA SER A 201 -17.67 1.05 -11.93
C SER A 201 -16.74 -0.12 -12.03
N SER A 202 -16.88 -0.88 -13.11
CA SER A 202 -16.06 -2.05 -13.34
C SER A 202 -14.88 -1.77 -14.22
N PRO A 203 -15.12 -1.11 -15.37
CA PRO A 203 -14.05 -0.80 -16.31
C PRO A 203 -12.91 0.03 -15.76
N VAL A 204 -12.90 0.26 -14.46
CA VAL A 204 -11.85 1.06 -13.83
C VAL A 204 -11.62 2.43 -14.46
N VAL A 205 -11.02 3.34 -13.70
CA VAL A 205 -10.83 4.68 -14.22
C VAL A 205 -9.37 4.97 -14.42
N ALA A 206 -9.06 5.36 -15.67
CA ALA A 206 -7.71 5.69 -16.08
C ALA A 206 -7.59 7.14 -16.63
N LYS A 207 -6.52 7.84 -16.23
CA LYS A 207 -6.23 9.18 -16.73
C LYS A 207 -4.75 9.17 -16.99
N ASN A 208 -4.35 9.66 -18.16
CA ASN A 208 -2.94 9.75 -18.49
C ASN A 208 -2.58 10.95 -19.32
N PHE A 209 -1.32 10.99 -19.70
CA PHE A 209 -0.83 12.10 -20.47
C PHE A 209 0.46 11.72 -21.12
N ASN A 210 0.69 12.19 -22.34
CA ASN A 210 1.96 11.87 -22.92
C ASN A 210 2.86 13.02 -22.67
N ARG A 211 4.04 12.73 -22.15
CA ARG A 211 5.03 13.73 -21.83
C ARG A 211 5.37 14.60 -23.05
N ASN A 212 5.58 13.98 -24.21
CA ASN A 212 5.78 14.79 -25.42
C ASN A 212 4.45 15.48 -25.82
N GLU A 213 3.32 14.95 -25.34
CA GLU A 213 1.97 15.50 -25.58
C GLU A 213 1.24 15.01 -26.83
N CYS A 214 -0.08 14.80 -26.70
CA CYS A 214 -0.95 14.29 -27.78
C CYS A 214 -1.36 15.23 -28.94
N GLU B 1 -13.75 29.50 32.99
CA GLU B 1 -14.32 28.69 31.85
C GLU B 1 -13.92 29.29 30.50
N VAL B 2 -14.51 30.44 30.19
CA VAL B 2 -14.25 31.12 28.95
C VAL B 2 -13.01 30.55 28.19
N LYS B 3 -11.77 30.86 28.61
CA LYS B 3 -10.62 30.40 27.82
C LYS B 3 -9.34 29.85 28.45
N LEU B 4 -8.82 28.79 27.85
CA LEU B 4 -7.58 28.12 28.26
C LEU B 4 -6.64 28.17 27.06
N LEU B 5 -5.51 28.82 27.22
CA LEU B 5 -4.59 28.91 26.09
C LEU B 5 -3.17 28.39 26.34
N GLU B 6 -2.77 27.37 25.57
CA GLU B 6 -1.40 26.85 25.71
C GLU B 6 -0.47 27.55 24.72
N SER B 7 0.81 27.65 25.09
CA SER B 7 1.88 28.22 24.26
C SER B 7 3.15 27.46 24.66
N GLY B 8 4.13 27.38 23.77
CA GLY B 8 5.32 26.66 24.11
C GLY B 8 5.82 25.99 22.87
N GLY B 9 7.13 26.08 22.68
CA GLY B 9 7.77 25.55 21.49
C GLY B 9 7.28 24.22 20.96
N GLY B 10 7.78 23.86 19.77
CA GLY B 10 7.42 22.62 19.13
C GLY B 10 8.54 21.70 18.70
N LEU B 11 9.58 22.17 18.02
CA LEU B 11 10.64 21.23 17.65
C LEU B 11 11.80 21.24 18.65
N VAL B 12 12.06 20.05 19.18
CA VAL B 12 13.11 19.81 20.18
C VAL B 12 13.81 18.49 19.94
N GLN B 13 15.10 18.47 20.17
CA GLN B 13 15.88 17.28 19.94
C GLN B 13 15.82 16.34 21.12
N PRO B 14 15.99 15.05 20.84
CA PRO B 14 15.95 14.04 21.92
C PRO B 14 16.86 14.42 23.10
N GLY B 15 16.44 14.08 24.32
CA GLY B 15 17.23 14.39 25.51
C GLY B 15 16.97 15.76 26.06
N GLY B 16 16.55 16.68 25.23
CA GLY B 16 16.33 18.03 25.71
C GLY B 16 15.22 18.13 26.73
N SER B 17 14.95 19.36 27.16
CA SER B 17 13.86 19.60 28.10
C SER B 17 13.01 20.73 27.55
N MET B 18 11.73 20.78 27.92
CA MET B 18 10.86 21.79 27.40
C MET B 18 9.81 22.23 28.38
N ARG B 19 9.39 23.48 28.23
CA ARG B 19 8.38 24.04 29.10
C ARG B 19 7.18 24.61 28.36
N LEU B 20 6.04 23.95 28.51
CA LEU B 20 4.80 24.43 27.90
C LEU B 20 4.17 25.27 28.98
N SER B 21 3.37 26.25 28.58
CA SER B 21 2.71 27.05 29.55
C SER B 21 1.26 27.18 29.14
N CYS B 22 0.38 27.26 30.11
CA CYS B 22 -1.05 27.37 29.84
C CYS B 22 -1.61 28.54 30.55
N ALA B 23 -2.36 29.37 29.86
CA ALA B 23 -2.96 30.53 30.47
C ALA B 23 -4.49 30.38 30.54
N GLY B 24 -5.06 30.88 31.63
CA GLY B 24 -6.50 30.80 31.85
C GLY B 24 -7.21 32.12 32.05
N SER B 25 -8.19 32.35 31.18
CA SER B 25 -9.00 33.55 31.18
C SER B 25 -10.44 33.22 31.60
N GLY B 26 -11.12 34.17 32.24
CA GLY B 26 -12.52 33.98 32.61
C GLY B 26 -12.94 33.12 33.79
N PHE B 27 -12.09 32.97 34.80
CA PHE B 27 -12.49 32.18 35.98
C PHE B 27 -11.38 32.23 37.03
N THR B 28 -11.72 31.98 38.29
CA THR B 28 -10.70 32.02 39.33
C THR B 28 -9.74 30.82 39.26
N PHE B 29 -8.63 31.06 38.56
CA PHE B 29 -7.57 30.09 38.37
C PHE B 29 -7.36 29.27 39.62
N THR B 30 -7.02 29.98 40.70
CA THR B 30 -6.74 29.41 42.01
C THR B 30 -7.76 28.47 42.68
N ASP B 31 -9.03 28.53 42.28
CA ASP B 31 -10.06 27.66 42.85
C ASP B 31 -10.22 26.30 42.17
N PHE B 32 -9.41 26.04 41.12
CA PHE B 32 -9.48 24.79 40.39
C PHE B 32 -8.24 23.93 40.32
N TYR B 33 -8.45 22.65 40.07
CA TYR B 33 -7.34 21.74 39.84
C TYR B 33 -7.09 22.07 38.36
N MET B 34 -5.91 21.77 37.84
CA MET B 34 -5.59 22.00 36.42
C MET B 34 -4.84 20.75 35.96
N ASN B 35 -5.09 20.33 34.72
CA ASN B 35 -4.48 19.10 34.20
C ASN B 35 -3.72 19.30 32.94
N TRP B 36 -2.86 18.33 32.66
CA TRP B 36 -2.16 18.30 31.38
C TRP B 36 -2.53 16.94 30.81
N ILE B 37 -2.97 16.95 29.57
CA ILE B 37 -3.33 15.74 28.89
C ILE B 37 -2.63 15.85 27.57
N ARG B 38 -2.14 14.73 27.10
CA ARG B 38 -1.50 14.73 25.81
C ARG B 38 -2.11 13.65 24.92
N GLN B 39 -2.00 13.85 23.61
CA GLN B 39 -2.52 12.92 22.64
C GLN B 39 -1.67 12.77 21.40
N PRO B 40 -1.09 11.61 21.22
CA PRO B 40 -0.24 11.33 20.06
C PRO B 40 -1.20 11.24 18.86
N ALA B 41 -0.86 11.88 17.74
CA ALA B 41 -1.71 11.83 16.56
C ALA B 41 -2.16 10.39 16.28
N GLY B 42 -3.45 10.25 15.98
CA GLY B 42 -4.02 8.94 15.72
C GLY B 42 -4.23 8.06 16.95
N LYS B 43 -4.34 8.65 18.14
CA LYS B 43 -4.56 7.83 19.32
C LYS B 43 -5.29 8.58 20.43
N ALA B 44 -5.79 7.83 21.42
CA ALA B 44 -6.54 8.45 22.51
C ALA B 44 -5.67 9.34 23.42
N PRO B 45 -6.30 10.27 24.17
CA PRO B 45 -5.59 11.16 25.07
C PRO B 45 -4.94 10.31 26.11
N GLU B 46 -3.96 10.88 26.80
CA GLU B 46 -3.25 10.21 27.91
C GLU B 46 -3.08 11.26 28.98
N TRP B 47 -3.64 10.98 30.14
CA TRP B 47 -3.60 11.90 31.28
C TRP B 47 -2.20 11.92 31.87
N LEU B 48 -1.66 13.13 32.04
CA LEU B 48 -0.31 13.34 32.57
C LEU B 48 -0.24 13.61 34.09
N GLY B 49 -0.99 14.59 34.57
CA GLY B 49 -0.99 14.88 35.99
C GLY B 49 -1.77 16.14 36.19
N PHE B 50 -1.88 16.57 37.44
CA PHE B 50 -2.62 17.80 37.76
C PHE B 50 -2.01 18.43 38.98
N ILE B 51 -2.34 19.70 39.21
CA ILE B 51 -1.87 20.44 40.37
C ILE B 51 -3.14 20.86 41.09
N ARG B 52 -3.21 20.58 42.40
CA ARG B 52 -4.46 20.89 43.13
C ARG B 52 -4.88 22.35 43.34
N ASP B 53 -5.95 22.52 44.15
CA ASP B 53 -6.57 23.81 44.55
C ASP B 53 -5.53 24.68 45.21
N LYS B 54 -6.01 25.73 45.84
CA LYS B 54 -5.15 26.62 46.60
C LYS B 54 -5.46 26.09 47.98
N ALA B 55 -6.67 25.55 48.08
CA ALA B 55 -7.18 24.96 49.28
C ALA B 55 -6.51 23.63 49.62
N LYS B 56 -6.17 22.83 48.61
CA LYS B 56 -5.52 21.55 48.88
C LYS B 56 -4.01 21.75 48.96
N GLY B 57 -3.58 23.00 48.82
CA GLY B 57 -2.17 23.33 48.87
C GLY B 57 -1.37 23.32 47.57
N TYR B 58 -2.03 23.28 46.40
CA TYR B 58 -1.32 23.26 45.12
C TYR B 58 -0.39 22.04 44.98
N THR B 59 -0.82 20.90 45.49
CA THR B 59 0.04 19.72 45.40
C THR B 59 -0.12 19.07 44.01
N THR B 60 0.75 18.12 43.66
CA THR B 60 0.66 17.51 42.34
C THR B 60 0.69 15.99 42.29
N GLU B 61 -0.05 15.41 41.35
CA GLU B 61 0.01 13.95 41.14
C GLU B 61 0.34 13.74 39.65
N TYR B 62 1.04 12.65 39.34
CA TYR B 62 1.45 12.38 37.98
C TYR B 62 1.17 10.96 37.58
N ASN B 63 0.92 10.76 36.29
CA ASN B 63 0.69 9.46 35.75
C ASN B 63 2.08 8.78 35.87
N PRO B 64 2.13 7.60 36.47
CA PRO B 64 3.39 6.92 36.61
C PRO B 64 4.10 6.72 35.29
N SER B 65 3.34 6.68 34.21
CA SER B 65 3.91 6.47 32.89
C SER B 65 4.96 7.51 32.55
N VAL B 66 4.86 8.71 33.09
CA VAL B 66 5.83 9.75 32.80
C VAL B 66 6.63 10.18 34.01
N LYS B 67 5.97 10.17 35.18
CA LYS B 67 6.58 10.57 36.45
C LYS B 67 8.11 10.53 36.53
N GLY B 68 8.64 11.56 37.17
CA GLY B 68 10.07 11.69 37.29
C GLY B 68 10.54 12.70 36.26
N ARG B 69 10.00 12.61 35.04
CA ARG B 69 10.41 13.50 33.97
C ARG B 69 9.61 14.74 33.84
N PHE B 70 8.34 14.68 34.21
CA PHE B 70 7.47 15.86 34.06
C PHE B 70 7.11 16.43 35.42
N THR B 71 6.96 17.75 35.50
CA THR B 71 6.65 18.47 36.73
C THR B 71 5.60 19.48 36.32
N ILE B 72 4.72 19.85 37.23
CA ILE B 72 3.68 20.80 36.93
C ILE B 72 3.76 21.86 37.99
N SER B 73 3.56 23.12 37.59
CA SER B 73 3.58 24.25 38.54
C SER B 73 2.62 25.36 38.13
N ARG B 74 2.24 26.21 39.07
CA ARG B 74 1.35 27.31 38.74
C ARG B 74 2.07 28.59 39.05
N ASP B 75 1.44 29.70 38.70
CA ASP B 75 1.96 31.03 38.96
C ASP B 75 0.70 31.84 39.26
N ASN B 76 -0.04 31.38 40.27
CA ASN B 76 -1.31 31.96 40.68
C ASN B 76 -1.39 33.47 40.56
N THR B 77 -0.25 34.14 40.61
CA THR B 77 -0.22 35.60 40.54
C THR B 77 -0.65 36.13 39.16
N GLN B 78 -0.45 35.31 38.14
CA GLN B 78 -0.85 35.67 36.79
C GLN B 78 -1.53 34.55 35.98
N ASN B 79 -2.30 33.71 36.68
CA ASN B 79 -3.05 32.63 36.05
C ASN B 79 -2.29 31.84 34.97
N MET B 80 -1.14 31.30 35.32
CA MET B 80 -0.39 30.50 34.38
C MET B 80 -0.17 29.14 35.03
N LEU B 81 -0.04 28.12 34.21
CA LEU B 81 0.19 26.81 34.71
C LEU B 81 1.34 26.44 33.81
N TYR B 82 2.19 25.52 34.26
CA TYR B 82 3.33 25.12 33.43
C TYR B 82 3.50 23.64 33.48
N LEU B 83 4.05 23.09 32.40
CA LEU B 83 4.39 21.67 32.35
C LEU B 83 5.84 21.71 31.92
N GLN B 84 6.70 21.14 32.75
CA GLN B 84 8.13 21.10 32.54
C GLN B 84 8.45 19.67 32.20
N MET B 85 8.96 19.45 30.99
CA MET B 85 9.30 18.08 30.57
C MET B 85 10.81 17.92 30.47
N ASN B 86 11.35 16.81 30.94
CA ASN B 86 12.76 16.59 30.88
C ASN B 86 13.08 15.29 30.18
N THR B 87 14.28 15.22 29.62
CA THR B 87 14.70 14.02 28.94
C THR B 87 13.65 13.61 27.90
N LEU B 88 13.23 14.59 27.10
CA LEU B 88 12.24 14.34 26.06
C LEU B 88 12.77 13.24 25.22
N ARG B 89 11.90 12.28 24.95
CA ARG B 89 12.18 11.11 24.14
C ARG B 89 11.32 11.25 22.83
N ALA B 90 11.44 10.28 21.91
CA ALA B 90 10.68 10.34 20.64
C ALA B 90 9.19 10.15 20.78
N GLU B 91 8.76 9.25 21.67
CA GLU B 91 7.34 8.99 21.86
C GLU B 91 6.63 10.09 22.63
N ASP B 92 7.35 11.14 23.01
CA ASP B 92 6.71 12.21 23.73
C ASP B 92 6.12 13.18 22.71
N THR B 93 6.31 12.84 21.43
CA THR B 93 5.80 13.66 20.33
C THR B 93 4.28 13.61 20.37
N ALA B 94 3.64 14.76 20.57
CA ALA B 94 2.18 14.78 20.70
C ALA B 94 1.58 16.14 20.84
N THR B 95 0.27 16.18 20.92
CA THR B 95 -0.37 17.47 21.15
C THR B 95 -0.62 17.43 22.64
N TYR B 96 -0.26 18.53 23.29
CA TYR B 96 -0.43 18.69 24.73
C TYR B 96 -1.51 19.74 25.05
N TYR B 97 -2.43 19.36 25.95
CA TYR B 97 -3.55 20.25 26.32
C TYR B 97 -3.62 20.46 27.78
N CYS B 98 -3.93 21.67 28.20
CA CYS B 98 -4.11 21.84 29.63
C CYS B 98 -5.61 21.79 29.68
N ALA B 99 -6.19 21.32 30.78
CA ALA B 99 -7.65 21.20 30.92
C ALA B 99 -8.10 21.46 32.32
N ARG B 100 -8.97 22.45 32.51
CA ARG B 100 -9.46 22.73 33.86
C ARG B 100 -10.17 21.47 34.37
N GLU B 101 -10.07 21.21 35.66
CA GLU B 101 -10.72 20.03 36.26
C GLU B 101 -12.20 20.28 36.38
N GLY B 102 -12.54 21.25 37.21
CA GLY B 102 -13.93 21.61 37.42
C GLY B 102 -14.61 21.15 38.68
N HIS B 103 -15.82 21.64 38.85
CA HIS B 103 -16.68 21.33 39.99
C HIS B 103 -17.89 20.66 39.29
N THR B 104 -18.41 19.57 39.87
CA THR B 104 -19.56 18.84 39.29
C THR B 104 -19.19 18.41 37.86
N ALA B 105 -19.38 19.28 36.89
CA ALA B 105 -18.99 19.01 35.51
C ALA B 105 -17.48 18.83 35.58
N ALA B 106 -17.02 17.58 35.68
CA ALA B 106 -15.60 17.31 35.78
C ALA B 106 -15.36 15.81 35.81
N PRO B 107 -14.15 15.37 35.51
CA PRO B 107 -12.98 16.18 35.11
C PRO B 107 -12.93 16.64 33.63
N PHE B 108 -12.14 17.68 33.37
CA PHE B 108 -11.89 18.25 32.05
C PHE B 108 -13.14 18.95 31.46
N ASP B 109 -13.72 19.89 32.18
CA ASP B 109 -14.87 20.57 31.61
C ASP B 109 -14.43 21.53 30.49
N TYR B 110 -13.18 21.97 30.52
CA TYR B 110 -12.67 22.87 29.48
C TYR B 110 -11.25 22.61 29.07
N TRP B 111 -11.06 22.46 27.76
CA TRP B 111 -9.74 22.17 27.24
C TRP B 111 -9.19 23.39 26.53
N GLY B 112 -7.90 23.32 26.21
CA GLY B 112 -7.26 24.38 25.47
C GLY B 112 -7.15 23.88 24.04
N GLN B 113 -6.63 24.70 23.14
CA GLN B 113 -6.57 24.23 21.77
C GLN B 113 -5.42 23.27 21.51
N GLY B 114 -4.45 23.22 22.42
CA GLY B 114 -3.33 22.32 22.24
C GLY B 114 -2.14 22.91 21.55
N VAL B 115 -1.01 22.22 21.64
CA VAL B 115 0.21 22.63 20.98
C VAL B 115 1.01 21.37 20.73
N MET B 116 1.54 21.28 19.52
CA MET B 116 2.29 20.11 19.19
C MET B 116 3.74 20.28 19.56
N VAL B 117 4.28 19.19 20.09
CA VAL B 117 5.62 19.11 20.55
C VAL B 117 6.14 18.03 19.71
N THR B 118 7.19 18.36 18.96
CA THR B 118 7.83 17.41 18.08
C THR B 118 9.23 17.17 18.59
N VAL B 119 9.57 15.92 18.84
CA VAL B 119 10.87 15.59 19.36
C VAL B 119 11.64 14.79 18.31
N SER B 120 12.68 15.43 17.79
CA SER B 120 13.50 14.84 16.76
C SER B 120 14.77 15.67 16.48
N SER B 121 15.79 15.03 15.97
CA SER B 121 17.00 15.75 15.65
C SER B 121 17.07 16.20 14.16
N ALA B 122 15.93 16.33 13.50
CA ALA B 122 15.94 16.79 12.12
C ALA B 122 15.90 18.27 12.24
N GLN B 123 15.99 18.96 11.15
CA GLN B 123 15.93 20.39 11.25
C GLN B 123 14.79 21.13 10.56
N THR B 124 14.45 22.28 11.11
CA THR B 124 13.44 23.16 10.58
C THR B 124 13.77 23.53 9.13
N THR B 125 13.04 22.94 8.19
CA THR B 125 13.23 23.28 6.79
C THR B 125 11.95 23.65 6.09
N ALA B 126 11.99 24.80 5.44
CA ALA B 126 10.83 25.30 4.73
C ALA B 126 10.40 24.47 3.51
N PRO B 127 9.13 24.61 3.09
CA PRO B 127 8.67 23.84 1.93
C PRO B 127 8.96 24.51 0.57
N SER B 128 8.92 23.69 -0.48
CA SER B 128 9.03 24.16 -1.85
C SER B 128 7.57 24.01 -2.33
N VAL B 129 7.05 25.01 -3.01
CA VAL B 129 5.68 24.94 -3.45
C VAL B 129 5.55 24.98 -4.97
N TYR B 130 4.91 23.96 -5.53
CA TYR B 130 4.74 23.92 -6.97
C TYR B 130 3.27 23.91 -7.30
N PRO B 131 2.90 24.69 -8.32
CA PRO B 131 1.53 24.79 -8.79
C PRO B 131 1.23 23.51 -9.55
N LEU B 132 -0.06 23.16 -9.67
CA LEU B 132 -0.47 21.95 -10.38
C LEU B 132 -1.56 22.32 -11.32
N ALA B 133 -1.19 22.52 -12.56
CA ALA B 133 -2.15 22.86 -13.56
C ALA B 133 -2.25 21.70 -14.50
N PRO B 134 -3.44 21.50 -15.06
CA PRO B 134 -3.78 20.45 -16.02
C PRO B 134 -2.77 20.49 -17.13
N GLY B 135 -2.28 19.33 -17.50
CA GLY B 135 -1.26 19.32 -18.51
C GLY B 135 -1.46 19.04 -19.98
N CYS B 136 -0.44 18.31 -20.45
CA CYS B 136 -0.16 17.83 -21.80
C CYS B 136 -1.31 17.23 -22.58
N GLY B 137 -2.01 18.13 -23.30
CA GLY B 137 -3.16 17.80 -24.14
C GLY B 137 -4.37 17.20 -23.43
N ASP B 138 -4.48 17.46 -22.13
CA ASP B 138 -5.57 16.94 -21.32
C ASP B 138 -6.88 17.73 -21.43
N THR B 139 -7.91 17.09 -21.95
CA THR B 139 -9.24 17.68 -22.13
C THR B 139 -9.81 18.69 -21.09
N THR B 140 -10.26 18.20 -19.92
CA THR B 140 -10.87 18.99 -18.81
C THR B 140 -12.28 19.57 -19.01
N SER B 141 -13.10 19.53 -17.95
CA SER B 141 -14.48 20.06 -18.04
C SER B 141 -14.46 21.53 -17.88
N SER B 142 -15.66 22.11 -17.70
CA SER B 142 -15.76 23.53 -17.47
C SER B 142 -15.28 23.81 -16.01
N THR B 143 -15.45 22.87 -15.09
CA THR B 143 -14.88 23.12 -13.77
C THR B 143 -13.59 22.30 -13.74
N VAL B 144 -12.50 22.98 -13.45
CA VAL B 144 -11.21 22.38 -13.48
C VAL B 144 -10.68 22.25 -12.09
N THR B 145 -10.15 21.09 -11.80
CA THR B 145 -9.52 21.01 -10.50
C THR B 145 -7.99 21.37 -10.68
N LEU B 146 -7.48 22.15 -9.74
CA LEU B 146 -6.07 22.60 -9.73
C LEU B 146 -5.43 22.22 -8.42
N GLY B 147 -4.15 22.37 -8.27
CA GLY B 147 -3.61 22.00 -6.98
C GLY B 147 -2.28 22.64 -6.67
N CYS B 148 -1.70 22.30 -5.51
CA CYS B 148 -0.39 22.81 -5.07
C CYS B 148 0.29 21.73 -4.36
N LEU B 149 1.55 21.51 -4.74
CA LEU B 149 2.41 20.51 -4.11
C LEU B 149 3.24 21.28 -3.09
N VAL B 150 3.19 20.86 -1.82
CA VAL B 150 3.98 21.52 -0.80
C VAL B 150 4.96 20.45 -0.41
N LYS B 151 6.23 20.63 -0.83
CA LYS B 151 7.25 19.57 -0.66
C LYS B 151 8.47 19.80 0.15
N GLY B 152 8.90 18.72 0.80
CA GLY B 152 10.07 18.71 1.67
C GLY B 152 10.04 19.81 2.74
N TYR B 153 9.22 19.63 3.77
CA TYR B 153 9.17 20.64 4.80
C TYR B 153 9.19 19.94 6.15
N PHE B 154 9.57 20.68 7.17
CA PHE B 154 9.62 20.11 8.51
C PHE B 154 9.83 21.21 9.53
N PRO B 155 9.13 21.11 10.67
CA PRO B 155 8.18 20.03 11.00
C PRO B 155 6.75 20.50 10.69
N GLU B 156 5.75 19.71 11.04
CA GLU B 156 4.37 20.16 10.78
C GLU B 156 4.06 21.39 11.61
N PRO B 157 3.04 22.14 11.22
CA PRO B 157 2.18 21.88 10.06
C PRO B 157 2.41 22.98 9.01
N VAL B 158 1.62 22.95 7.95
CA VAL B 158 1.71 23.99 6.95
C VAL B 158 0.26 24.43 6.82
N THR B 159 0.06 25.59 6.22
CA THR B 159 -1.27 26.12 6.03
C THR B 159 -1.55 26.47 4.59
N VAL B 160 -2.60 25.88 4.05
CA VAL B 160 -2.88 26.17 2.66
C VAL B 160 -4.24 26.83 2.53
N THR B 161 -4.31 27.90 1.75
CA THR B 161 -5.58 28.56 1.51
C THR B 161 -5.60 28.98 0.03
N TRP B 162 -6.79 29.25 -0.52
CA TRP B 162 -6.87 29.64 -1.94
C TRP B 162 -7.43 31.02 -2.19
N ASN B 163 -6.79 31.76 -3.07
CA ASN B 163 -7.25 33.09 -3.35
C ASN B 163 -7.52 33.79 -2.02
N SER B 164 -6.58 33.57 -1.08
CA SER B 164 -6.65 34.16 0.27
C SER B 164 -8.02 33.95 0.89
N GLY B 165 -8.48 32.70 0.85
CA GLY B 165 -9.78 32.38 1.39
C GLY B 165 -10.96 32.72 0.46
N ALA B 166 -10.78 33.68 -0.45
CA ALA B 166 -11.86 34.07 -1.39
C ALA B 166 -12.51 32.93 -2.14
N LEU B 167 -11.74 31.90 -2.43
CA LEU B 167 -12.22 30.75 -3.16
C LEU B 167 -12.00 29.58 -2.24
N SER B 168 -12.95 29.35 -1.34
CA SER B 168 -12.85 28.26 -0.40
C SER B 168 -13.86 27.22 -0.81
N SER B 169 -14.34 27.35 -2.05
CA SER B 169 -15.33 26.45 -2.62
C SER B 169 -14.95 24.99 -2.36
N ASP B 170 -14.75 24.25 -3.43
CA ASP B 170 -14.38 22.85 -3.28
C ASP B 170 -12.87 22.79 -3.02
N VAL B 171 -12.50 22.75 -1.75
CA VAL B 171 -11.10 22.68 -1.39
C VAL B 171 -10.82 21.43 -0.58
N HIS B 172 -9.74 20.71 -0.95
CA HIS B 172 -9.32 19.51 -0.23
C HIS B 172 -7.85 19.55 0.08
N THR B 173 -7.50 19.64 1.35
CA THR B 173 -6.11 19.68 1.76
C THR B 173 -5.85 18.34 2.37
N PHE B 174 -4.98 17.56 1.73
CA PHE B 174 -4.70 16.21 2.15
C PHE B 174 -3.66 16.14 3.24
N PRO B 175 -3.80 15.16 4.17
CA PRO B 175 -2.86 14.97 5.28
C PRO B 175 -1.43 14.74 4.80
N ALA B 176 -0.47 15.23 5.57
CA ALA B 176 0.93 15.08 5.19
C ALA B 176 1.41 13.66 5.23
N VAL B 177 2.56 13.43 4.63
CA VAL B 177 3.16 12.13 4.57
C VAL B 177 4.66 12.26 4.74
N LEU B 178 5.24 11.34 5.51
CA LEU B 178 6.68 11.28 5.78
C LEU B 178 7.48 10.50 4.76
N GLN B 179 8.11 11.21 3.85
CA GLN B 179 8.93 10.56 2.85
C GLN B 179 10.36 10.90 3.23
N SER B 180 11.08 9.91 3.77
CA SER B 180 12.48 10.10 4.16
C SER B 180 12.71 11.35 5.03
N GLY B 181 12.11 11.37 6.21
CA GLY B 181 12.30 12.50 7.10
C GLY B 181 11.77 13.89 6.76
N LEU B 182 11.07 14.04 5.65
CA LEU B 182 10.49 15.34 5.33
C LEU B 182 9.02 15.18 4.97
N TYR B 183 8.21 16.16 5.33
CA TYR B 183 6.78 16.14 5.04
C TYR B 183 6.47 16.68 3.65
N THR B 184 5.53 16.01 2.99
CA THR B 184 5.04 16.42 1.67
C THR B 184 3.51 16.46 1.74
N LEU B 185 2.90 17.50 1.21
CA LEU B 185 1.47 17.50 1.20
C LEU B 185 0.88 18.15 -0.03
N THR B 186 -0.38 17.81 -0.25
CA THR B 186 -1.11 18.20 -1.43
C THR B 186 -2.44 18.88 -1.13
N SER B 187 -2.81 19.83 -1.97
CA SER B 187 -4.07 20.53 -1.77
C SER B 187 -4.77 20.78 -3.08
N SER B 188 -6.08 20.50 -3.18
CA SER B 188 -6.80 20.76 -4.42
C SER B 188 -7.92 21.76 -4.27
N VAL B 189 -8.30 22.38 -5.37
CA VAL B 189 -9.36 23.35 -5.36
C VAL B 189 -10.04 23.20 -6.71
N THR B 190 -11.24 23.77 -6.84
CA THR B 190 -12.01 23.69 -8.06
C THR B 190 -12.42 25.08 -8.56
N SER B 191 -12.39 25.26 -9.86
CA SER B 191 -12.77 26.54 -10.45
C SER B 191 -13.41 26.45 -11.82
N SER B 192 -14.58 27.08 -11.93
CA SER B 192 -15.29 27.19 -13.20
C SER B 192 -14.65 28.50 -13.58
N THR B 193 -14.67 28.90 -14.84
CA THR B 193 -13.99 30.17 -15.18
C THR B 193 -12.50 29.95 -14.82
N TRP B 194 -11.98 28.77 -15.14
CA TRP B 194 -10.61 28.45 -14.80
C TRP B 194 -9.63 29.50 -15.07
N PRO B 195 -9.10 29.57 -16.30
CA PRO B 195 -8.07 30.49 -16.78
C PRO B 195 -8.27 31.96 -16.63
N SER B 196 -9.41 32.49 -17.05
CA SER B 196 -9.55 33.93 -16.93
C SER B 196 -9.80 34.46 -15.54
N GLN B 197 -9.63 33.65 -14.51
CA GLN B 197 -9.87 34.23 -13.21
C GLN B 197 -8.67 34.40 -12.28
N THR B 198 -7.77 33.44 -12.24
CA THR B 198 -6.62 33.58 -11.35
C THR B 198 -6.92 32.87 -10.07
N VAL B 199 -6.10 31.87 -9.81
CA VAL B 199 -6.21 31.03 -8.70
C VAL B 199 -4.81 31.02 -8.15
N THR B 200 -4.68 31.22 -6.86
CA THR B 200 -3.39 31.25 -6.21
C THR B 200 -3.48 30.51 -4.90
N CYS B 201 -2.50 29.69 -4.60
CA CYS B 201 -2.57 29.02 -3.32
C CYS B 201 -1.60 29.78 -2.42
N ASN B 202 -1.96 29.85 -1.14
CA ASN B 202 -1.20 30.57 -0.14
C ASN B 202 -0.77 29.52 0.85
N VAL B 203 0.54 29.30 0.92
CA VAL B 203 1.10 28.29 1.80
C VAL B 203 1.85 29.02 2.87
N ALA B 204 1.84 28.47 4.08
CA ALA B 204 2.58 29.10 5.16
C ALA B 204 3.06 28.01 6.08
N HIS B 205 4.32 28.17 6.47
CA HIS B 205 5.01 27.27 7.38
C HIS B 205 5.51 28.19 8.46
N PRO B 206 4.94 28.06 9.66
CA PRO B 206 5.37 28.92 10.75
C PRO B 206 6.75 28.53 11.27
N ALA B 207 7.00 27.24 11.45
CA ALA B 207 8.30 26.83 11.96
C ALA B 207 9.45 27.43 11.12
N SER B 208 9.15 28.23 10.10
CA SER B 208 10.20 28.86 9.30
C SER B 208 9.79 30.23 8.86
N SER B 209 8.69 30.71 9.40
CA SER B 209 8.14 32.01 9.03
C SER B 209 8.12 32.20 7.51
N THR B 210 7.66 31.14 6.82
CA THR B 210 7.53 31.10 5.37
C THR B 210 6.10 31.39 4.96
N LYS B 211 5.93 32.25 3.99
CA LYS B 211 4.62 32.61 3.44
C LYS B 211 4.76 32.77 1.93
N VAL B 212 4.28 31.78 1.21
CA VAL B 212 4.38 31.78 -0.23
C VAL B 212 3.06 31.87 -0.97
N ASP B 213 3.04 32.62 -2.05
CA ASP B 213 1.85 32.76 -2.87
C ASP B 213 2.10 32.29 -4.30
N LYS B 214 1.93 31.00 -4.55
CA LYS B 214 2.09 30.50 -5.90
C LYS B 214 0.84 30.59 -6.77
N LYS B 215 0.98 31.24 -7.89
CA LYS B 215 -0.15 31.38 -8.79
C LYS B 215 -0.14 30.16 -9.74
N VAL B 216 -1.31 29.75 -10.19
CA VAL B 216 -1.38 28.61 -11.07
C VAL B 216 -1.84 29.05 -12.47
N ASP C 1 -17.09 34.23 63.56
CA ASP C 1 -17.85 35.03 62.55
C ASP C 1 -19.10 34.36 62.01
N ILE C 2 -20.07 35.18 61.62
CA ILE C 2 -21.31 34.67 61.07
C ILE C 2 -21.17 34.57 59.52
N LYS C 3 -21.17 33.35 58.98
CA LYS C 3 -21.02 33.20 57.55
C LYS C 3 -22.36 33.18 56.81
N MET C 4 -22.57 34.14 55.89
CA MET C 4 -23.82 34.25 55.11
C MET C 4 -23.72 33.58 53.75
N THR C 5 -24.78 32.87 53.39
CA THR C 5 -24.83 32.16 52.13
C THR C 5 -26.06 32.58 51.34
N GLN C 6 -25.90 32.76 50.04
CA GLN C 6 -27.03 33.18 49.24
C GLN C 6 -27.29 32.19 48.13
N SER C 7 -28.55 32.04 47.76
CA SER C 7 -28.89 31.15 46.66
C SER C 7 -30.15 31.59 45.92
N PRO C 8 -30.19 31.30 44.60
CA PRO C 8 -29.10 30.65 43.87
C PRO C 8 -28.13 31.80 43.54
N SER C 9 -27.01 31.50 42.88
CA SER C 9 -26.08 32.60 42.54
C SER C 9 -26.58 33.35 41.33
N PHE C 10 -27.08 32.62 40.33
CA PHE C 10 -27.61 33.23 39.13
C PHE C 10 -29.12 33.00 38.97
N LEU C 11 -29.79 33.96 38.37
CA LEU C 11 -31.22 33.80 38.24
C LEU C 11 -31.78 34.54 37.05
N SER C 12 -32.32 33.77 36.11
CA SER C 12 -32.93 34.32 34.91
C SER C 12 -34.47 34.29 35.00
N ALA C 13 -35.10 35.45 34.91
CA ALA C 13 -36.56 35.54 34.98
C ALA C 13 -37.09 36.47 33.92
N SER C 14 -38.33 36.27 33.49
CA SER C 14 -38.99 37.14 32.50
C SER C 14 -39.56 38.40 33.18
N VAL C 15 -39.59 39.51 32.46
CA VAL C 15 -40.10 40.73 33.03
C VAL C 15 -41.51 40.53 33.47
N GLY C 16 -41.79 40.90 34.72
CA GLY C 16 -43.13 40.76 35.25
C GLY C 16 -43.28 39.56 36.18
N ASP C 17 -42.36 38.61 36.14
CA ASP C 17 -42.44 37.43 37.01
C ASP C 17 -42.12 37.67 38.47
N ARG C 18 -42.36 36.62 39.25
CA ARG C 18 -42.15 36.57 40.69
C ARG C 18 -40.76 35.97 40.90
N VAL C 19 -39.92 36.65 41.65
CA VAL C 19 -38.60 36.15 41.86
C VAL C 19 -38.33 36.07 43.35
N THR C 20 -37.64 35.01 43.74
CA THR C 20 -37.28 34.80 45.16
C THR C 20 -35.79 34.58 45.47
N LEU C 21 -35.22 35.41 46.35
CA LEU C 21 -33.79 35.30 46.69
C LEU C 21 -33.55 34.79 48.09
N ASN C 22 -32.75 33.72 48.19
CA ASN C 22 -32.48 33.10 49.47
C ASN C 22 -31.13 33.42 50.09
N CYS C 23 -31.17 33.61 51.40
CA CYS C 23 -30.00 33.94 52.19
C CYS C 23 -30.02 33.17 53.49
N LYS C 24 -28.98 32.36 53.73
CA LYS C 24 -28.88 31.58 54.95
C LYS C 24 -27.66 32.01 55.82
N ALA C 25 -27.86 32.14 57.13
CA ALA C 25 -26.79 32.50 58.08
C ALA C 25 -26.36 31.21 58.78
N SER C 26 -25.24 31.25 59.49
CA SER C 26 -24.78 30.05 60.18
C SER C 26 -25.10 30.21 61.66
N GLN C 27 -25.87 31.27 61.94
CA GLN C 27 -26.30 31.56 63.28
C GLN C 27 -27.64 32.26 63.28
N ASN C 28 -28.45 31.95 64.27
CA ASN C 28 -29.72 32.60 64.41
C ASN C 28 -29.28 34.07 64.47
N ILE C 29 -29.67 34.84 63.47
CA ILE C 29 -29.28 36.25 63.35
C ILE C 29 -30.34 37.12 63.93
N ASP C 30 -31.51 36.53 64.12
CA ASP C 30 -32.69 37.23 64.63
C ASP C 30 -33.29 38.02 63.45
N LYS C 31 -33.70 39.26 63.71
CA LYS C 31 -34.26 40.16 62.68
C LYS C 31 -33.21 41.12 62.02
N TYR C 32 -31.97 41.12 62.52
CA TYR C 32 -30.86 41.97 62.04
C TYR C 32 -30.22 41.53 60.75
N LEU C 33 -30.96 41.66 59.65
CA LEU C 33 -30.42 41.27 58.36
C LEU C 33 -30.94 42.14 57.22
N ASN C 34 -30.01 42.62 56.38
CA ASN C 34 -30.30 43.53 55.27
C ASN C 34 -29.99 43.10 53.84
N TRP C 35 -30.58 43.87 52.93
CA TRP C 35 -30.41 43.59 51.52
C TRP C 35 -29.93 44.80 50.76
N TYR C 36 -28.92 44.59 49.92
CA TYR C 36 -28.44 45.69 49.11
C TYR C 36 -28.50 45.31 47.65
N GLN C 37 -28.75 46.31 46.82
CA GLN C 37 -28.81 46.15 45.38
C GLN C 37 -27.62 46.95 44.82
N GLN C 38 -26.82 46.29 44.01
CA GLN C 38 -25.70 46.96 43.40
C GLN C 38 -25.80 46.77 41.91
N LYS C 39 -26.06 47.89 41.20
CA LYS C 39 -26.15 47.86 39.75
C LYS C 39 -24.75 47.96 39.23
N LEU C 40 -24.57 47.69 37.95
CA LEU C 40 -23.27 47.74 37.30
C LEU C 40 -22.57 49.06 37.48
N GLY C 41 -21.33 49.01 37.97
CA GLY C 41 -20.55 50.21 38.17
C GLY C 41 -21.10 51.17 39.21
N GLU C 42 -21.79 50.65 40.21
CA GLU C 42 -22.31 51.52 41.27
C GLU C 42 -22.12 50.96 42.65
N SER C 43 -22.14 51.84 43.63
CA SER C 43 -21.96 51.42 44.99
C SER C 43 -23.21 50.74 45.52
N PRO C 44 -23.07 49.66 46.28
CA PRO C 44 -24.26 49.01 46.80
C PRO C 44 -25.23 50.03 47.39
N LYS C 45 -26.54 49.80 47.23
CA LYS C 45 -27.57 50.67 47.80
C LYS C 45 -28.50 49.81 48.70
N LEU C 46 -28.92 50.41 49.80
CA LEU C 46 -29.78 49.73 50.76
C LEU C 46 -31.20 49.51 50.26
N LEU C 47 -31.62 48.25 50.23
CA LEU C 47 -32.98 47.91 49.82
C LEU C 47 -33.89 47.70 51.05
N ILE C 48 -33.48 46.77 51.90
CA ILE C 48 -34.24 46.46 53.10
C ILE C 48 -33.35 46.19 54.32
N TYR C 49 -33.81 46.65 55.49
CA TYR C 49 -33.09 46.44 56.75
C TYR C 49 -33.87 45.72 57.85
N ASN C 50 -33.21 44.72 58.45
CA ASN C 50 -33.80 43.91 59.50
C ASN C 50 -34.95 43.09 58.92
N THR C 51 -34.53 42.14 58.10
CA THR C 51 -35.35 41.21 57.34
C THR C 51 -36.55 41.75 56.55
N ASN C 52 -37.20 42.82 57.00
CA ASN C 52 -38.34 43.29 56.23
C ASN C 52 -38.75 44.76 56.23
N ASN C 53 -37.80 45.66 56.35
CA ASN C 53 -38.18 47.07 56.31
C ASN C 53 -37.73 47.69 55.02
N LEU C 54 -38.67 48.16 54.23
CA LEU C 54 -38.23 48.76 53.01
C LEU C 54 -37.64 50.02 53.49
N GLN C 55 -36.79 50.54 52.65
CA GLN C 55 -36.10 51.79 52.86
C GLN C 55 -36.91 52.84 52.07
N THR C 56 -36.67 54.12 52.35
CA THR C 56 -37.35 55.21 51.68
C THR C 56 -37.11 55.24 50.17
N GLY C 57 -38.16 55.38 49.37
CA GLY C 57 -38.00 55.46 47.93
C GLY C 57 -37.82 54.18 47.14
N ILE C 58 -37.92 53.03 47.79
CA ILE C 58 -37.80 51.81 47.02
C ILE C 58 -39.22 51.27 46.72
N PRO C 59 -39.45 50.82 45.47
CA PRO C 59 -40.74 50.28 45.01
C PRO C 59 -41.35 49.16 45.88
N SER C 60 -42.68 49.15 45.97
CA SER C 60 -43.41 48.16 46.75
C SER C 60 -43.33 46.73 46.24
N ARG C 61 -42.75 46.54 45.06
CA ARG C 61 -42.64 45.20 44.50
C ARG C 61 -41.62 44.33 45.26
N PHE C 62 -40.89 44.97 46.17
CA PHE C 62 -39.86 44.31 47.01
C PHE C 62 -40.35 43.98 48.41
N SER C 63 -39.91 42.84 48.88
CA SER C 63 -40.29 42.49 50.21
C SER C 63 -39.30 41.45 50.71
N GLY C 64 -39.18 41.40 52.03
CA GLY C 64 -38.32 40.44 52.66
C GLY C 64 -39.02 39.78 53.83
N SER C 65 -38.45 38.66 54.20
CA SER C 65 -39.01 37.85 55.26
C SER C 65 -38.01 36.80 55.72
N GLY C 66 -38.55 35.82 56.44
CA GLY C 66 -37.75 34.73 56.98
C GLY C 66 -37.32 35.21 58.34
N SER C 67 -36.67 34.35 59.10
CA SER C 67 -36.21 34.79 60.40
C SER C 67 -35.30 33.73 61.01
N GLY C 68 -34.30 34.22 61.73
CA GLY C 68 -33.34 33.33 62.39
C GLY C 68 -32.15 32.93 61.56
N THR C 69 -32.33 31.95 60.68
CA THR C 69 -31.24 31.49 59.84
C THR C 69 -31.59 31.53 58.37
N ASP C 70 -32.89 31.60 58.06
CA ASP C 70 -33.31 31.68 56.65
C ASP C 70 -34.11 32.93 56.33
N PHE C 71 -33.65 33.64 55.29
CA PHE C 71 -34.27 34.86 54.82
C PHE C 71 -34.53 34.86 53.33
N THR C 72 -35.48 35.69 52.93
CA THR C 72 -35.84 35.69 51.54
C THR C 72 -36.13 37.08 51.04
N LEU C 73 -35.70 37.36 49.80
CA LEU C 73 -36.04 38.63 49.17
C LEU C 73 -36.93 38.17 48.03
N THR C 74 -38.04 38.86 47.89
CA THR C 74 -39.00 38.52 46.86
C THR C 74 -39.45 39.73 46.09
N ILE C 75 -39.36 39.59 44.77
CA ILE C 75 -39.79 40.66 43.89
C ILE C 75 -41.03 40.10 43.21
N SER C 76 -42.16 40.80 43.42
CA SER C 76 -43.47 40.39 42.91
C SER C 76 -43.37 40.33 41.42
N SER C 77 -43.21 41.50 40.81
CA SER C 77 -43.06 41.57 39.36
C SER C 77 -41.71 42.22 38.94
N LEU C 78 -40.87 41.42 38.31
CA LEU C 78 -39.54 41.86 37.86
C LEU C 78 -39.53 42.99 36.83
N GLN C 79 -38.92 44.12 37.18
CA GLN C 79 -38.83 45.20 36.24
C GLN C 79 -37.45 45.13 35.57
N PRO C 80 -37.30 45.72 34.37
CA PRO C 80 -35.99 45.63 33.77
C PRO C 80 -34.93 46.50 34.56
N GLU C 81 -35.37 47.45 35.38
CA GLU C 81 -34.42 48.22 36.19
C GLU C 81 -34.17 47.51 37.51
N ASP C 82 -34.26 46.20 37.50
CA ASP C 82 -34.06 45.42 38.70
C ASP C 82 -32.97 44.43 38.44
N VAL C 83 -32.45 44.48 37.22
CA VAL C 83 -31.37 43.58 36.82
C VAL C 83 -30.19 44.12 37.63
N ALA C 84 -29.61 43.26 38.45
CA ALA C 84 -28.47 43.65 39.30
C ALA C 84 -27.99 42.50 40.13
N THR C 85 -27.09 42.79 41.06
CA THR C 85 -26.59 41.75 41.95
C THR C 85 -27.15 42.13 43.28
N TYR C 86 -27.46 41.10 44.07
CA TYR C 86 -28.09 41.35 45.35
C TYR C 86 -27.29 40.79 46.51
N PHE C 87 -27.16 41.62 47.54
CA PHE C 87 -26.40 41.27 48.70
C PHE C 87 -27.13 41.25 50.00
N CYS C 88 -26.80 40.20 50.71
CA CYS C 88 -27.35 39.94 52.03
C CYS C 88 -26.33 40.38 53.11
N LEU C 89 -26.82 41.04 54.14
CA LEU C 89 -25.94 41.53 55.21
C LEU C 89 -26.32 41.25 56.67
N GLN C 90 -25.52 40.42 57.36
CA GLN C 90 -25.73 40.07 58.77
C GLN C 90 -25.14 41.13 59.71
N HIS C 91 -25.92 41.75 60.59
CA HIS C 91 -25.26 42.72 61.45
C HIS C 91 -25.64 42.71 62.91
N ILE C 92 -25.72 41.52 63.48
CA ILE C 92 -26.04 41.38 64.88
C ILE C 92 -24.71 41.49 65.64
N SER C 93 -23.67 40.91 65.04
CA SER C 93 -22.33 40.87 65.57
C SER C 93 -21.25 41.45 64.66
N ARG C 94 -20.16 41.95 65.27
CA ARG C 94 -18.99 42.39 64.51
C ARG C 94 -18.13 41.14 64.38
N PRO C 95 -17.48 40.94 63.25
CA PRO C 95 -17.50 41.81 62.08
C PRO C 95 -18.82 41.60 61.33
N ARG C 96 -19.35 42.67 60.75
CA ARG C 96 -20.55 42.55 59.96
C ARG C 96 -20.17 41.75 58.75
N THR C 97 -20.99 40.77 58.36
CA THR C 97 -20.66 39.99 57.18
C THR C 97 -21.76 40.01 56.09
N PHE C 98 -21.32 40.02 54.82
CA PHE C 98 -22.18 40.04 53.61
C PHE C 98 -22.29 38.64 53.01
N GLY C 99 -23.36 38.39 52.24
CA GLY C 99 -23.55 37.10 51.59
C GLY C 99 -22.82 37.09 50.27
N THR C 100 -22.67 35.91 49.68
CA THR C 100 -21.97 35.75 48.40
C THR C 100 -22.56 36.52 47.20
N GLY C 101 -23.83 36.89 47.32
CA GLY C 101 -24.51 37.62 46.24
C GLY C 101 -25.24 36.82 45.16
N THR C 102 -26.30 37.41 44.60
CA THR C 102 -27.07 36.78 43.54
C THR C 102 -27.22 37.79 42.39
N LYS C 103 -26.99 37.30 41.18
CA LYS C 103 -27.10 38.13 39.99
C LYS C 103 -28.41 37.77 39.29
N LEU C 104 -29.19 38.80 39.08
CA LEU C 104 -30.47 38.67 38.44
C LEU C 104 -30.49 39.09 36.93
N GLU C 105 -30.53 38.13 36.03
CA GLU C 105 -30.61 38.48 34.62
C GLU C 105 -32.07 38.52 34.20
N LEU C 106 -32.42 39.54 33.43
CA LEU C 106 -33.80 39.64 32.93
C LEU C 106 -33.91 38.68 31.70
N LYS C 107 -35.12 38.39 31.24
CA LYS C 107 -35.31 37.48 30.11
C LYS C 107 -36.06 38.21 29.03
N ARG C 108 -35.72 37.89 27.79
CA ARG C 108 -36.36 38.55 26.67
C ARG C 108 -36.31 37.72 25.43
N ALA C 109 -36.87 38.30 24.38
CA ALA C 109 -36.96 37.61 23.10
C ALA C 109 -35.63 37.56 22.44
N ASN C 110 -35.47 36.56 21.60
CA ASN C 110 -34.24 36.47 20.90
C ASN C 110 -34.00 37.73 20.09
N ALA C 111 -32.71 37.92 19.85
CA ALA C 111 -32.18 39.05 19.14
C ALA C 111 -30.81 38.69 18.59
N ALA C 112 -30.71 38.76 17.27
CA ALA C 112 -29.49 38.45 16.58
C ALA C 112 -28.69 39.70 16.67
N PRO C 113 -27.40 39.55 16.74
CA PRO C 113 -26.49 40.67 16.82
C PRO C 113 -26.20 41.41 15.58
N THR C 114 -25.82 42.66 15.76
CA THR C 114 -25.37 43.49 14.69
C THR C 114 -23.80 43.38 14.80
N VAL C 115 -23.16 42.82 13.79
CA VAL C 115 -21.72 42.65 13.77
C VAL C 115 -21.07 43.69 12.87
N SER C 116 -19.89 44.10 13.33
CA SER C 116 -19.20 45.20 12.69
C SER C 116 -17.68 44.96 12.83
N ILE C 117 -16.93 45.16 11.75
CA ILE C 117 -15.49 44.91 11.81
C ILE C 117 -14.67 46.16 11.50
N PHE C 118 -13.59 46.38 12.23
CA PHE C 118 -12.78 47.56 12.00
C PHE C 118 -11.32 47.21 11.79
N PRO C 119 -10.76 47.64 10.64
CA PRO C 119 -9.35 47.38 10.30
C PRO C 119 -8.57 48.29 11.17
N PRO C 120 -7.26 48.08 11.28
CA PRO C 120 -6.45 48.96 12.14
C PRO C 120 -6.42 50.45 11.70
N SER C 121 -6.22 51.33 12.66
CA SER C 121 -6.14 52.77 12.46
C SER C 121 -4.78 53.08 11.78
N THR C 122 -4.72 54.05 10.86
CA THR C 122 -3.45 54.39 10.22
C THR C 122 -2.46 54.81 11.33
N GLU C 123 -2.98 55.39 12.41
CA GLU C 123 -2.15 55.79 13.53
C GLU C 123 -1.52 54.59 14.26
N GLN C 124 -2.33 53.60 14.64
CA GLN C 124 -1.77 52.44 15.36
C GLN C 124 -0.69 51.79 14.51
N LEU C 125 -0.89 51.81 13.19
CA LEU C 125 0.08 51.21 12.26
C LEU C 125 1.38 51.96 12.24
N ALA C 126 1.27 53.28 12.08
CA ALA C 126 2.41 54.17 12.07
C ALA C 126 3.27 53.95 13.31
N THR C 127 2.91 52.97 14.16
CA THR C 127 3.69 52.65 15.36
C THR C 127 3.97 51.14 15.39
N GLY C 128 3.82 50.52 14.22
CA GLY C 128 4.10 49.10 14.05
C GLY C 128 3.23 48.10 14.75
N GLY C 129 2.09 48.56 15.23
CA GLY C 129 1.17 47.65 15.87
C GLY C 129 -0.10 47.61 15.02
N ALA C 130 -0.93 46.62 15.27
CA ALA C 130 -2.15 46.52 14.51
C ALA C 130 -3.22 45.68 15.25
N SER C 131 -4.31 46.30 15.67
CA SER C 131 -5.37 45.56 16.34
C SER C 131 -6.55 45.65 15.42
N VAL C 132 -7.21 44.52 15.14
CA VAL C 132 -8.40 44.48 14.28
C VAL C 132 -9.48 44.38 15.31
N VAL C 133 -10.58 45.08 15.08
CA VAL C 133 -11.65 45.03 16.07
C VAL C 133 -12.98 44.55 15.53
N CYS C 134 -13.69 43.76 16.34
CA CYS C 134 -15.02 43.25 15.95
C CYS C 134 -16.05 43.53 17.09
N LEU C 135 -17.01 44.40 16.82
CA LEU C 135 -17.96 44.72 17.85
C LEU C 135 -19.16 43.86 17.42
N MET C 136 -19.61 43.09 18.37
CA MET C 136 -20.69 42.16 18.17
C MET C 136 -21.77 42.64 19.16
N ASN C 137 -22.72 43.45 18.67
CA ASN C 137 -23.70 44.06 19.56
C ASN C 137 -25.18 43.71 19.62
N LYS C 138 -25.74 44.06 20.79
CA LYS C 138 -27.15 43.91 21.08
C LYS C 138 -27.81 42.60 20.75
N PHE C 139 -27.31 41.55 21.39
CA PHE C 139 -27.79 40.20 21.15
C PHE C 139 -28.41 39.53 22.39
N TYR C 140 -29.11 38.42 22.13
CA TYR C 140 -29.70 37.66 23.22
C TYR C 140 -30.16 36.35 22.66
N PRO C 141 -29.91 35.24 23.37
CA PRO C 141 -29.23 35.10 24.68
C PRO C 141 -27.71 35.33 24.69
N ARG C 142 -27.16 35.32 25.89
CA ARG C 142 -25.75 35.57 26.13
C ARG C 142 -24.83 34.58 25.47
N ASP C 143 -25.29 33.39 25.18
CA ASP C 143 -24.35 32.48 24.56
C ASP C 143 -24.10 32.88 23.16
N ILE C 144 -22.83 32.85 22.81
CA ILE C 144 -22.40 33.22 21.47
C ILE C 144 -20.92 32.86 21.32
N SER C 145 -20.42 32.82 20.10
CA SER C 145 -19.01 32.52 19.92
C SER C 145 -18.54 33.35 18.74
N VAL C 146 -17.32 33.85 18.84
CA VAL C 146 -16.74 34.64 17.78
C VAL C 146 -15.44 34.00 17.38
N LYS C 147 -15.12 34.01 16.10
CA LYS C 147 -13.85 33.49 15.64
C LYS C 147 -13.21 34.38 14.61
N TRP C 148 -11.90 34.57 14.76
CA TRP C 148 -11.16 35.35 13.78
C TRP C 148 -10.57 34.41 12.76
N LYS C 149 -10.43 34.87 11.54
CA LYS C 149 -9.80 34.03 10.52
C LYS C 149 -9.07 34.92 9.54
N ILE C 150 -7.77 34.73 9.43
CA ILE C 150 -6.99 35.50 8.50
C ILE C 150 -6.85 34.64 7.28
N ASP C 151 -7.36 35.12 6.17
CA ASP C 151 -7.31 34.37 4.91
C ASP C 151 -7.99 33.01 5.13
N GLY C 152 -9.20 33.00 5.63
CA GLY C 152 -9.88 31.74 5.84
C GLY C 152 -9.36 30.86 6.98
N THR C 153 -8.19 31.16 7.58
CA THR C 153 -7.66 30.36 8.69
C THR C 153 -7.96 30.80 10.14
N GLU C 154 -8.69 29.97 10.89
CA GLU C 154 -9.04 30.29 12.28
C GLU C 154 -7.77 30.78 12.90
N ARG C 155 -7.87 31.70 13.85
CA ARG C 155 -6.67 32.27 14.46
C ARG C 155 -6.73 32.46 15.97
N ASN C 156 -5.57 32.63 16.61
CA ASN C 156 -5.52 32.88 18.04
C ASN C 156 -4.35 33.63 18.71
N GLY C 157 -4.67 34.89 19.04
CA GLY C 157 -3.84 35.87 19.73
C GLY C 157 -4.91 36.92 20.09
N VAL C 158 -6.13 36.38 20.25
CA VAL C 158 -7.37 37.09 20.52
C VAL C 158 -7.72 37.49 21.96
N LEU C 159 -8.61 38.46 22.07
CA LEU C 159 -9.06 38.99 23.35
C LEU C 159 -10.56 39.35 23.28
N ASN C 160 -11.35 38.72 24.14
CA ASN C 160 -12.77 38.94 24.19
C ASN C 160 -13.21 39.68 25.43
N SER C 161 -14.39 40.27 25.37
CA SER C 161 -14.96 41.03 26.47
C SER C 161 -16.48 41.16 26.21
N VAL C 162 -17.28 40.81 27.21
CA VAL C 162 -18.72 40.91 27.11
C VAL C 162 -19.26 41.87 28.16
N THR C 163 -20.21 42.72 27.79
CA THR C 163 -20.77 43.60 28.76
C THR C 163 -21.73 42.86 29.62
N ASP C 164 -22.43 43.62 30.45
CA ASP C 164 -23.42 43.06 31.31
C ASP C 164 -24.74 43.41 30.59
N GLN C 165 -25.81 42.75 30.98
CA GLN C 165 -27.08 42.96 30.34
C GLN C 165 -27.43 44.44 30.33
N ASP C 166 -27.78 44.97 29.16
CA ASP C 166 -28.10 46.39 29.05
C ASP C 166 -29.43 46.77 29.69
N SER C 167 -29.42 47.80 30.53
CA SER C 167 -30.65 48.23 31.23
C SER C 167 -31.75 48.78 30.31
N ALA C 168 -31.42 48.99 29.04
CA ALA C 168 -32.38 49.55 28.07
C ALA C 168 -33.07 48.57 27.12
N ASP C 169 -32.46 47.44 26.79
CA ASP C 169 -33.12 46.52 25.88
C ASP C 169 -32.77 45.13 26.30
N SER C 170 -32.16 45.05 27.46
CA SER C 170 -31.78 43.76 28.00
C SER C 170 -30.90 42.89 27.09
N THR C 171 -30.16 43.48 26.18
CA THR C 171 -29.31 42.67 25.32
C THR C 171 -27.89 42.61 25.87
N TYR C 172 -27.02 41.86 25.21
CA TYR C 172 -25.62 41.78 25.59
C TYR C 172 -24.82 42.23 24.37
N SER C 173 -23.64 42.76 24.63
CA SER C 173 -22.76 43.16 23.55
C SER C 173 -21.39 42.59 23.80
N MET C 174 -20.67 42.33 22.74
CA MET C 174 -19.34 41.80 22.91
C MET C 174 -18.33 42.47 22.00
N SER C 175 -17.11 42.53 22.48
CA SER C 175 -16.01 43.09 21.73
C SER C 175 -14.90 42.07 21.66
N SER C 176 -14.39 41.81 20.46
CA SER C 176 -13.27 40.89 20.33
C SER C 176 -12.16 41.61 19.57
N THR C 177 -10.95 41.45 20.06
CA THR C 177 -9.71 42.06 19.57
C THR C 177 -8.72 41.04 18.96
N LEU C 178 -8.04 41.41 17.87
CA LEU C 178 -7.05 40.52 17.22
C LEU C 178 -5.81 41.36 16.99
N SER C 179 -4.85 41.22 17.91
CA SER C 179 -3.61 41.99 17.85
C SER C 179 -2.48 41.31 17.11
N LEU C 180 -1.92 42.00 16.12
CA LEU C 180 -0.83 41.47 15.30
C LEU C 180 0.23 42.57 15.14
N THR C 181 1.38 42.18 14.63
CA THR C 181 2.47 43.12 14.43
C THR C 181 2.12 43.77 13.10
N LYS C 182 2.68 44.94 12.80
CA LYS C 182 2.38 45.57 11.51
C LYS C 182 2.81 44.63 10.39
N ALA C 183 4.03 44.11 10.51
CA ALA C 183 4.61 43.19 9.52
C ALA C 183 3.67 42.04 9.17
N ASP C 184 3.27 41.26 10.18
CA ASP C 184 2.37 40.14 9.96
C ASP C 184 0.99 40.62 9.46
N TYR C 185 0.49 41.75 9.96
CA TYR C 185 -0.78 42.25 9.47
C TYR C 185 -0.67 42.49 7.97
N GLN C 186 0.50 42.89 7.50
CA GLN C 186 0.67 43.17 6.08
C GLN C 186 0.89 42.00 5.15
N SER C 187 1.31 40.85 5.68
CA SER C 187 1.53 39.72 4.80
C SER C 187 0.28 38.86 4.65
N HIS C 188 -0.88 39.42 4.98
CA HIS C 188 -2.14 38.70 4.79
C HIS C 188 -3.15 39.68 4.16
N ASN C 189 -4.33 39.17 3.77
CA ASN C 189 -5.30 40.00 3.08
C ASN C 189 -6.76 40.05 3.52
N LEU C 190 -7.38 38.90 3.82
CA LEU C 190 -8.77 38.94 4.22
C LEU C 190 -9.00 38.53 5.67
N TYR C 191 -9.36 39.52 6.48
CA TYR C 191 -9.58 39.33 7.89
C TYR C 191 -11.05 39.13 8.10
N THR C 192 -11.38 38.24 9.02
CA THR C 192 -12.75 37.92 9.25
C THR C 192 -13.18 37.65 10.69
N CYS C 193 -14.40 38.11 10.93
CA CYS C 193 -15.04 37.95 12.22
C CYS C 193 -16.27 37.12 11.92
N GLN C 194 -16.30 35.93 12.48
CA GLN C 194 -17.44 35.06 12.24
C GLN C 194 -18.05 34.85 13.59
N VAL C 195 -19.35 35.06 13.71
CA VAL C 195 -19.99 34.83 14.98
C VAL C 195 -21.08 33.84 14.72
N VAL C 196 -21.30 33.01 15.71
CA VAL C 196 -22.30 31.98 15.64
C VAL C 196 -23.17 32.20 16.85
N HIS C 197 -24.44 32.53 16.62
CA HIS C 197 -25.32 32.76 17.75
C HIS C 197 -26.23 31.59 17.84
N LYS C 198 -25.78 30.65 18.67
CA LYS C 198 -26.52 29.43 18.93
C LYS C 198 -27.91 29.92 19.20
N THR C 199 -28.64 30.15 18.10
CA THR C 199 -30.00 30.61 18.08
C THR C 199 -30.08 31.46 16.85
N SER C 200 -30.68 32.63 16.98
CA SER C 200 -30.87 33.59 15.92
C SER C 200 -30.68 33.19 14.48
N SER C 201 -29.60 32.50 14.14
CA SER C 201 -29.40 32.07 12.76
C SER C 201 -28.49 30.88 12.64
N SER C 202 -28.60 30.16 11.53
CA SER C 202 -27.78 28.96 11.30
C SER C 202 -26.58 29.26 10.44
N PRO C 203 -26.79 29.94 9.30
CA PRO C 203 -25.71 30.27 8.38
C PRO C 203 -24.60 31.13 8.96
N VAL C 204 -24.61 31.33 10.28
CA VAL C 204 -23.57 32.12 10.94
C VAL C 204 -23.34 33.52 10.34
N VAL C 205 -22.72 34.41 11.12
CA VAL C 205 -22.53 35.75 10.63
C VAL C 205 -21.08 36.06 10.45
N ALA C 206 -20.75 36.52 9.25
CA ALA C 206 -19.39 36.83 8.88
C ALA C 206 -19.25 38.27 8.34
N LYS C 207 -18.20 38.97 8.75
CA LYS C 207 -17.92 40.30 8.27
C LYS C 207 -16.42 40.31 8.05
N ASN C 208 -15.99 40.86 6.92
CA ASN C 208 -14.58 40.94 6.59
C ASN C 208 -14.22 42.12 5.76
N PHE C 209 -12.91 42.30 5.63
CA PHE C 209 -12.32 43.37 4.84
C PHE C 209 -11.05 42.77 4.25
N ASN C 210 -10.61 43.30 3.11
CA ASN C 210 -9.41 42.82 2.46
C ASN C 210 -8.47 43.99 2.50
N ARG C 211 -7.48 43.87 3.37
CA ARG C 211 -6.45 44.85 3.59
C ARG C 211 -6.11 45.68 2.37
N ASN C 212 -5.91 45.01 1.24
CA ASN C 212 -5.57 45.68 -0.01
C ASN C 212 -6.81 46.40 -0.50
N GLU C 213 -7.49 47.08 0.41
CA GLU C 213 -8.71 47.77 0.06
C GLU C 213 -9.68 46.85 -0.66
N CYS C 214 -10.63 46.29 0.09
CA CYS C 214 -11.64 45.37 -0.47
C CYS C 214 -12.11 45.66 -1.89
N GLU D 1 -26.81 62.99 54.79
CA GLU D 1 -27.31 62.04 53.74
C GLU D 1 -26.80 62.44 52.37
N VAL D 2 -27.38 63.53 51.85
CA VAL D 2 -27.04 64.04 50.54
C VAL D 2 -25.75 63.39 49.98
N LYS D 3 -24.56 63.78 50.44
CA LYS D 3 -23.35 63.20 49.83
C LYS D 3 -22.13 62.75 50.63
N LEU D 4 -21.58 61.62 50.18
CA LEU D 4 -20.37 61.02 50.75
C LEU D 4 -19.35 60.92 49.63
N LEU D 5 -18.19 61.56 49.80
CA LEU D 5 -17.20 61.55 48.74
C LEU D 5 -15.81 61.08 49.15
N GLU D 6 -15.36 59.95 48.61
CA GLU D 6 -14.01 59.48 48.90
C GLU D 6 -12.99 60.04 47.88
N SER D 7 -11.74 60.21 48.32
CA SER D 7 -10.60 60.67 47.49
C SER D 7 -9.39 60.02 48.07
N GLY D 8 -8.35 59.78 47.29
CA GLY D 8 -7.18 59.12 47.83
C GLY D 8 -6.61 58.33 46.72
N GLY D 9 -5.29 58.35 46.63
CA GLY D 9 -4.56 57.68 45.56
C GLY D 9 -5.04 56.30 45.19
N GLY D 10 -4.47 55.77 44.09
CA GLY D 10 -4.79 54.46 43.57
C GLY D 10 -3.64 53.47 43.31
N LEU D 11 -2.51 53.88 42.73
CA LEU D 11 -1.43 52.89 42.54
C LEU D 11 -0.34 53.04 43.60
N VAL D 12 -0.12 51.94 44.30
CA VAL D 12 0.86 51.86 45.39
C VAL D 12 1.57 50.54 45.35
N GLN D 13 2.84 50.57 45.75
CA GLN D 13 3.64 49.34 45.71
C GLN D 13 3.50 48.56 46.99
N PRO D 14 3.71 47.24 46.91
CA PRO D 14 3.61 46.39 48.11
C PRO D 14 4.40 46.95 49.29
N GLY D 15 3.90 46.73 50.51
CA GLY D 15 4.54 47.23 51.71
C GLY D 15 4.24 48.69 52.02
N GLY D 16 3.84 49.46 51.02
CA GLY D 16 3.59 50.86 51.25
C GLY D 16 2.47 51.06 52.20
N SER D 17 2.11 52.32 52.42
CA SER D 17 0.99 52.67 53.29
C SER D 17 0.14 53.65 52.48
N MET D 18 -1.14 53.79 52.78
CA MET D 18 -1.94 54.76 52.06
C MET D 18 -3.02 55.36 52.90
N ARG D 19 -3.43 56.57 52.55
CA ARG D 19 -4.47 57.25 53.28
C ARG D 19 -5.65 57.70 52.43
N LEU D 20 -6.78 57.00 52.54
CA LEU D 20 -7.95 57.40 51.78
C LEU D 20 -8.66 58.39 52.69
N SER D 21 -9.49 59.25 52.14
CA SER D 21 -10.21 60.20 52.97
C SER D 21 -11.61 60.25 52.43
N CYS D 22 -12.58 60.47 53.29
CA CYS D 22 -13.94 60.53 52.89
C CYS D 22 -14.54 61.82 53.42
N ALA D 23 -15.28 62.54 52.58
CA ALA D 23 -15.92 63.77 53.01
C ALA D 23 -17.43 63.61 53.02
N GLY D 24 -18.07 64.30 53.96
CA GLY D 24 -19.51 64.21 54.08
C GLY D 24 -20.24 65.53 54.03
N SER D 25 -21.17 65.61 53.08
CA SER D 25 -21.96 66.81 52.87
C SER D 25 -23.43 66.53 53.23
N GLY D 26 -24.16 67.56 53.64
CA GLY D 26 -25.57 67.42 53.93
C GLY D 26 -26.11 66.75 55.17
N PHE D 27 -25.34 66.72 56.24
CA PHE D 27 -25.79 66.09 57.50
C PHE D 27 -24.75 66.30 58.62
N THR D 28 -25.19 66.22 59.86
CA THR D 28 -24.26 66.42 60.96
C THR D 28 -23.31 65.24 61.10
N PHE D 29 -22.17 65.39 60.45
CA PHE D 29 -21.09 64.40 60.46
C PHE D 29 -20.96 63.73 61.84
N THR D 30 -20.67 64.57 62.84
CA THR D 30 -20.48 64.20 64.25
C THR D 30 -21.57 63.36 64.95
N ASP D 31 -22.80 63.38 64.45
CA ASP D 31 -23.85 62.58 65.08
C ASP D 31 -23.93 61.14 64.57
N PHE D 32 -23.06 60.77 63.63
CA PHE D 32 -23.10 59.43 63.05
C PHE D 32 -21.87 58.57 63.19
N TYR D 33 -22.07 57.27 63.11
CA TYR D 33 -20.95 56.32 63.12
C TYR D 33 -20.60 56.45 61.64
N MET D 34 -19.41 56.01 61.22
CA MET D 34 -18.97 56.06 59.83
C MET D 34 -18.16 54.81 59.62
N ASN D 35 -18.31 54.19 58.45
CA ASN D 35 -17.68 52.92 58.14
C ASN D 35 -16.84 52.91 56.88
N TRP D 36 -15.94 51.95 56.76
CA TRP D 36 -15.17 51.79 55.56
C TRP D 36 -15.52 50.38 55.18
N ILE D 37 -15.81 50.20 53.91
CA ILE D 37 -16.17 48.90 53.39
C ILE D 37 -15.37 48.81 52.11
N ARG D 38 -14.87 47.63 51.83
CA ARG D 38 -14.11 47.49 50.60
C ARG D 38 -14.61 46.28 49.84
N GLN D 39 -14.45 46.31 48.53
CA GLN D 39 -14.91 45.22 47.69
C GLN D 39 -14.02 44.96 46.52
N PRO D 40 -13.40 43.80 46.51
CA PRO D 40 -12.49 43.39 45.43
C PRO D 40 -13.34 43.16 44.20
N ALA D 41 -12.88 43.61 43.05
CA ALA D 41 -13.64 43.36 41.83
C ALA D 41 -14.09 41.90 41.73
N GLY D 42 -15.36 41.70 41.38
CA GLY D 42 -15.93 40.37 41.24
C GLY D 42 -16.26 39.64 42.53
N LYS D 43 -16.45 40.37 43.62
CA LYS D 43 -16.77 39.73 44.91
C LYS D 43 -17.56 40.63 45.84
N ALA D 44 -18.13 40.04 46.88
CA ALA D 44 -18.95 40.80 47.80
C ALA D 44 -18.15 41.80 48.64
N PRO D 45 -18.84 42.80 49.20
CA PRO D 45 -18.18 43.80 50.05
C PRO D 45 -17.58 43.08 51.25
N GLU D 46 -16.66 43.78 51.93
CA GLU D 46 -16.02 43.28 53.13
C GLU D 46 -15.95 44.42 54.12
N TRP D 47 -16.67 44.30 55.24
CA TRP D 47 -16.66 45.36 56.23
C TRP D 47 -15.28 45.51 56.90
N LEU D 48 -14.76 46.75 57.00
CA LEU D 48 -13.45 47.03 57.59
C LEU D 48 -13.53 47.49 59.05
N GLY D 49 -14.30 48.53 59.30
CA GLY D 49 -14.41 49.02 60.65
C GLY D 49 -15.22 50.29 60.66
N PHE D 50 -15.32 50.92 61.82
CA PHE D 50 -16.07 52.16 61.94
C PHE D 50 -15.59 52.99 63.11
N ILE D 51 -15.96 54.25 63.13
CA ILE D 51 -15.58 55.14 64.21
C ILE D 51 -16.91 55.61 64.80
N ARG D 52 -17.06 55.56 66.13
CA ARG D 52 -18.35 55.95 66.72
C ARG D 52 -18.75 57.41 66.73
N ASP D 53 -19.91 57.66 67.36
CA ASP D 53 -20.52 58.99 67.53
C ASP D 53 -19.51 59.94 68.14
N LYS D 54 -20.03 61.06 68.59
CA LYS D 54 -19.23 62.05 69.28
C LYS D 54 -19.62 61.69 70.70
N ALA D 55 -20.86 61.20 70.79
CA ALA D 55 -21.49 60.77 72.04
C ALA D 55 -20.87 59.50 72.59
N LYS D 56 -20.43 58.59 71.72
CA LYS D 56 -19.80 57.36 72.19
C LYS D 56 -18.31 57.57 72.30
N GLY D 57 -17.88 58.82 72.07
CA GLY D 57 -16.47 59.19 72.18
C GLY D 57 -15.56 58.99 70.98
N TYR D 58 -16.10 58.79 69.78
CA TYR D 58 -15.27 58.58 68.58
C TYR D 58 -14.32 57.35 68.69
N THR D 59 -14.78 56.28 69.31
CA THR D 59 -13.94 55.12 69.44
C THR D 59 -14.01 54.28 68.16
N THR D 60 -13.17 53.26 68.02
CA THR D 60 -13.22 52.49 66.77
C THR D 60 -13.19 51.00 66.93
N GLU D 61 -13.80 50.29 65.98
CA GLU D 61 -13.79 48.82 65.98
C GLU D 61 -13.34 48.39 64.56
N TYR D 62 -12.61 47.29 64.46
CA TYR D 62 -12.14 46.86 63.16
C TYR D 62 -12.38 45.42 62.95
N ASN D 63 -12.47 45.04 61.70
CA ASN D 63 -12.67 43.67 61.34
C ASN D 63 -11.31 43.05 61.64
N PRO D 64 -11.27 41.95 62.38
CA PRO D 64 -10.01 41.28 62.70
C PRO D 64 -9.22 40.87 61.46
N SER D 65 -9.91 40.70 60.35
CA SER D 65 -9.26 40.30 59.10
C SER D 65 -8.17 41.27 58.69
N VAL D 66 -8.33 42.54 59.06
CA VAL D 66 -7.34 43.57 58.71
C VAL D 66 -6.60 44.15 59.92
N LYS D 67 -7.35 44.34 61.01
CA LYS D 67 -6.85 44.91 62.28
C LYS D 67 -5.31 44.84 62.49
N GLY D 68 -4.82 45.99 62.97
CA GLY D 68 -3.42 46.16 63.21
C GLY D 68 -2.91 47.03 62.10
N ARG D 69 -3.30 46.74 60.86
CA ARG D 69 -2.82 47.51 59.73
C ARG D 69 -3.64 48.74 59.39
N PHE D 70 -4.94 48.70 59.61
CA PHE D 70 -5.77 49.84 59.25
C PHE D 70 -6.14 50.59 60.49
N THR D 71 -6.39 51.88 60.36
CA THR D 71 -6.77 52.75 61.47
C THR D 71 -7.79 53.71 60.89
N ILE D 72 -8.75 54.16 61.68
CA ILE D 72 -9.78 55.07 61.18
C ILE D 72 -9.86 56.29 62.05
N SER D 73 -9.95 57.49 61.47
CA SER D 73 -10.00 58.69 62.27
C SER D 73 -10.90 59.73 61.65
N ARG D 74 -11.34 60.67 62.45
CA ARG D 74 -12.20 61.73 61.94
C ARG D 74 -11.53 63.09 62.15
N ASP D 75 -12.11 64.11 61.55
CA ASP D 75 -11.60 65.47 61.67
C ASP D 75 -12.87 66.29 61.78
N ASN D 76 -13.69 65.94 62.77
CA ASN D 76 -14.98 66.59 62.99
C ASN D 76 -15.08 68.09 62.67
N THR D 77 -13.94 68.77 62.72
CA THR D 77 -13.91 70.20 62.45
C THR D 77 -14.23 70.52 60.99
N GLN D 78 -13.94 69.58 60.08
CA GLN D 78 -14.23 69.77 58.67
C GLN D 78 -14.86 68.53 57.96
N ASN D 79 -15.67 67.78 58.71
CA ASN D 79 -16.39 66.61 58.20
C ASN D 79 -15.56 65.69 57.30
N MET D 80 -14.43 65.21 57.80
CA MET D 80 -13.61 64.29 57.02
C MET D 80 -13.47 63.08 57.88
N LEU D 81 -13.28 61.94 57.24
CA LEU D 81 -13.07 60.69 57.92
C LEU D 81 -11.84 60.20 57.15
N TYR D 82 -11.02 59.36 57.76
CA TYR D 82 -9.85 58.87 57.07
C TYR D 82 -9.75 57.43 57.34
N LEU D 83 -9.04 56.73 56.45
CA LEU D 83 -8.72 55.32 56.59
C LEU D 83 -7.25 55.34 56.27
N GLN D 84 -6.45 54.88 57.22
CA GLN D 84 -4.99 54.79 57.13
C GLN D 84 -4.63 53.30 57.02
N MET D 85 -4.09 52.87 55.90
CA MET D 85 -3.73 51.49 55.71
C MET D 85 -2.22 51.37 55.69
N ASN D 86 -1.68 50.36 56.36
CA ASN D 86 -0.24 50.16 56.39
C ASN D 86 0.07 48.78 55.91
N THR D 87 1.32 48.62 55.48
CA THR D 87 1.76 47.33 54.99
C THR D 87 0.79 46.80 53.96
N LEU D 88 0.44 47.67 53.00
CA LEU D 88 -0.44 47.28 51.91
C LEU D 88 0.16 46.05 51.22
N ARG D 89 -0.70 45.06 51.03
CA ARG D 89 -0.35 43.79 50.43
C ARG D 89 -1.11 43.72 49.07
N ALA D 90 -0.92 42.66 48.28
CA ALA D 90 -1.60 42.58 47.00
C ALA D 90 -3.12 42.42 47.08
N GLU D 91 -3.59 41.59 48.00
CA GLU D 91 -5.04 41.34 48.13
C GLU D 91 -5.80 42.53 48.72
N ASP D 92 -5.11 43.62 48.99
CA ASP D 92 -5.82 44.77 49.51
C ASP D 92 -6.35 45.57 48.31
N THR D 93 -6.01 45.08 47.11
CA THR D 93 -6.46 45.74 45.86
C THR D 93 -7.97 45.66 45.74
N ALA D 94 -8.64 46.81 45.80
CA ALA D 94 -10.11 46.82 45.76
C ALA D 94 -10.70 48.18 45.74
N THR D 95 -12.02 48.26 45.68
CA THR D 95 -12.66 49.56 45.72
C THR D 95 -12.99 49.76 47.18
N TYR D 96 -12.71 50.96 47.69
CA TYR D 96 -13.01 51.25 49.07
C TYR D 96 -14.09 52.31 49.15
N TYR D 97 -15.06 52.07 50.03
CA TYR D 97 -16.19 52.97 50.21
C TYR D 97 -16.36 53.40 51.63
N CYS D 98 -16.66 54.67 51.88
CA CYS D 98 -16.95 55.01 53.22
C CYS D 98 -18.47 54.90 53.16
N ALA D 99 -19.14 54.63 54.28
CA ALA D 99 -20.60 54.50 54.34
C ALA D 99 -21.17 54.97 55.67
N ARG D 100 -22.06 55.94 55.65
CA ARG D 100 -22.66 56.42 56.89
C ARG D 100 -23.41 55.27 57.50
N GLU D 101 -23.44 55.21 58.83
CA GLU D 101 -24.13 54.10 59.53
C GLU D 101 -25.60 54.37 59.52
N GLY D 102 -25.99 55.44 60.20
CA GLY D 102 -27.39 55.81 60.23
C GLY D 102 -28.17 55.50 61.49
N HIS D 103 -29.37 56.05 61.52
CA HIS D 103 -30.32 55.87 62.62
C HIS D 103 -31.47 55.10 61.94
N THR D 104 -32.02 54.08 62.62
CA THR D 104 -33.12 53.27 62.06
C THR D 104 -32.64 52.65 60.75
N ALA D 105 -32.76 53.40 59.66
CA ALA D 105 -32.27 52.94 58.34
C ALA D 105 -30.76 52.77 58.52
N ALA D 106 -30.34 51.54 58.81
CA ALA D 106 -28.93 51.29 59.07
C ALA D 106 -28.71 49.82 59.28
N PRO D 107 -27.46 49.35 59.14
CA PRO D 107 -26.28 50.15 58.78
C PRO D 107 -26.09 50.38 57.26
N PHE D 108 -25.32 51.43 56.95
CA PHE D 108 -24.95 51.76 55.58
C PHE D 108 -26.15 52.36 54.80
N ASP D 109 -26.73 53.41 55.33
CA ASP D 109 -27.83 53.98 54.61
C ASP D 109 -27.33 54.74 53.39
N TYR D 110 -26.08 55.19 53.43
CA TYR D 110 -25.52 55.93 52.30
C TYR D 110 -24.07 55.63 52.04
N TRP D 111 -23.77 55.28 50.81
CA TRP D 111 -22.41 54.95 50.47
C TRP D 111 -21.81 56.09 49.68
N GLY D 112 -20.51 55.98 49.39
CA GLY D 112 -19.82 56.96 48.58
C GLY D 112 -19.60 56.28 47.21
N GLN D 113 -19.01 56.96 46.24
CA GLN D 113 -18.85 56.32 44.95
C GLN D 113 -17.69 55.37 44.91
N GLY D 114 -16.83 55.43 45.93
CA GLY D 114 -15.69 54.54 45.99
C GLY D 114 -14.46 55.04 45.31
N VAL D 115 -13.35 54.34 45.56
CA VAL D 115 -12.07 54.65 44.93
C VAL D 115 -11.28 53.37 44.87
N MET D 116 -10.67 53.11 43.73
CA MET D 116 -9.91 51.91 43.63
C MET D 116 -8.49 52.12 44.02
N VAL D 117 -8.01 51.23 44.86
CA VAL D 117 -6.64 51.20 45.38
C VAL D 117 -6.06 49.98 44.70
N THR D 118 -5.05 50.23 43.88
CA THR D 118 -4.35 49.18 43.17
C THR D 118 -3.01 49.02 43.89
N VAL D 119 -2.63 47.79 44.17
CA VAL D 119 -1.44 47.53 44.92
C VAL D 119 -0.51 46.56 44.24
N SER D 120 0.52 47.11 43.57
CA SER D 120 1.58 46.33 42.89
C SER D 120 2.83 47.13 42.50
N SER D 121 3.71 46.46 41.76
CA SER D 121 4.96 47.03 41.26
C SER D 121 4.56 47.84 40.05
N ALA D 122 4.60 47.26 38.85
CA ALA D 122 4.14 47.95 37.64
C ALA D 122 4.04 49.48 37.66
N GLN D 123 4.30 50.15 36.55
CA GLN D 123 4.24 51.61 36.60
C GLN D 123 3.02 52.25 35.89
N THR D 124 2.61 53.42 36.34
CA THR D 124 1.53 54.12 35.69
C THR D 124 1.82 54.34 34.19
N THR D 125 1.32 53.47 33.34
CA THR D 125 1.48 53.68 31.90
C THR D 125 0.13 54.25 31.33
N ALA D 126 0.15 55.42 30.68
CA ALA D 126 -1.09 55.99 30.11
C ALA D 126 -1.56 55.19 28.89
N PRO D 127 -2.83 55.34 28.50
CA PRO D 127 -3.28 54.58 27.32
C PRO D 127 -2.98 55.25 26.00
N SER D 128 -3.03 54.45 24.93
CA SER D 128 -2.89 54.95 23.56
C SER D 128 -4.32 54.86 23.07
N VAL D 129 -4.80 55.88 22.36
CA VAL D 129 -6.17 55.84 21.92
C VAL D 129 -6.30 55.90 20.42
N TYR D 130 -6.95 54.90 19.85
CA TYR D 130 -7.10 54.87 18.42
C TYR D 130 -8.55 54.89 18.09
N PRO D 131 -8.92 55.62 17.03
CA PRO D 131 -10.29 55.74 16.55
C PRO D 131 -10.55 54.49 15.77
N LEU D 132 -11.83 54.17 15.59
CA LEU D 132 -12.25 52.98 14.87
C LEU D 132 -13.36 53.37 13.95
N ALA D 133 -12.97 53.64 12.72
CA ALA D 133 -13.85 53.98 11.68
C ALA D 133 -13.93 52.81 10.68
N PRO D 134 -15.12 52.61 10.12
CA PRO D 134 -15.36 51.55 9.15
C PRO D 134 -14.41 51.82 8.09
N GLY D 135 -14.05 50.80 7.33
CA GLY D 135 -13.11 51.06 6.28
C GLY D 135 -13.30 50.43 4.94
N CYS D 136 -12.17 49.89 4.46
CA CYS D 136 -11.96 49.21 3.18
C CYS D 136 -13.19 48.62 2.53
N GLY D 137 -13.89 49.48 1.80
CA GLY D 137 -15.10 49.11 1.08
C GLY D 137 -16.19 48.56 1.98
N ASP D 138 -16.31 49.14 3.16
CA ASP D 138 -17.34 48.70 4.09
C ASP D 138 -18.56 49.57 3.79
N THR D 139 -19.54 48.93 3.15
CA THR D 139 -20.80 49.51 2.71
C THR D 139 -21.59 50.46 3.63
N THR D 140 -22.01 49.95 4.81
CA THR D 140 -22.83 50.61 5.89
C THR D 140 -24.24 51.17 5.65
N SER D 141 -24.98 51.20 6.76
CA SER D 141 -26.37 51.68 6.83
C SER D 141 -26.43 53.13 7.22
N SER D 142 -27.65 53.62 7.47
CA SER D 142 -27.86 54.99 7.87
C SER D 142 -27.34 55.22 9.29
N THR D 143 -27.26 54.18 10.09
CA THR D 143 -26.73 54.35 11.42
C THR D 143 -25.46 53.50 11.46
N VAL D 144 -24.36 54.18 11.65
CA VAL D 144 -23.10 53.57 11.62
C VAL D 144 -22.63 53.35 12.99
N THR D 145 -21.95 52.23 13.25
CA THR D 145 -21.36 52.09 14.59
C THR D 145 -19.85 52.36 14.47
N LEU D 146 -19.30 53.12 15.44
CA LEU D 146 -17.89 53.55 15.46
C LEU D 146 -17.34 53.21 16.79
N GLY D 147 -16.03 53.26 17.00
CA GLY D 147 -15.54 52.93 18.32
C GLY D 147 -14.19 53.60 18.60
N CYS D 148 -13.58 53.23 19.73
CA CYS D 148 -12.31 53.71 20.16
C CYS D 148 -11.57 52.61 20.84
N LEU D 149 -10.32 52.41 20.45
CA LEU D 149 -9.48 51.40 21.09
C LEU D 149 -8.69 52.17 22.18
N VAL D 150 -8.74 51.71 23.42
CA VAL D 150 -7.98 52.34 24.46
C VAL D 150 -6.98 51.22 24.83
N LYS D 151 -5.74 51.39 24.39
CA LYS D 151 -4.70 50.35 24.58
C LYS D 151 -3.49 50.59 25.44
N GLY D 152 -3.13 49.51 26.14
CA GLY D 152 -1.97 49.47 27.01
C GLY D 152 -1.96 50.52 28.09
N TYR D 153 -2.77 50.33 29.11
CA TYR D 153 -2.82 51.32 30.16
C TYR D 153 -2.81 50.60 31.47
N PHE D 154 -2.48 51.35 32.52
CA PHE D 154 -2.43 50.78 33.84
C PHE D 154 -2.24 51.87 34.86
N PRO D 155 -2.96 51.77 35.99
CA PRO D 155 -3.92 50.71 36.30
C PRO D 155 -5.36 51.18 36.00
N GLU D 156 -6.36 50.37 36.34
CA GLU D 156 -7.73 50.80 36.09
C GLU D 156 -8.04 52.02 36.91
N PRO D 157 -9.04 52.80 36.50
CA PRO D 157 -9.85 52.60 35.32
C PRO D 157 -9.62 53.71 34.27
N VAL D 158 -10.35 53.64 33.18
CA VAL D 158 -10.29 54.69 32.22
C VAL D 158 -11.73 55.17 32.07
N THR D 159 -11.92 56.34 31.50
CA THR D 159 -13.25 56.90 31.30
C THR D 159 -13.55 57.23 29.85
N VAL D 160 -14.60 56.65 29.30
CA VAL D 160 -14.88 56.95 27.93
C VAL D 160 -16.21 57.65 27.78
N THR D 161 -16.28 58.73 27.01
CA THR D 161 -17.54 59.39 26.76
C THR D 161 -17.54 59.84 25.32
N TRP D 162 -18.71 60.08 24.74
CA TRP D 162 -18.73 60.50 23.34
C TRP D 162 -19.32 61.88 23.07
N ASN D 163 -18.69 62.63 22.17
CA ASN D 163 -19.16 63.98 21.90
C ASN D 163 -19.43 64.70 23.18
N SER D 164 -18.49 64.50 24.12
CA SER D 164 -18.55 65.08 25.48
C SER D 164 -19.96 64.87 26.10
N GLY D 165 -20.42 63.61 26.06
CA GLY D 165 -21.73 63.24 26.57
C GLY D 165 -22.90 63.59 25.66
N ALA D 166 -22.72 64.57 24.77
CA ALA D 166 -23.80 65.01 23.84
C ALA D 166 -24.44 63.86 23.06
N LEU D 167 -23.63 62.86 22.75
CA LEU D 167 -24.10 61.70 22.00
C LEU D 167 -23.89 60.48 22.91
N SER D 168 -24.84 60.27 23.81
CA SER D 168 -24.75 59.16 24.73
C SER D 168 -25.78 58.16 24.28
N SER D 169 -26.22 58.30 23.03
CA SER D 169 -27.22 57.40 22.47
C SER D 169 -26.82 55.94 22.70
N ASP D 170 -26.60 55.21 21.61
CA ASP D 170 -26.25 53.81 21.75
C ASP D 170 -24.77 53.73 22.07
N VAL D 171 -24.44 53.64 23.34
CA VAL D 171 -23.04 53.55 23.73
C VAL D 171 -22.74 52.29 24.54
N HIS D 172 -21.68 51.60 24.15
CA HIS D 172 -21.27 50.40 24.85
C HIS D 172 -19.79 50.43 25.17
N THR D 173 -19.44 50.50 26.44
CA THR D 173 -18.07 50.52 26.87
C THR D 173 -17.85 49.17 27.51
N PHE D 174 -16.98 48.40 26.87
CA PHE D 174 -16.69 47.04 27.28
C PHE D 174 -15.68 46.94 28.38
N PRO D 175 -15.85 45.96 29.28
CA PRO D 175 -14.91 45.75 30.41
C PRO D 175 -13.47 45.52 29.95
N ALA D 176 -12.51 45.97 30.76
CA ALA D 176 -11.13 45.83 30.38
C ALA D 176 -10.65 44.40 30.38
N VAL D 177 -9.48 44.20 29.78
CA VAL D 177 -8.88 42.89 29.71
C VAL D 177 -7.38 43.00 29.87
N LEU D 178 -6.81 42.07 30.66
CA LEU D 178 -5.38 41.98 30.95
C LEU D 178 -4.56 41.18 29.92
N GLN D 179 -3.90 41.88 29.03
CA GLN D 179 -3.08 41.24 28.05
C GLN D 179 -1.64 41.60 28.47
N SER D 180 -0.94 40.61 29.02
CA SER D 180 0.45 40.80 29.42
C SER D 180 0.66 42.03 30.29
N GLY D 181 0.02 42.04 31.45
CA GLY D 181 0.19 43.15 32.37
C GLY D 181 -0.31 44.56 32.06
N LEU D 182 -0.99 44.76 30.92
CA LEU D 182 -1.55 46.08 30.62
C LEU D 182 -3.02 45.92 30.22
N TYR D 183 -3.84 46.89 30.61
CA TYR D 183 -5.28 46.86 30.28
C TYR D 183 -5.57 47.45 28.91
N THR D 184 -6.51 46.82 28.22
CA THR D 184 -6.95 47.27 26.89
C THR D 184 -8.45 47.27 26.90
N LEU D 185 -9.08 48.34 26.40
CA LEU D 185 -10.51 48.32 26.37
C LEU D 185 -11.07 48.94 25.15
N THR D 186 -12.33 48.63 24.92
CA THR D 186 -13.02 49.06 23.74
C THR D 186 -14.32 49.77 24.03
N SER D 187 -14.68 50.72 23.17
CA SER D 187 -15.97 51.41 23.36
C SER D 187 -16.65 51.68 22.05
N SER D 188 -17.95 51.37 21.91
CA SER D 188 -18.68 51.66 20.67
C SER D 188 -19.80 52.64 20.86
N VAL D 189 -20.10 53.33 19.77
CA VAL D 189 -21.15 54.32 19.74
C VAL D 189 -21.86 54.22 18.39
N THR D 190 -23.04 54.80 18.27
CA THR D 190 -23.81 54.70 17.03
C THR D 190 -24.21 56.10 16.57
N SER D 191 -24.24 56.31 15.26
CA SER D 191 -24.62 57.62 14.72
C SER D 191 -25.18 57.55 13.34
N SER D 192 -26.37 58.15 13.19
CA SER D 192 -27.03 58.28 11.90
C SER D 192 -26.38 59.60 11.52
N THR D 193 -26.40 60.02 10.27
CA THR D 193 -25.70 61.28 9.95
C THR D 193 -24.22 61.05 10.34
N TRP D 194 -23.70 59.86 10.02
CA TRP D 194 -22.32 59.54 10.40
C TRP D 194 -21.31 60.59 10.16
N PRO D 195 -20.77 60.67 8.92
CA PRO D 195 -19.71 61.58 8.48
C PRO D 195 -19.90 63.05 8.65
N SER D 196 -21.03 63.58 8.21
CA SER D 196 -21.20 65.01 8.32
C SER D 196 -21.47 65.52 9.72
N GLN D 197 -21.31 64.69 10.76
CA GLN D 197 -21.56 65.26 12.07
C GLN D 197 -20.37 65.44 13.00
N THR D 198 -19.48 64.45 13.08
CA THR D 198 -18.33 64.59 13.95
C THR D 198 -18.63 63.87 15.21
N VAL D 199 -17.80 62.88 15.46
CA VAL D 199 -17.94 62.02 16.60
C VAL D 199 -16.55 61.97 17.16
N THR D 200 -16.46 62.14 18.47
CA THR D 200 -15.21 62.19 19.16
C THR D 200 -15.31 61.45 20.46
N CYS D 201 -14.31 60.63 20.77
CA CYS D 201 -14.40 59.93 22.00
C CYS D 201 -13.46 60.67 22.93
N ASN D 202 -13.79 60.68 24.20
CA ASN D 202 -13.07 61.40 25.21
C ASN D 202 -12.66 60.34 26.18
N VAL D 203 -11.36 60.16 26.30
CA VAL D 203 -10.82 59.12 27.18
C VAL D 203 -10.07 59.82 28.27
N ALA D 204 -10.10 59.26 29.46
CA ALA D 204 -9.40 59.89 30.55
C ALA D 204 -8.91 58.78 31.44
N HIS D 205 -7.66 58.92 31.90
CA HIS D 205 -7.00 57.95 32.77
C HIS D 205 -6.49 58.85 33.87
N PRO D 206 -7.07 58.73 35.06
CA PRO D 206 -6.67 59.55 36.18
C PRO D 206 -5.31 59.18 36.71
N ALA D 207 -5.05 57.88 36.85
CA ALA D 207 -3.75 57.46 37.37
C ALA D 207 -2.58 58.06 36.57
N SER D 208 -2.86 58.87 35.55
CA SER D 208 -1.80 59.52 34.77
C SER D 208 -2.28 60.89 34.34
N SER D 209 -3.37 61.36 34.92
CA SER D 209 -3.90 62.66 34.52
C SER D 209 -3.87 62.84 32.98
N THR D 210 -4.33 61.79 32.28
CA THR D 210 -4.41 61.80 30.83
C THR D 210 -5.83 62.11 30.39
N LYS D 211 -5.97 62.98 29.41
CA LYS D 211 -7.27 63.34 28.89
C LYS D 211 -7.14 63.56 27.41
N VAL D 212 -7.60 62.59 26.62
CA VAL D 212 -7.48 62.67 25.18
C VAL D 212 -8.79 62.76 24.45
N ASP D 213 -8.78 63.52 23.35
CA ASP D 213 -9.99 63.64 22.53
C ASP D 213 -9.74 63.18 21.12
N LYS D 214 -9.94 61.91 20.85
CA LYS D 214 -9.75 61.42 19.52
C LYS D 214 -11.01 61.57 18.66
N LYS D 215 -10.86 62.22 17.53
CA LYS D 215 -11.97 62.36 16.62
C LYS D 215 -11.91 61.16 15.63
N VAL D 216 -13.06 60.78 15.09
CA VAL D 216 -13.14 59.65 14.21
C VAL D 216 -13.60 60.03 12.83
N ASP E 1 19.19 -60.65 -9.10
CA ASP E 1 18.43 -59.80 -10.07
C ASP E 1 17.16 -60.43 -10.62
N ILE E 2 16.21 -59.60 -11.00
CA ILE E 2 14.98 -60.10 -11.54
C ILE E 2 15.11 -60.17 -13.06
N LYS E 3 15.08 -61.36 -13.63
CA LYS E 3 15.21 -61.50 -15.07
C LYS E 3 13.88 -61.52 -15.84
N MET E 4 13.66 -60.54 -16.71
CA MET E 4 12.41 -60.41 -17.50
C MET E 4 12.50 -61.04 -18.91
N THR E 5 11.49 -61.81 -19.21
CA THR E 5 11.41 -62.50 -20.48
C THR E 5 10.16 -62.07 -21.22
N GLN E 6 10.28 -61.84 -22.52
CA GLN E 6 9.13 -61.43 -23.31
C GLN E 6 8.86 -62.41 -24.43
N SER E 7 7.61 -62.55 -24.81
CA SER E 7 7.27 -63.43 -25.90
C SER E 7 6.00 -62.99 -26.63
N PRO E 8 5.95 -63.24 -27.95
CA PRO E 8 7.04 -63.87 -28.70
C PRO E 8 8.01 -62.72 -29.02
N SER E 9 9.11 -63.00 -29.71
CA SER E 9 10.03 -61.91 -30.02
C SER E 9 9.52 -61.15 -31.22
N PHE E 10 9.01 -61.87 -32.22
CA PHE E 10 8.49 -61.25 -33.44
C PHE E 10 7.00 -61.48 -33.59
N LEU E 11 6.31 -60.50 -34.11
CA LEU E 11 4.87 -60.64 -34.24
C LEU E 11 4.29 -59.89 -35.42
N SER E 12 3.77 -60.65 -36.39
CA SER E 12 3.13 -60.08 -37.58
C SER E 12 1.60 -60.11 -37.49
N ALA E 13 0.97 -58.96 -37.59
CA ALA E 13 -0.47 -58.92 -37.50
C ALA E 13 -1.04 -57.95 -38.54
N SER E 14 -2.29 -58.15 -38.96
CA SER E 14 -2.95 -57.26 -39.94
C SER E 14 -3.52 -56.02 -39.26
N VAL E 15 -3.53 -54.91 -39.96
CA VAL E 15 -4.00 -53.68 -39.36
C VAL E 15 -5.42 -53.93 -38.91
N GLY E 16 -5.73 -53.51 -37.68
CA GLY E 16 -7.07 -53.68 -37.14
C GLY E 16 -7.20 -54.91 -36.23
N ASP E 17 -6.28 -55.87 -36.28
CA ASP E 17 -6.35 -57.03 -35.42
C ASP E 17 -6.04 -56.78 -33.96
N ARG E 18 -6.28 -57.83 -33.17
CA ARG E 18 -6.05 -57.89 -31.72
C ARG E 18 -4.68 -58.51 -31.51
N VAL E 19 -3.83 -57.79 -30.78
CA VAL E 19 -2.49 -58.29 -30.54
C VAL E 19 -2.21 -58.39 -29.05
N THR E 20 -1.50 -59.46 -28.68
CA THR E 20 -1.10 -59.70 -27.28
C THR E 20 0.38 -59.96 -27.03
N LEU E 21 0.98 -59.12 -26.20
CA LEU E 21 2.41 -59.27 -25.86
C LEU E 21 2.64 -59.81 -24.46
N ASN E 22 3.46 -60.86 -24.36
CA ASN E 22 3.71 -61.50 -23.08
C ASN E 22 5.05 -61.18 -22.45
N CYS E 23 5.03 -61.05 -21.14
CA CYS E 23 6.22 -60.74 -20.36
C CYS E 23 6.19 -61.52 -19.05
N LYS E 24 7.21 -62.32 -18.83
CA LYS E 24 7.30 -63.12 -17.61
C LYS E 24 8.51 -62.70 -16.76
N ALA E 25 8.31 -62.72 -15.45
CA ALA E 25 9.32 -62.38 -14.43
C ALA E 25 9.98 -63.61 -13.78
N SER E 26 11.14 -63.37 -13.14
CA SER E 26 11.91 -64.38 -12.41
C SER E 26 11.19 -64.61 -11.08
N GLN E 27 10.69 -63.52 -10.49
CA GLN E 27 9.98 -63.58 -9.21
C GLN E 27 8.73 -62.75 -9.21
N ASN E 28 7.95 -62.90 -8.15
CA ASN E 28 6.75 -62.11 -8.03
C ASN E 28 7.22 -60.66 -7.93
N ILE E 29 6.66 -59.85 -8.81
CA ILE E 29 7.05 -58.44 -8.95
C ILE E 29 5.89 -57.62 -8.52
N ASP E 30 4.80 -58.32 -8.22
CA ASP E 30 3.55 -57.70 -7.83
C ASP E 30 2.97 -56.89 -9.02
N LYS E 31 2.63 -55.61 -8.84
CA LYS E 31 2.12 -54.73 -9.91
C LYS E 31 3.17 -53.73 -10.49
N TYR E 32 4.39 -53.73 -9.95
CA TYR E 32 5.46 -52.83 -10.40
C TYR E 32 6.09 -53.27 -11.70
N LEU E 33 5.39 -53.05 -12.81
CA LEU E 33 5.92 -53.42 -14.11
C LEU E 33 5.40 -52.50 -15.21
N ASN E 34 6.28 -52.07 -16.10
CA ASN E 34 5.93 -51.13 -17.18
C ASN E 34 6.20 -51.56 -18.60
N TRP E 35 5.64 -50.76 -19.48
CA TRP E 35 5.79 -51.02 -20.89
C TRP E 35 6.26 -49.78 -21.62
N TYR E 36 7.25 -49.97 -22.48
CA TYR E 36 7.72 -48.86 -23.27
C TYR E 36 7.66 -49.23 -24.76
N GLN E 37 7.37 -48.21 -25.55
CA GLN E 37 7.32 -48.38 -27.01
C GLN E 37 8.50 -47.63 -27.59
N GLN E 38 9.30 -48.30 -28.38
CA GLN E 38 10.42 -47.62 -28.99
C GLN E 38 10.35 -47.76 -30.49
N LYS E 39 10.05 -46.66 -31.18
CA LYS E 39 9.95 -46.64 -32.63
C LYS E 39 11.35 -46.54 -33.15
N LEU E 40 11.55 -46.82 -34.44
CA LEU E 40 12.84 -46.75 -35.10
C LEU E 40 13.52 -45.39 -34.95
N GLY E 41 14.78 -45.42 -34.53
CA GLY E 41 15.50 -44.18 -34.35
C GLY E 41 14.99 -43.27 -33.24
N GLU E 42 14.33 -43.83 -32.22
CA GLU E 42 13.83 -43.00 -31.12
C GLU E 42 14.02 -43.58 -29.74
N SER E 43 14.03 -42.71 -28.76
CA SER E 43 14.20 -43.14 -27.39
C SER E 43 12.93 -43.79 -26.88
N PRO E 44 13.04 -44.88 -26.09
CA PRO E 44 11.87 -45.54 -25.55
C PRO E 44 10.92 -44.52 -24.95
N LYS E 45 9.62 -44.76 -25.08
CA LYS E 45 8.59 -43.87 -24.52
C LYS E 45 7.68 -44.74 -23.67
N LEU E 46 7.24 -44.16 -22.57
CA LEU E 46 6.40 -44.87 -21.62
C LEU E 46 4.96 -45.08 -22.09
N LEU E 47 4.52 -46.33 -22.17
CA LEU E 47 3.16 -46.70 -22.57
C LEU E 47 2.26 -46.96 -21.35
N ILE E 48 2.70 -47.89 -20.48
CA ILE E 48 1.95 -48.20 -19.28
C ILE E 48 2.85 -48.44 -18.05
N TYR E 49 2.35 -48.07 -16.86
CA TYR E 49 3.08 -48.28 -15.61
C TYR E 49 2.33 -49.00 -14.52
N ASN E 50 3.00 -49.98 -13.92
CA ASN E 50 2.44 -50.81 -12.87
C ASN E 50 1.29 -51.61 -13.46
N THR E 51 1.71 -52.55 -14.31
CA THR E 51 0.91 -53.49 -15.10
C THR E 51 -0.28 -52.93 -15.90
N ASN E 52 -0.96 -51.89 -15.40
CA ASN E 52 -2.12 -51.39 -16.13
C ASN E 52 -2.54 -49.91 -16.09
N ASN E 53 -1.60 -49.01 -15.98
CA ASN E 53 -1.99 -47.61 -16.00
C ASN E 53 -1.52 -46.97 -17.27
N LEU E 54 -2.45 -46.52 -18.09
CA LEU E 54 -2.02 -45.88 -19.31
C LEU E 54 -1.46 -44.59 -18.82
N GLN E 55 -0.60 -44.07 -19.65
CA GLN E 55 0.08 -42.83 -19.42
C GLN E 55 -0.70 -41.79 -20.18
N THR E 56 -0.49 -40.53 -19.85
CA THR E 56 -1.16 -39.43 -20.52
C THR E 56 -0.93 -39.38 -22.04
N GLY E 57 -1.98 -39.25 -22.83
CA GLY E 57 -1.79 -39.12 -24.26
C GLY E 57 -1.65 -40.36 -25.10
N ILE E 58 -1.75 -41.53 -24.50
CA ILE E 58 -1.65 -42.76 -25.26
C ILE E 58 -3.06 -43.30 -25.55
N PRO E 59 -3.32 -43.73 -26.79
CA PRO E 59 -4.61 -44.27 -27.26
C PRO E 59 -5.19 -45.43 -26.41
N SER E 60 -6.53 -45.46 -26.32
CA SER E 60 -7.24 -46.45 -25.54
C SER E 60 -7.17 -47.85 -26.06
N ARG E 61 -6.57 -48.03 -27.22
CA ARG E 61 -6.50 -49.37 -27.79
C ARG E 61 -5.48 -50.25 -27.06
N PHE E 62 -4.74 -49.61 -26.14
CA PHE E 62 -3.69 -50.28 -25.33
C PHE E 62 -4.15 -50.63 -23.95
N SER E 63 -3.76 -51.79 -23.49
CA SER E 63 -4.13 -52.12 -22.14
C SER E 63 -3.14 -53.17 -21.67
N GLY E 64 -2.99 -53.25 -20.35
CA GLY E 64 -2.11 -54.23 -19.77
C GLY E 64 -2.78 -54.91 -18.60
N SER E 65 -2.21 -56.03 -18.24
CA SER E 65 -2.78 -56.82 -17.16
C SER E 65 -1.79 -57.88 -16.72
N GLY E 66 -2.32 -58.88 -16.01
CA GLY E 66 -1.51 -59.97 -15.50
C GLY E 66 -1.08 -59.53 -14.12
N SER E 67 -0.46 -60.43 -13.38
CA SER E 67 0.01 -60.01 -12.07
C SER E 67 0.93 -61.04 -11.48
N GLY E 68 1.94 -60.55 -10.78
CA GLY E 68 2.91 -61.43 -10.16
C GLY E 68 4.11 -61.78 -11.02
N THR E 69 3.93 -62.79 -11.85
CA THR E 69 5.01 -63.25 -12.73
C THR E 69 4.64 -63.18 -14.21
N ASP E 70 3.35 -63.10 -14.53
CA ASP E 70 2.97 -63.02 -15.93
C ASP E 70 2.16 -61.78 -16.20
N PHE E 71 2.59 -61.09 -17.26
CA PHE E 71 1.95 -59.84 -17.68
C PHE E 71 1.66 -59.80 -19.18
N THR E 72 0.69 -58.98 -19.56
CA THR E 72 0.32 -58.92 -20.92
C THR E 72 0.00 -57.51 -21.38
N LEU E 73 0.41 -57.20 -22.63
CA LEU E 73 0.09 -55.92 -23.22
C LEU E 73 -0.78 -56.40 -24.35
N THR E 74 -1.90 -55.71 -24.50
CA THR E 74 -2.85 -56.04 -25.52
C THR E 74 -3.31 -54.83 -26.29
N ILE E 75 -3.24 -54.97 -27.60
CA ILE E 75 -3.68 -53.90 -28.48
C ILE E 75 -4.92 -54.46 -29.17
N SER E 76 -6.05 -53.76 -28.93
CA SER E 76 -7.35 -54.15 -29.46
C SER E 76 -7.26 -54.17 -30.97
N SER E 77 -7.07 -52.99 -31.56
CA SER E 77 -6.94 -52.93 -33.01
C SER E 77 -5.60 -52.27 -33.46
N LEU E 78 -4.74 -53.08 -34.05
CA LEU E 78 -3.43 -52.63 -34.49
C LEU E 78 -3.42 -51.47 -35.51
N GLN E 79 -2.78 -50.38 -35.14
CA GLN E 79 -2.71 -49.27 -36.09
C GLN E 79 -1.33 -49.35 -36.76
N PRO E 80 -1.20 -48.73 -37.95
CA PRO E 80 0.13 -48.81 -38.59
C PRO E 80 1.18 -47.96 -37.79
N GLU E 81 0.72 -47.02 -36.94
CA GLU E 81 1.67 -46.23 -36.13
C GLU E 81 1.92 -46.97 -34.81
N ASP E 82 1.81 -48.29 -34.87
CA ASP E 82 2.01 -49.09 -33.68
C ASP E 82 3.10 -50.08 -33.95
N VAL E 83 3.60 -50.04 -35.17
CA VAL E 83 4.70 -50.92 -35.58
C VAL E 83 5.86 -50.38 -34.77
N ALA E 84 6.49 -51.25 -33.99
CA ALA E 84 7.62 -50.83 -33.15
C ALA E 84 8.09 -52.00 -32.30
N THR E 85 9.01 -51.73 -31.39
CA THR E 85 9.52 -52.74 -30.50
C THR E 85 8.93 -52.39 -29.17
N TYR E 86 8.67 -53.40 -28.36
CA TYR E 86 8.04 -53.17 -27.07
C TYR E 86 8.86 -53.77 -25.97
N PHE E 87 8.99 -52.97 -24.92
CA PHE E 87 9.77 -53.36 -23.77
C PHE E 87 9.04 -53.35 -22.47
N CYS E 88 9.35 -54.42 -21.76
CA CYS E 88 8.82 -54.72 -20.45
C CYS E 88 9.84 -54.26 -19.38
N LEU E 89 9.36 -53.62 -18.32
CA LEU E 89 10.26 -53.15 -17.29
C LEU E 89 9.89 -53.47 -15.85
N GLN E 90 10.71 -54.25 -15.15
CA GLN E 90 10.49 -54.64 -13.73
C GLN E 90 11.12 -53.61 -12.78
N HIS E 91 10.36 -53.01 -11.90
CA HIS E 91 11.02 -52.06 -11.02
C HIS E 91 10.63 -52.09 -9.56
N ILE E 92 10.58 -53.29 -9.00
CA ILE E 92 10.24 -53.43 -7.60
C ILE E 92 11.59 -53.32 -6.85
N SER E 93 12.61 -53.90 -7.47
CA SER E 93 13.97 -53.95 -6.96
C SER E 93 15.05 -53.35 -7.84
N ARG E 94 16.13 -52.89 -7.21
CA ARG E 94 17.28 -52.43 -7.95
C ARG E 94 18.13 -53.72 -8.13
N PRO E 95 18.78 -53.89 -9.28
CA PRO E 95 18.74 -52.99 -10.42
C PRO E 95 17.40 -53.21 -11.13
N ARG E 96 16.88 -52.14 -11.75
CA ARG E 96 15.69 -52.22 -12.54
C ARG E 96 16.08 -52.98 -13.79
N THR E 97 15.28 -53.95 -14.19
CA THR E 97 15.60 -54.69 -15.37
C THR E 97 14.51 -54.64 -16.45
N PHE E 98 14.93 -54.62 -17.72
CA PHE E 98 14.04 -54.59 -18.89
C PHE E 98 13.89 -56.00 -19.50
N GLY E 99 12.83 -56.21 -20.30
CA GLY E 99 12.62 -57.49 -20.97
C GLY E 99 13.35 -57.51 -22.29
N THR E 100 13.44 -58.69 -22.90
CA THR E 100 14.15 -58.85 -24.16
C THR E 100 13.57 -58.11 -25.36
N GLY E 101 12.32 -57.68 -25.24
CA GLY E 101 11.64 -56.93 -26.29
C GLY E 101 10.89 -57.70 -27.37
N THR E 102 9.84 -57.09 -27.90
CA THR E 102 9.07 -57.73 -28.98
C THR E 102 8.88 -56.73 -30.12
N LYS E 103 9.14 -57.20 -31.33
CA LYS E 103 8.99 -56.39 -32.52
C LYS E 103 7.65 -56.75 -33.19
N LEU E 104 6.80 -55.74 -33.26
CA LEU E 104 5.48 -55.82 -33.86
C LEU E 104 5.52 -55.39 -35.34
N GLU E 105 5.36 -56.35 -36.25
CA GLU E 105 5.35 -56.08 -37.67
C GLU E 105 3.89 -56.04 -38.16
N LEU E 106 3.63 -55.22 -39.17
CA LEU E 106 2.28 -55.01 -39.70
C LEU E 106 1.82 -55.51 -41.07
N LYS E 107 1.17 -56.68 -41.13
CA LYS E 107 0.65 -57.31 -42.37
C LYS E 107 0.15 -56.43 -43.50
N ARG E 108 0.55 -56.84 -44.70
CA ARG E 108 0.24 -56.16 -45.94
C ARG E 108 -0.04 -57.13 -47.08
N ALA E 109 -0.55 -56.49 -48.13
CA ALA E 109 -0.84 -57.14 -49.38
C ALA E 109 0.52 -57.21 -50.04
N ASN E 110 0.73 -58.23 -50.84
CA ASN E 110 2.00 -58.34 -51.48
C ASN E 110 2.30 -57.13 -52.30
N ALA E 111 3.59 -56.85 -52.42
CA ALA E 111 4.10 -55.73 -53.22
C ALA E 111 5.41 -56.18 -53.85
N ALA E 112 5.48 -56.11 -55.16
CA ALA E 112 6.74 -56.53 -55.79
C ALA E 112 7.58 -55.31 -55.69
N PRO E 113 8.88 -55.49 -55.62
CA PRO E 113 9.78 -54.34 -55.52
C PRO E 113 10.10 -53.67 -56.83
N THR E 114 10.43 -52.40 -56.72
CA THR E 114 10.92 -51.61 -57.82
C THR E 114 12.46 -51.72 -57.68
N VAL E 115 13.14 -52.24 -58.68
CA VAL E 115 14.59 -52.45 -58.62
C VAL E 115 15.25 -51.43 -59.48
N SER E 116 16.46 -51.08 -59.05
CA SER E 116 17.18 -49.98 -59.72
C SER E 116 18.69 -50.22 -59.58
N ILE E 117 19.45 -50.07 -60.64
CA ILE E 117 20.90 -50.31 -60.58
C ILE E 117 21.68 -49.04 -60.97
N PHE E 118 22.76 -48.77 -60.26
CA PHE E 118 23.55 -47.59 -60.50
C PHE E 118 25.01 -47.97 -60.63
N PRO E 119 25.62 -47.60 -61.78
CA PRO E 119 27.02 -47.85 -62.09
C PRO E 119 27.82 -46.88 -61.23
N PRO E 120 29.10 -47.11 -61.09
CA PRO E 120 29.89 -46.18 -60.27
C PRO E 120 29.89 -44.72 -60.76
N SER E 121 30.13 -43.81 -59.85
CA SER E 121 30.19 -42.37 -60.11
C SER E 121 31.57 -42.06 -60.77
N THR E 122 31.64 -41.10 -61.71
CA THR E 122 32.92 -40.81 -62.35
C THR E 122 33.87 -40.36 -61.24
N GLU E 123 33.33 -39.73 -60.20
CA GLU E 123 34.16 -39.28 -59.08
C GLU E 123 34.78 -40.46 -58.30
N GLN E 124 33.97 -41.43 -57.88
CA GLN E 124 34.51 -42.57 -57.11
C GLN E 124 35.61 -43.27 -57.91
N LEU E 125 35.45 -43.30 -59.23
CA LEU E 125 36.43 -43.92 -60.15
C LEU E 125 37.73 -43.16 -60.17
N ALA E 126 37.62 -41.85 -60.36
CA ALA E 126 38.74 -40.95 -60.40
C ALA E 126 39.59 -41.15 -59.15
N THR E 127 39.20 -42.06 -58.27
CA THR E 127 39.97 -42.35 -57.04
C THR E 127 40.22 -43.86 -56.97
N GLY E 128 40.10 -44.52 -58.12
CA GLY E 128 40.37 -45.94 -58.25
C GLY E 128 39.48 -46.90 -57.54
N GLY E 129 38.36 -46.42 -57.05
CA GLY E 129 37.42 -47.28 -56.38
C GLY E 129 36.18 -47.36 -57.26
N ALA E 130 35.31 -48.32 -56.97
CA ALA E 130 34.13 -48.47 -57.77
C ALA E 130 33.06 -49.29 -57.02
N SER E 131 31.95 -48.66 -56.61
CA SER E 131 30.89 -49.42 -55.93
C SER E 131 29.70 -49.37 -56.89
N VAL E 132 29.07 -50.51 -57.15
CA VAL E 132 27.90 -50.59 -58.02
C VAL E 132 26.84 -50.70 -57.01
N VAL E 133 25.73 -50.02 -57.26
CA VAL E 133 24.64 -50.01 -56.25
C VAL E 133 23.33 -50.53 -56.80
N CYS E 134 22.58 -51.25 -55.98
CA CYS E 134 21.25 -51.77 -56.41
C CYS E 134 20.22 -51.49 -55.32
N LEU E 135 19.25 -50.63 -55.64
CA LEU E 135 18.29 -50.26 -54.62
C LEU E 135 17.10 -51.15 -55.05
N MET E 136 16.61 -51.86 -54.06
CA MET E 136 15.57 -52.81 -54.23
C MET E 136 14.48 -52.32 -53.28
N ASN E 137 13.55 -51.52 -53.81
CA ASN E 137 12.55 -50.87 -52.96
C ASN E 137 11.07 -51.21 -52.90
N LYS E 138 10.48 -50.82 -51.75
CA LYS E 138 9.09 -50.95 -51.44
C LYS E 138 8.42 -52.28 -51.70
N PHE E 139 8.96 -53.32 -51.07
CA PHE E 139 8.47 -54.68 -51.24
C PHE E 139 7.87 -55.31 -50.00
N TYR E 140 7.15 -56.40 -50.20
CA TYR E 140 6.55 -57.14 -49.11
C TYR E 140 6.11 -58.49 -49.64
N PRO E 141 6.32 -59.58 -48.89
CA PRO E 141 6.97 -59.68 -47.56
C PRO E 141 8.48 -59.44 -47.52
N ARG E 142 9.00 -59.37 -46.30
CA ARG E 142 10.41 -59.14 -46.07
C ARG E 142 11.36 -60.13 -46.70
N ASP E 143 10.93 -61.35 -46.97
CA ASP E 143 11.86 -62.29 -47.52
C ASP E 143 12.12 -61.97 -48.92
N ILE E 144 13.40 -61.96 -49.26
CA ILE E 144 13.85 -61.63 -50.60
C ILE E 144 15.33 -61.98 -50.72
N SER E 145 15.85 -62.06 -51.92
CA SER E 145 17.27 -62.35 -52.06
C SER E 145 17.77 -61.57 -53.27
N VAL E 146 18.99 -61.08 -53.15
CA VAL E 146 19.60 -60.33 -54.25
C VAL E 146 20.92 -60.97 -54.61
N LYS E 147 21.25 -61.03 -55.88
CA LYS E 147 22.54 -61.56 -56.30
C LYS E 147 23.17 -60.70 -57.37
N TRP E 148 24.47 -60.48 -57.26
CA TRP E 148 25.19 -59.73 -58.25
C TRP E 148 25.81 -60.71 -59.20
N LYS E 149 26.02 -60.29 -60.43
CA LYS E 149 26.64 -61.17 -61.40
C LYS E 149 27.35 -60.33 -62.41
N ILE E 150 28.67 -60.49 -62.45
CA ILE E 150 29.47 -59.74 -63.40
C ILE E 150 29.63 -60.67 -64.58
N ASP E 151 29.13 -60.25 -65.71
CA ASP E 151 29.21 -61.07 -66.92
C ASP E 151 28.55 -62.44 -66.66
N GLY E 152 27.31 -62.42 -66.18
CA GLY E 152 26.62 -63.67 -65.94
C GLY E 152 27.14 -64.52 -64.81
N THR E 153 28.25 -64.12 -64.18
CA THR E 153 28.78 -64.90 -63.05
C THR E 153 28.45 -64.40 -61.63
N GLU E 154 27.68 -65.18 -60.86
CA GLU E 154 27.33 -64.82 -59.49
C GLU E 154 28.62 -64.32 -58.86
N ARG E 155 28.50 -63.34 -57.96
CA ARG E 155 29.68 -62.74 -57.34
C ARG E 155 29.60 -62.51 -55.83
N ASN E 156 30.77 -62.33 -55.19
CA ASN E 156 30.78 -62.05 -53.76
C ASN E 156 31.94 -61.29 -53.08
N GLY E 157 31.61 -60.04 -52.77
CA GLY E 157 32.42 -59.02 -52.12
C GLY E 157 31.34 -57.94 -51.86
N VAL E 158 30.13 -58.44 -51.70
CA VAL E 158 28.88 -57.71 -51.49
C VAL E 158 28.50 -57.28 -50.08
N LEU E 159 27.61 -56.30 -50.00
CA LEU E 159 27.15 -55.73 -48.75
C LEU E 159 25.65 -55.42 -48.86
N ASN E 160 24.87 -55.98 -47.96
CA ASN E 160 23.44 -55.77 -47.96
C ASN E 160 22.97 -54.99 -46.75
N SER E 161 21.81 -54.36 -46.89
CA SER E 161 21.23 -53.60 -45.83
C SER E 161 19.70 -53.52 -46.10
N VAL E 162 18.86 -53.76 -45.08
CA VAL E 162 17.42 -53.71 -45.22
C VAL E 162 16.86 -52.78 -44.19
N THR E 163 15.93 -51.94 -44.59
CA THR E 163 15.35 -51.00 -43.67
C THR E 163 14.37 -51.72 -42.81
N ASP E 164 13.64 -50.92 -42.04
CA ASP E 164 12.63 -51.44 -41.15
C ASP E 164 11.36 -51.13 -41.91
N GLN E 165 10.27 -51.74 -41.49
CA GLN E 165 8.98 -51.57 -42.17
C GLN E 165 8.63 -50.10 -42.23
N ASP E 166 8.34 -49.59 -43.43
CA ASP E 166 8.02 -48.18 -43.59
C ASP E 166 6.68 -47.76 -42.98
N SER E 167 6.68 -46.70 -42.19
CA SER E 167 5.45 -46.26 -41.54
C SER E 167 4.37 -45.76 -42.48
N ALA E 168 4.68 -45.62 -43.76
CA ALA E 168 3.73 -45.10 -44.76
C ALA E 168 3.04 -46.12 -45.65
N ASP E 169 3.71 -47.22 -45.97
CA ASP E 169 3.08 -48.20 -46.84
C ASP E 169 3.43 -49.57 -46.36
N SER E 170 4.02 -49.61 -45.19
CA SER E 170 4.37 -50.88 -44.59
C SER E 170 5.24 -51.78 -45.47
N THR E 171 6.01 -51.21 -46.39
CA THR E 171 6.87 -52.03 -47.22
C THR E 171 8.28 -52.08 -46.62
N TYR E 172 9.17 -52.84 -47.25
CA TYR E 172 10.57 -52.93 -46.85
C TYR E 172 11.40 -52.55 -48.06
N SER E 173 12.56 -51.96 -47.82
CA SER E 173 13.46 -51.60 -48.90
C SER E 173 14.83 -52.19 -48.59
N MET E 174 15.58 -52.45 -49.64
CA MET E 174 16.89 -53.02 -49.44
C MET E 174 17.91 -52.40 -50.37
N SER E 175 19.12 -52.34 -49.88
CA SER E 175 20.21 -51.78 -50.62
C SER E 175 21.31 -52.79 -50.61
N SER E 176 21.85 -53.09 -51.78
CA SER E 176 22.97 -54.01 -51.90
C SER E 176 24.08 -53.32 -52.68
N THR E 177 25.30 -53.47 -52.15
CA THR E 177 26.55 -52.86 -52.66
C THR E 177 27.60 -53.81 -53.18
N LEU E 178 28.21 -53.51 -54.34
CA LEU E 178 29.23 -54.40 -54.89
C LEU E 178 30.47 -53.54 -55.12
N SER E 179 31.43 -53.65 -54.20
CA SER E 179 32.67 -52.90 -54.28
C SER E 179 33.81 -53.62 -54.98
N LEU E 180 34.37 -52.98 -55.98
CA LEU E 180 35.49 -53.52 -56.76
C LEU E 180 36.55 -52.42 -56.94
N THR E 181 37.73 -52.82 -57.41
CA THR E 181 38.81 -51.87 -57.63
C THR E 181 38.47 -51.32 -58.99
N LYS E 182 38.97 -50.13 -59.33
CA LYS E 182 38.70 -49.56 -60.65
C LYS E 182 39.18 -50.53 -61.74
N ALA E 183 40.40 -51.06 -61.56
CA ALA E 183 41.00 -52.00 -62.51
C ALA E 183 40.07 -53.17 -62.82
N ASP E 184 39.66 -53.89 -61.78
CA ASP E 184 38.77 -55.03 -61.98
C ASP E 184 37.41 -54.59 -62.53
N TYR E 185 36.91 -53.45 -62.09
CA TYR E 185 35.64 -52.97 -62.61
C TYR E 185 35.77 -52.79 -64.11
N GLN E 186 36.94 -52.36 -64.57
CA GLN E 186 37.13 -52.14 -66.00
C GLN E 186 37.38 -53.38 -66.88
N SER E 187 37.78 -54.50 -66.29
CA SER E 187 38.02 -55.67 -67.12
C SER E 187 36.77 -56.56 -67.23
N HIS E 188 35.61 -55.98 -67.00
CA HIS E 188 34.35 -56.71 -67.18
C HIS E 188 33.38 -55.76 -67.86
N ASN E 189 32.22 -56.29 -68.27
CA ASN E 189 31.22 -55.48 -69.01
C ASN E 189 29.75 -55.41 -68.55
N LEU E 190 29.13 -56.55 -68.26
CA LEU E 190 27.73 -56.51 -67.86
C LEU E 190 27.51 -56.85 -66.38
N TYR E 191 27.11 -55.83 -65.64
CA TYR E 191 26.87 -55.97 -64.22
C TYR E 191 25.39 -56.22 -63.99
N THR E 192 25.09 -57.06 -63.01
CA THR E 192 23.71 -57.37 -62.82
C THR E 192 23.23 -57.59 -61.40
N CYS E 193 22.00 -57.11 -61.19
CA CYS E 193 21.33 -57.22 -59.91
C CYS E 193 20.10 -58.06 -60.21
N GLN E 194 20.02 -59.22 -59.58
CA GLN E 194 18.92 -60.11 -59.83
C GLN E 194 18.30 -60.29 -58.49
N VAL E 195 16.99 -60.04 -58.41
CA VAL E 195 16.32 -60.22 -57.14
C VAL E 195 15.25 -61.22 -57.37
N VAL E 196 15.02 -62.01 -56.35
CA VAL E 196 14.03 -63.07 -56.40
C VAL E 196 13.13 -62.77 -55.22
N HIS E 197 11.86 -62.47 -55.49
CA HIS E 197 10.96 -62.20 -54.39
C HIS E 197 10.06 -63.40 -54.24
N LYS E 198 10.53 -64.34 -53.40
CA LYS E 198 9.78 -65.56 -53.11
C LYS E 198 8.38 -65.07 -52.86
N THR E 199 7.66 -64.87 -53.97
CA THR E 199 6.30 -64.40 -54.00
C THR E 199 6.21 -63.60 -55.28
N SER E 200 5.61 -62.43 -55.17
CA SER E 200 5.44 -61.51 -56.28
C SER E 200 5.67 -61.97 -57.72
N SER E 201 6.75 -62.69 -58.01
CA SER E 201 6.98 -63.14 -59.37
C SER E 201 7.89 -64.32 -59.41
N SER E 202 7.79 -65.10 -60.49
CA SER E 202 8.65 -66.29 -60.68
C SER E 202 9.86 -66.03 -61.56
N PRO E 203 9.67 -65.38 -62.72
CA PRO E 203 10.76 -65.08 -63.64
C PRO E 203 11.87 -64.20 -63.07
N VAL E 204 11.84 -63.93 -61.77
CA VAL E 204 12.88 -63.12 -61.13
C VAL E 204 13.15 -61.76 -61.78
N VAL E 205 13.66 -60.82 -60.99
CA VAL E 205 13.86 -59.51 -61.53
C VAL E 205 15.32 -59.20 -61.70
N ALA E 206 15.65 -58.77 -62.92
CA ALA E 206 17.00 -58.48 -63.27
C ALA E 206 17.17 -57.09 -63.86
N LYS E 207 18.19 -56.36 -63.40
CA LYS E 207 18.52 -55.04 -63.94
C LYS E 207 20.03 -55.06 -64.13
N ASN E 208 20.47 -54.55 -65.30
CA ASN E 208 21.90 -54.47 -65.65
C ASN E 208 22.21 -53.29 -66.49
N PHE E 209 23.51 -53.09 -66.64
CA PHE E 209 24.02 -52.04 -67.47
C PHE E 209 25.30 -52.69 -67.92
N ASN E 210 25.71 -52.27 -69.11
CA ASN E 210 26.93 -52.72 -69.72
C ASN E 210 27.82 -51.53 -69.60
N ARG E 211 28.87 -51.73 -68.80
CA ARG E 211 29.87 -50.74 -68.47
C ARG E 211 30.25 -49.89 -69.65
N ASN E 212 30.41 -50.55 -70.78
CA ASN E 212 30.76 -49.90 -72.03
C ASN E 212 29.57 -49.15 -72.58
N GLU E 213 28.86 -48.47 -71.69
CA GLU E 213 27.67 -47.72 -72.09
C GLU E 213 26.79 -48.72 -72.83
N CYS E 214 25.95 -49.44 -72.10
CA CYS E 214 25.02 -50.43 -72.68
C CYS E 214 24.74 -50.29 -74.20
N GLU F 1 9.33 -31.72 -17.37
CA GLU F 1 8.82 -32.63 -18.43
C GLU F 1 9.31 -32.19 -19.79
N VAL F 2 8.73 -31.11 -20.29
CA VAL F 2 9.08 -30.56 -21.58
C VAL F 2 10.36 -31.19 -22.19
N LYS F 3 11.55 -30.82 -21.73
CA LYS F 3 12.74 -31.40 -22.37
C LYS F 3 13.97 -31.84 -21.59
N LEU F 4 14.53 -32.95 -22.05
CA LEU F 4 15.75 -33.56 -21.48
C LEU F 4 16.76 -33.63 -22.61
N LEU F 5 17.91 -33.00 -22.45
CA LEU F 5 18.89 -32.99 -23.52
C LEU F 5 20.27 -33.45 -23.10
N GLU F 6 20.74 -34.56 -23.69
CA GLU F 6 22.09 -35.04 -23.38
C GLU F 6 23.09 -34.47 -24.39
N SER F 7 24.35 -34.35 -23.96
CA SER F 7 25.47 -33.88 -24.80
C SER F 7 26.68 -34.55 -24.22
N GLY F 8 27.70 -34.74 -25.03
CA GLY F 8 28.89 -35.41 -24.51
C GLY F 8 29.48 -36.20 -25.62
N GLY F 9 30.80 -36.11 -25.74
CA GLY F 9 31.50 -36.78 -26.82
C GLY F 9 31.06 -38.18 -27.21
N GLY F 10 31.61 -38.63 -28.34
CA GLY F 10 31.33 -39.94 -28.87
C GLY F 10 32.49 -40.89 -29.08
N LEU F 11 33.55 -40.50 -29.76
CA LEU F 11 34.64 -41.48 -29.93
C LEU F 11 35.74 -41.34 -28.86
N VAL F 12 35.97 -42.45 -28.16
CA VAL F 12 36.95 -42.55 -27.11
C VAL F 12 37.69 -43.88 -27.16
N GLN F 13 38.97 -43.85 -26.81
CA GLN F 13 39.77 -45.06 -26.84
C GLN F 13 39.65 -45.87 -25.56
N PRO F 14 39.82 -47.20 -25.65
CA PRO F 14 39.72 -48.07 -24.49
C PRO F 14 40.52 -47.54 -23.31
N GLY F 15 40.04 -47.77 -22.10
CA GLY F 15 40.72 -47.30 -20.90
C GLY F 15 40.43 -45.86 -20.52
N GLY F 16 40.05 -45.05 -21.51
CA GLY F 16 39.78 -43.64 -21.23
C GLY F 16 38.63 -43.47 -20.30
N SER F 17 38.21 -42.23 -20.13
CA SER F 17 37.09 -41.93 -19.25
C SER F 17 36.28 -40.88 -20.00
N MET F 18 35.01 -40.74 -19.71
CA MET F 18 34.18 -39.76 -20.38
C MET F 18 33.11 -39.19 -19.53
N ARG F 19 32.70 -37.98 -19.85
CA ARG F 19 31.66 -37.32 -19.10
C ARG F 19 30.48 -36.88 -19.92
N LEU F 20 29.35 -37.59 -19.83
CA LEU F 20 28.16 -37.14 -20.56
C LEU F 20 27.44 -36.17 -19.64
N SER F 21 26.63 -35.29 -20.18
CA SER F 21 25.90 -34.37 -19.34
C SER F 21 24.51 -34.32 -19.91
N CYS F 22 23.56 -34.10 -19.02
CA CYS F 22 22.17 -34.02 -19.37
C CYS F 22 21.57 -32.75 -18.83
N ALA F 23 20.81 -32.05 -19.66
CA ALA F 23 20.17 -30.82 -19.21
C ALA F 23 18.65 -30.95 -19.23
N GLY F 24 18.02 -30.35 -18.22
CA GLY F 24 16.59 -30.43 -18.11
C GLY F 24 15.85 -29.11 -18.13
N SER F 25 14.95 -29.00 -19.08
CA SER F 25 14.14 -27.81 -19.28
C SER F 25 12.66 -28.09 -18.94
N GLY F 26 11.93 -27.09 -18.47
CA GLY F 26 10.52 -27.27 -18.20
C GLY F 26 10.00 -27.94 -16.95
N PHE F 27 10.80 -28.00 -15.89
CA PHE F 27 10.35 -28.62 -14.64
C PHE F 27 11.39 -28.43 -13.54
N THR F 28 10.96 -28.55 -12.29
CA THR F 28 11.89 -28.37 -11.19
C THR F 28 12.86 -29.56 -11.04
N PHE F 29 14.00 -29.40 -11.72
CA PHE F 29 15.07 -30.36 -11.72
C PHE F 29 15.23 -31.02 -10.34
N THR F 30 15.49 -30.19 -9.34
CA THR F 30 15.68 -30.61 -7.94
C THR F 30 14.60 -31.46 -7.25
N ASP F 31 13.37 -31.46 -7.76
CA ASP F 31 12.32 -32.25 -7.14
C ASP F 31 12.23 -33.68 -7.67
N PHE F 32 13.10 -34.04 -8.62
CA PHE F 32 13.07 -35.37 -9.21
C PHE F 32 14.33 -36.23 -9.08
N TYR F 33 14.15 -37.55 -9.17
CA TYR F 33 15.27 -38.47 -9.21
C TYR F 33 15.61 -38.34 -10.69
N MET F 34 16.81 -38.74 -11.10
CA MET F 34 17.21 -38.66 -12.51
C MET F 34 18.00 -39.91 -12.74
N ASN F 35 17.85 -40.50 -13.92
CA ASN F 35 18.48 -41.76 -14.27
C ASN F 35 19.29 -41.76 -15.54
N TRP F 36 20.22 -42.70 -15.67
CA TRP F 36 20.99 -42.83 -16.89
C TRP F 36 20.64 -44.23 -17.27
N ILE F 37 20.35 -44.40 -18.54
CA ILE F 37 20.00 -45.70 -19.07
C ILE F 37 20.79 -45.78 -20.33
N ARG F 38 21.31 -46.96 -20.61
CA ARG F 38 22.03 -47.10 -21.86
C ARG F 38 21.51 -48.28 -22.65
N GLN F 39 21.66 -48.22 -23.96
CA GLN F 39 21.18 -49.27 -24.80
C GLN F 39 22.11 -49.50 -25.94
N PRO F 40 22.71 -50.70 -25.98
CA PRO F 40 23.64 -51.09 -27.05
C PRO F 40 22.78 -51.30 -28.29
N ALA F 41 23.24 -50.87 -29.45
CA ALA F 41 22.46 -51.08 -30.67
C ALA F 41 22.01 -52.55 -30.82
N GLY F 42 20.74 -52.72 -31.16
CA GLY F 42 20.20 -54.05 -31.33
C GLY F 42 19.89 -54.81 -30.06
N LYS F 43 19.73 -54.10 -28.95
CA LYS F 43 19.42 -54.75 -27.68
C LYS F 43 18.59 -53.89 -26.74
N ALA F 44 18.09 -54.51 -25.67
CA ALA F 44 17.25 -53.82 -24.71
C ALA F 44 18.00 -52.80 -23.85
N PRO F 45 17.29 -51.81 -23.29
CA PRO F 45 17.93 -50.80 -22.44
C PRO F 45 18.58 -51.51 -21.24
N GLU F 46 19.51 -50.80 -20.60
CA GLU F 46 20.17 -51.30 -19.42
C GLU F 46 20.23 -50.17 -18.42
N TRP F 47 19.54 -50.31 -17.30
CA TRP F 47 19.53 -49.24 -16.29
C TRP F 47 20.90 -49.12 -15.61
N LEU F 48 21.42 -47.89 -15.52
CA LEU F 48 22.74 -47.63 -14.93
C LEU F 48 22.69 -47.18 -13.48
N GLY F 49 21.85 -46.19 -13.19
CA GLY F 49 21.74 -45.71 -11.84
C GLY F 49 20.93 -44.45 -11.82
N PHE F 50 20.82 -43.84 -10.66
CA PHE F 50 20.09 -42.59 -10.50
C PHE F 50 20.60 -41.76 -9.32
N ILE F 51 20.20 -40.51 -9.27
CA ILE F 51 20.60 -39.64 -8.16
C ILE F 51 19.28 -39.17 -7.58
N ARG F 52 19.12 -39.27 -6.26
CA ARG F 52 17.86 -38.90 -5.63
C ARG F 52 17.41 -37.43 -5.60
N ASP F 53 16.29 -37.20 -4.93
CA ASP F 53 15.67 -35.86 -4.74
C ASP F 53 16.69 -34.91 -4.13
N LYS F 54 16.17 -33.79 -3.67
CA LYS F 54 16.98 -32.81 -2.97
C LYS F 54 16.62 -33.20 -1.54
N ALA F 55 15.38 -33.70 -1.43
CA ALA F 55 14.77 -34.15 -0.18
C ALA F 55 15.38 -35.43 0.34
N LYS F 56 15.83 -36.31 -0.54
CA LYS F 56 16.44 -37.56 -0.12
C LYS F 56 17.91 -37.36 0.00
N GLY F 57 18.35 -36.12 -0.23
CA GLY F 57 19.76 -35.75 -0.13
C GLY F 57 20.67 -35.92 -1.34
N TYR F 58 20.12 -36.09 -2.54
CA TYR F 58 20.95 -36.27 -3.73
C TYR F 58 21.90 -37.51 -3.64
N THR F 59 21.44 -38.58 -3.02
CA THR F 59 22.26 -39.76 -2.93
C THR F 59 22.18 -40.59 -4.23
N THR F 60 23.02 -41.60 -4.41
CA THR F 60 22.98 -42.32 -5.66
C THR F 60 23.03 -43.82 -5.53
N GLU F 61 22.41 -44.52 -6.46
CA GLU F 61 22.45 -45.98 -6.48
C GLU F 61 22.89 -46.38 -7.91
N TYR F 62 23.62 -47.49 -8.06
CA TYR F 62 24.09 -47.90 -9.36
C TYR F 62 23.88 -49.33 -9.58
N ASN F 63 23.76 -49.68 -10.84
CA ASN F 63 23.58 -51.04 -11.21
C ASN F 63 24.93 -51.69 -10.94
N PRO F 64 24.94 -52.79 -10.19
CA PRO F 64 26.20 -53.48 -9.90
C PRO F 64 27.00 -53.83 -11.16
N SER F 65 26.31 -54.02 -12.28
CA SER F 65 26.97 -54.38 -13.53
C SER F 65 28.04 -53.39 -13.90
N VAL F 66 27.87 -52.14 -13.54
CA VAL F 66 28.86 -51.10 -13.88
C VAL F 66 29.60 -50.52 -12.68
N LYS F 67 28.87 -50.41 -11.57
CA LYS F 67 29.37 -49.83 -10.31
C LYS F 67 30.90 -49.87 -10.10
N GLY F 68 31.38 -48.75 -9.60
CA GLY F 68 32.79 -48.58 -9.37
C GLY F 68 33.31 -47.67 -10.47
N ARG F 69 32.94 -47.96 -11.71
CA ARG F 69 33.41 -47.16 -12.84
C ARG F 69 32.61 -45.90 -13.17
N PHE F 70 31.29 -45.94 -12.95
CA PHE F 70 30.46 -44.80 -13.28
C PHE F 70 30.08 -44.13 -11.99
N THR F 71 29.83 -42.84 -12.05
CA THR F 71 29.43 -41.98 -10.94
C THR F 71 28.39 -41.00 -11.53
N ILE F 72 27.47 -40.53 -10.73
CA ILE F 72 26.43 -39.62 -11.23
C ILE F 72 26.41 -38.42 -10.33
N SER F 73 26.22 -37.23 -10.88
CA SER F 73 26.20 -36.05 -10.05
C SER F 73 25.30 -34.99 -10.65
N ARG F 74 24.88 -34.04 -9.83
CA ARG F 74 23.99 -32.98 -10.32
C ARG F 74 24.66 -31.65 -10.08
N ASP F 75 24.06 -30.60 -10.64
CA ASP F 75 24.56 -29.24 -10.52
C ASP F 75 23.28 -28.44 -10.42
N ASN F 76 22.46 -28.80 -9.44
CA ASN F 76 21.17 -28.18 -9.20
C ASN F 76 21.07 -26.67 -9.50
N THR F 77 22.20 -25.99 -9.43
CA THR F 77 22.24 -24.55 -9.68
C THR F 77 21.91 -24.21 -11.15
N GLN F 78 22.17 -25.15 -12.06
CA GLN F 78 21.89 -24.95 -13.47
C GLN F 78 21.27 -26.15 -14.20
N ASN F 79 20.45 -26.92 -13.45
CA ASN F 79 19.74 -28.09 -13.98
C ASN F 79 20.55 -29.00 -14.88
N MET F 80 21.70 -29.48 -14.39
CA MET F 80 22.53 -30.38 -15.19
C MET F 80 22.68 -31.62 -14.36
N LEU F 81 22.87 -32.74 -15.04
CA LEU F 81 23.09 -34.02 -14.39
C LEU F 81 24.29 -34.46 -15.16
N TYR F 82 25.15 -35.27 -14.55
CA TYR F 82 26.32 -35.77 -15.26
C TYR F 82 26.47 -37.23 -15.00
N LEU F 83 27.11 -37.91 -15.94
CA LEU F 83 27.44 -39.32 -15.81
C LEU F 83 28.90 -39.32 -16.15
N GLN F 84 29.71 -39.74 -15.21
CA GLN F 84 31.15 -39.82 -15.34
C GLN F 84 31.53 -41.27 -15.50
N MET F 85 32.07 -41.64 -16.65
CA MET F 85 32.47 -43.04 -16.86
C MET F 85 33.96 -43.23 -16.88
N ASN F 86 34.48 -44.21 -16.16
CA ASN F 86 35.92 -44.44 -16.14
C ASN F 86 36.28 -45.82 -16.64
N THR F 87 37.50 -45.96 -17.12
CA THR F 87 37.95 -47.24 -17.62
C THR F 87 36.97 -47.76 -18.65
N LEU F 88 36.64 -46.90 -19.61
CA LEU F 88 35.74 -47.28 -20.67
C LEU F 88 36.32 -48.46 -21.39
N ARG F 89 35.47 -49.46 -21.61
CA ARG F 89 35.82 -50.71 -22.23
C ARG F 89 35.04 -50.76 -23.56
N ALA F 90 35.23 -51.81 -24.37
CA ALA F 90 34.55 -51.90 -25.66
C ALA F 90 33.04 -52.08 -25.57
N GLU F 91 32.58 -52.89 -24.62
CA GLU F 91 31.13 -53.16 -24.46
C GLU F 91 30.37 -52.01 -23.84
N ASP F 92 31.04 -50.90 -23.62
CA ASP F 92 30.35 -49.75 -23.07
C ASP F 92 29.80 -48.91 -24.24
N THR F 93 30.09 -49.37 -25.46
CA THR F 93 29.66 -48.71 -26.70
C THR F 93 28.16 -48.81 -26.77
N ALA F 94 27.46 -47.68 -26.70
CA ALA F 94 25.99 -47.65 -26.75
C ALA F 94 25.41 -46.27 -26.71
N THR F 95 24.09 -46.20 -26.80
CA THR F 95 23.41 -44.92 -26.72
C THR F 95 23.06 -44.72 -25.26
N TYR F 96 23.35 -43.51 -24.75
CA TYR F 96 23.09 -43.23 -23.36
C TYR F 96 22.02 -42.19 -23.26
N TYR F 97 21.08 -42.42 -22.35
CA TYR F 97 19.96 -41.53 -22.19
C TYR F 97 19.80 -41.15 -20.77
N CYS F 98 19.48 -39.91 -20.49
CA CYS F 98 19.16 -39.58 -19.13
C CYS F 98 17.61 -39.67 -19.19
N ALA F 99 16.97 -39.97 -18.06
CA ALA F 99 15.52 -40.09 -18.01
C ALA F 99 14.99 -39.66 -16.66
N ARG F 100 14.06 -38.73 -16.67
CA ARG F 100 13.49 -38.26 -15.43
C ARG F 100 12.74 -39.41 -14.81
N GLU F 101 12.78 -39.53 -13.48
CA GLU F 101 12.08 -40.63 -12.79
C GLU F 101 10.58 -40.37 -12.79
N GLY F 102 10.19 -39.34 -12.06
CA GLY F 102 8.81 -38.97 -12.03
C GLY F 102 8.06 -39.29 -10.76
N HIS F 103 6.83 -38.77 -10.71
CA HIS F 103 5.88 -38.96 -9.61
C HIS F 103 4.73 -39.72 -10.30
N THR F 104 4.19 -40.73 -9.63
CA THR F 104 3.10 -41.54 -10.21
C THR F 104 3.58 -42.14 -11.54
N ALA F 105 3.45 -41.39 -12.63
CA ALA F 105 3.91 -41.83 -13.96
C ALA F 105 5.42 -42.01 -13.81
N ALA F 106 5.84 -43.23 -13.49
CA ALA F 106 7.25 -43.49 -13.25
C ALA F 106 7.51 -44.96 -13.07
N PRO F 107 8.78 -45.39 -13.23
CA PRO F 107 9.96 -44.61 -13.60
C PRO F 107 10.13 -44.34 -15.11
N PHE F 108 10.88 -43.29 -15.40
CA PHE F 108 11.21 -42.92 -16.80
C PHE F 108 10.04 -42.33 -17.57
N ASP F 109 9.42 -41.29 -17.03
CA ASP F 109 8.29 -40.68 -17.75
C ASP F 109 8.79 -39.89 -18.94
N TYR F 110 10.04 -39.46 -18.89
CA TYR F 110 10.62 -38.68 -19.98
C TYR F 110 12.08 -38.99 -20.23
N TRP F 111 12.38 -39.30 -21.47
CA TRP F 111 13.73 -39.62 -21.84
C TRP F 111 14.31 -38.47 -22.65
N GLY F 112 15.60 -38.57 -22.93
CA GLY F 112 16.27 -37.58 -23.76
C GLY F 112 16.45 -38.26 -25.09
N GLN F 113 17.02 -37.58 -26.08
CA GLN F 113 17.20 -38.20 -27.37
C GLN F 113 18.40 -39.12 -27.42
N GLY F 114 19.25 -39.08 -26.40
CA GLY F 114 20.41 -39.94 -26.36
C GLY F 114 21.66 -39.44 -27.06
N VAL F 115 22.77 -40.13 -26.83
CA VAL F 115 24.03 -39.78 -27.49
C VAL F 115 24.79 -41.08 -27.55
N MET F 116 25.43 -41.32 -28.67
CA MET F 116 26.16 -42.53 -28.77
C MET F 116 27.60 -42.31 -28.36
N VAL F 117 28.07 -43.24 -27.54
CA VAL F 117 29.43 -43.27 -27.06
C VAL F 117 30.06 -44.48 -27.75
N THR F 118 31.17 -44.24 -28.44
CA THR F 118 31.85 -45.31 -29.14
C THR F 118 33.22 -45.46 -28.57
N VAL F 119 33.45 -46.63 -27.99
CA VAL F 119 34.70 -46.98 -27.39
C VAL F 119 35.46 -47.86 -28.32
N SER F 120 36.47 -47.25 -28.96
CA SER F 120 37.38 -47.88 -29.96
C SER F 120 38.77 -47.22 -30.04
N SER F 121 39.67 -47.96 -30.68
CA SER F 121 41.04 -47.52 -30.90
C SER F 121 41.17 -47.01 -32.36
N ALA F 122 40.29 -47.48 -33.24
CA ALA F 122 40.27 -47.02 -34.62
C ALA F 122 40.11 -45.50 -34.57
N GLN F 123 40.13 -44.84 -35.72
CA GLN F 123 40.03 -43.37 -35.73
C GLN F 123 38.92 -42.69 -36.54
N THR F 124 38.77 -41.40 -36.26
CA THR F 124 37.77 -40.58 -36.90
C THR F 124 38.05 -40.27 -38.33
N THR F 125 37.51 -41.10 -39.20
CA THR F 125 37.66 -40.86 -40.61
C THR F 125 36.29 -40.43 -41.21
N ALA F 126 36.25 -39.23 -41.83
CA ALA F 126 35.04 -38.69 -42.47
C ALA F 126 34.61 -39.51 -43.70
N PRO F 127 33.34 -39.38 -44.12
CA PRO F 127 32.89 -40.14 -45.28
C PRO F 127 33.19 -39.52 -46.60
N SER F 128 33.17 -40.34 -47.65
CA SER F 128 33.34 -39.89 -49.03
C SER F 128 31.91 -40.05 -49.55
N VAL F 129 31.42 -39.01 -50.22
CA VAL F 129 30.05 -39.06 -50.70
C VAL F 129 29.95 -39.05 -52.19
N TYR F 130 29.30 -40.06 -52.74
CA TYR F 130 29.15 -40.11 -54.18
C TYR F 130 27.70 -40.10 -54.55
N PRO F 131 27.35 -39.38 -55.62
CA PRO F 131 25.99 -39.29 -56.12
C PRO F 131 25.71 -40.57 -56.88
N LEU F 132 24.44 -40.93 -56.99
CA LEU F 132 24.04 -42.10 -57.71
C LEU F 132 22.94 -41.74 -58.66
N ALA F 133 23.34 -41.55 -59.91
CA ALA F 133 22.41 -41.25 -60.97
C ALA F 133 22.32 -42.44 -61.93
N PRO F 134 21.13 -42.61 -62.52
CA PRO F 134 20.80 -43.66 -63.48
C PRO F 134 21.82 -43.48 -64.52
N GLY F 135 22.31 -44.57 -65.08
CA GLY F 135 23.34 -44.37 -66.09
C GLY F 135 23.29 -45.22 -67.32
N CYS F 136 24.43 -45.27 -68.03
CA CYS F 136 24.64 -46.04 -69.28
C CYS F 136 23.40 -46.53 -70.05
N GLY F 137 22.64 -45.57 -70.60
CA GLY F 137 21.44 -45.83 -71.38
C GLY F 137 20.37 -46.62 -70.67
N ASP F 138 20.00 -46.15 -69.49
CA ASP F 138 19.00 -46.81 -68.64
C ASP F 138 17.59 -46.21 -68.74
N THR F 139 16.82 -46.78 -69.66
CA THR F 139 15.44 -46.42 -69.93
C THR F 139 14.82 -45.28 -69.13
N THR F 140 14.53 -45.54 -67.85
CA THR F 140 13.91 -44.59 -66.88
C THR F 140 12.42 -44.16 -67.00
N SER F 141 11.68 -44.33 -65.90
CA SER F 141 10.27 -43.98 -65.82
C SER F 141 10.18 -42.47 -65.52
N SER F 142 8.96 -41.94 -65.37
CA SER F 142 8.79 -40.53 -65.11
C SER F 142 9.18 -40.14 -63.68
N THR F 143 8.99 -41.06 -62.77
CA THR F 143 9.37 -40.83 -61.40
C THR F 143 10.67 -41.66 -61.32
N VAL F 144 11.77 -40.96 -61.08
CA VAL F 144 13.08 -41.55 -61.04
C VAL F 144 13.69 -41.71 -59.66
N THR F 145 14.30 -42.87 -59.38
CA THR F 145 14.93 -42.99 -58.06
C THR F 145 16.45 -42.73 -58.18
N LEU F 146 16.97 -41.91 -57.26
CA LEU F 146 18.37 -41.48 -57.18
C LEU F 146 18.91 -41.80 -55.84
N GLY F 147 20.23 -41.78 -55.65
CA GLY F 147 20.76 -42.09 -54.32
C GLY F 147 22.08 -41.41 -54.04
N CYS F 148 22.67 -41.76 -52.90
CA CYS F 148 23.95 -41.24 -52.44
C CYS F 148 24.65 -42.31 -51.70
N LEU F 149 25.91 -42.53 -52.08
CA LEU F 149 26.75 -43.53 -51.42
C LEU F 149 27.55 -42.75 -50.36
N VAL F 150 27.42 -43.13 -49.10
CA VAL F 150 28.21 -42.47 -48.08
C VAL F 150 29.19 -43.56 -47.66
N LYS F 151 30.47 -43.40 -48.09
CA LYS F 151 31.49 -44.46 -47.85
C LYS F 151 32.72 -44.21 -47.02
N GLY F 152 33.08 -45.27 -46.29
CA GLY F 152 34.25 -45.29 -45.43
C GLY F 152 34.25 -44.18 -44.40
N TYR F 153 33.39 -44.33 -43.40
CA TYR F 153 33.33 -43.33 -42.34
C TYR F 153 33.32 -44.02 -40.97
N PHE F 154 33.68 -43.26 -39.95
CA PHE F 154 33.71 -43.81 -38.63
C PHE F 154 33.91 -42.70 -37.64
N PRO F 155 33.20 -42.76 -36.49
CA PRO F 155 32.23 -43.82 -36.17
C PRO F 155 30.79 -43.38 -36.53
N GLU F 156 29.78 -44.15 -36.15
CA GLU F 156 28.41 -43.73 -36.45
C GLU F 156 28.09 -42.48 -35.64
N PRO F 157 27.10 -41.73 -36.06
CA PRO F 157 26.28 -41.96 -37.23
C PRO F 157 26.53 -40.87 -38.29
N VAL F 158 25.77 -40.94 -39.37
CA VAL F 158 25.88 -39.92 -40.39
C VAL F 158 24.43 -39.47 -40.54
N THR F 159 24.23 -38.34 -41.18
CA THR F 159 22.90 -37.81 -41.38
C THR F 159 22.62 -37.52 -42.83
N VAL F 160 21.58 -38.12 -43.38
CA VAL F 160 21.32 -37.83 -44.77
C VAL F 160 19.97 -37.16 -44.97
N THR F 161 19.93 -36.07 -45.75
CA THR F 161 18.65 -35.41 -46.03
C THR F 161 18.68 -34.99 -47.47
N TRP F 162 17.50 -34.76 -48.06
CA TRP F 162 17.48 -34.37 -49.47
C TRP F 162 16.89 -32.99 -49.78
N ASN F 163 17.52 -32.26 -50.68
CA ASN F 163 17.08 -30.93 -51.00
C ASN F 163 16.82 -30.19 -49.71
N SER F 164 17.75 -30.37 -48.77
CA SER F 164 17.65 -29.77 -47.43
C SER F 164 16.27 -29.98 -46.77
N GLY F 165 15.78 -31.23 -46.82
CA GLY F 165 14.48 -31.58 -46.28
C GLY F 165 13.32 -31.25 -47.23
N ALA F 166 13.53 -30.28 -48.13
CA ALA F 166 12.47 -29.85 -49.07
C ALA F 166 11.80 -31.01 -49.81
N LEU F 167 12.61 -32.04 -50.11
CA LEU F 167 12.14 -33.22 -50.83
C LEU F 167 12.33 -34.42 -49.90
N SER F 168 11.38 -34.60 -49.00
CA SER F 168 11.45 -35.70 -48.06
C SER F 168 10.40 -36.73 -48.48
N SER F 169 9.99 -36.63 -49.75
CA SER F 169 9.00 -37.55 -50.31
C SER F 169 9.39 -38.98 -50.05
N ASP F 170 9.58 -39.74 -51.11
CA ASP F 170 9.95 -41.12 -50.93
C ASP F 170 11.45 -41.19 -50.62
N VAL F 171 11.79 -41.22 -49.33
CA VAL F 171 13.16 -41.28 -48.92
C VAL F 171 13.44 -42.51 -48.08
N HIS F 172 14.49 -43.24 -48.44
CA HIS F 172 14.93 -44.43 -47.72
C HIS F 172 16.41 -44.38 -47.37
N THR F 173 16.73 -44.28 -46.08
CA THR F 173 18.11 -44.26 -45.66
C THR F 173 18.33 -45.62 -45.03
N PHE F 174 19.22 -46.39 -45.63
CA PHE F 174 19.52 -47.74 -45.18
C PHE F 174 20.54 -47.82 -44.06
N PRO F 175 20.35 -48.77 -43.13
CA PRO F 175 21.28 -48.97 -42.01
C PRO F 175 22.73 -49.22 -42.45
N ALA F 176 23.68 -48.68 -41.68
CA ALA F 176 25.07 -48.83 -42.03
C ALA F 176 25.54 -50.27 -41.98
N VAL F 177 26.71 -50.50 -42.56
CA VAL F 177 27.32 -51.80 -42.62
C VAL F 177 28.83 -51.68 -42.40
N LEU F 178 29.40 -52.62 -41.63
CA LEU F 178 30.84 -52.68 -41.33
C LEU F 178 31.64 -53.51 -42.31
N GLN F 179 32.29 -52.84 -43.24
CA GLN F 179 33.12 -53.52 -44.20
C GLN F 179 34.56 -53.14 -43.78
N SER F 180 35.27 -54.11 -43.21
CA SER F 180 36.64 -53.90 -42.79
C SER F 180 36.86 -52.64 -41.96
N GLY F 181 36.21 -52.59 -40.81
CA GLY F 181 36.38 -51.45 -39.91
C GLY F 181 35.88 -50.06 -40.25
N LEU F 182 35.18 -49.90 -41.37
CA LEU F 182 34.62 -48.60 -41.73
C LEU F 182 33.16 -48.76 -42.13
N TYR F 183 32.34 -47.77 -41.80
CA TYR F 183 30.92 -47.81 -42.12
C TYR F 183 30.62 -47.29 -43.50
N THR F 184 29.68 -47.94 -44.17
CA THR F 184 29.27 -47.54 -45.50
C THR F 184 27.76 -47.50 -45.50
N LEU F 185 27.16 -46.46 -46.05
CA LEU F 185 25.72 -46.46 -46.08
C LEU F 185 25.13 -45.85 -47.30
N THR F 186 23.88 -46.18 -47.52
CA THR F 186 23.19 -45.81 -48.72
C THR F 186 21.91 -45.08 -48.46
N SER F 187 21.55 -44.18 -49.37
CA SER F 187 20.27 -43.44 -49.22
C SER F 187 19.56 -43.22 -50.54
N SER F 188 18.26 -43.51 -50.62
CA SER F 188 17.56 -43.29 -51.87
C SER F 188 16.44 -42.29 -51.72
N VAL F 189 16.15 -41.62 -52.84
CA VAL F 189 15.09 -40.65 -52.90
C VAL F 189 14.38 -40.81 -54.27
N THR F 190 13.20 -40.24 -54.40
CA THR F 190 12.44 -40.34 -55.63
C THR F 190 12.04 -38.93 -56.13
N SER F 191 12.05 -38.77 -57.45
CA SER F 191 11.67 -37.51 -58.05
C SER F 191 11.09 -37.60 -59.44
N SER F 192 9.92 -37.00 -59.60
CA SER F 192 9.24 -36.89 -60.88
C SER F 192 9.89 -35.58 -61.27
N THR F 193 9.91 -35.20 -62.53
CA THR F 193 10.59 -33.95 -62.86
C THR F 193 12.07 -34.17 -62.45
N TRP F 194 12.60 -35.35 -62.75
CA TRP F 194 13.97 -35.68 -62.37
C TRP F 194 14.99 -34.62 -62.65
N PRO F 195 15.53 -34.60 -63.91
CA PRO F 195 16.58 -33.68 -64.37
C PRO F 195 16.42 -32.21 -64.25
N SER F 196 15.28 -31.67 -64.67
CA SER F 196 15.13 -30.24 -64.61
C SER F 196 14.85 -29.69 -63.20
N GLN F 197 15.01 -30.51 -62.16
CA GLN F 197 14.74 -29.91 -60.86
C GLN F 197 15.91 -29.73 -59.90
N THR F 198 16.83 -30.66 -59.87
CA THR F 198 17.96 -30.53 -58.97
C THR F 198 17.64 -31.22 -57.69
N VAL F 199 18.45 -32.23 -57.41
CA VAL F 199 18.30 -33.07 -56.25
C VAL F 199 19.66 -33.12 -55.64
N THR F 200 19.74 -32.85 -54.36
CA THR F 200 21.00 -32.80 -53.67
C THR F 200 20.90 -33.50 -52.35
N CYS F 201 21.88 -34.33 -52.04
CA CYS F 201 21.83 -35.00 -50.77
C CYS F 201 22.80 -34.26 -49.88
N ASN F 202 22.43 -34.19 -48.61
CA ASN F 202 23.16 -33.46 -47.58
C ASN F 202 23.51 -34.49 -46.57
N VAL F 203 24.80 -34.71 -46.46
CA VAL F 203 25.33 -35.71 -45.55
C VAL F 203 26.06 -34.96 -44.49
N ALA F 204 26.02 -35.48 -43.28
CA ALA F 204 26.71 -34.85 -42.19
C ALA F 204 27.24 -35.91 -41.29
N HIS F 205 28.49 -35.74 -40.88
CA HIS F 205 29.15 -36.66 -39.96
C HIS F 205 29.66 -35.74 -38.83
N PRO F 206 29.05 -35.84 -37.64
CA PRO F 206 29.46 -35.00 -36.52
C PRO F 206 30.82 -35.37 -35.95
N ALA F 207 31.09 -36.66 -35.80
CA ALA F 207 32.38 -37.05 -35.27
C ALA F 207 33.55 -36.46 -36.06
N SER F 208 33.27 -35.70 -37.12
CA SER F 208 34.34 -35.06 -37.92
C SER F 208 33.89 -33.68 -38.37
N SER F 209 32.79 -33.20 -37.84
CA SER F 209 32.27 -31.92 -38.25
C SER F 209 32.27 -31.78 -39.80
N THR F 210 31.83 -32.85 -40.46
CA THR F 210 31.73 -32.89 -41.91
C THR F 210 30.31 -32.61 -42.39
N LYS F 211 30.18 -31.72 -43.36
CA LYS F 211 28.90 -31.35 -43.92
C LYS F 211 29.05 -31.19 -45.44
N VAL F 212 28.60 -32.19 -46.18
CA VAL F 212 28.70 -32.18 -47.62
C VAL F 212 27.38 -32.09 -48.35
N ASP F 213 27.40 -31.37 -49.45
CA ASP F 213 26.20 -31.27 -50.28
C ASP F 213 26.46 -31.77 -51.70
N LYS F 214 26.24 -33.05 -51.95
CA LYS F 214 26.45 -33.56 -53.27
C LYS F 214 25.22 -33.43 -54.16
N LYS F 215 25.42 -32.84 -55.32
CA LYS F 215 24.32 -32.70 -56.24
C LYS F 215 24.34 -33.91 -57.19
N VAL F 216 23.18 -34.30 -57.67
CA VAL F 216 23.13 -35.47 -58.53
C VAL F 216 22.63 -35.10 -59.92
N ASP G 1 8.33 -30.96 12.22
CA ASP G 1 7.51 -29.98 11.44
C ASP G 1 6.22 -30.57 10.89
N ILE G 2 5.25 -29.71 10.66
CA ILE G 2 3.96 -30.16 10.15
C ILE G 2 3.98 -29.99 8.64
N LYS G 3 3.94 -31.10 7.91
CA LYS G 3 3.95 -31.05 6.45
C LYS G 3 2.56 -30.98 5.77
N MET G 4 2.28 -29.87 5.08
CA MET G 4 1.01 -29.63 4.39
C MET G 4 0.97 -30.06 2.92
N THR G 5 -0.07 -30.79 2.58
CA THR G 5 -0.23 -31.29 1.24
C THR G 5 -1.54 -30.76 0.67
N GLN G 6 -1.51 -30.34 -0.59
CA GLN G 6 -2.70 -29.82 -1.26
C GLN G 6 -2.99 -30.68 -2.48
N SER G 7 -4.27 -30.77 -2.84
CA SER G 7 -4.68 -31.51 -4.00
C SER G 7 -6.03 -31.01 -4.57
N PRO G 8 -6.17 -31.08 -5.89
CA PRO G 8 -5.13 -31.55 -6.81
C PRO G 8 -4.16 -30.35 -7.04
N SER G 9 -3.11 -30.52 -7.83
CA SER G 9 -2.21 -29.36 -8.04
C SER G 9 -2.78 -28.45 -9.10
N PHE G 10 -3.39 -29.04 -10.12
CA PHE G 10 -3.99 -28.25 -11.21
C PHE G 10 -5.48 -28.50 -11.31
N LEU G 11 -6.23 -27.45 -11.61
CA LEU G 11 -7.67 -27.62 -11.69
C LEU G 11 -8.29 -26.74 -12.73
N SER G 12 -8.94 -27.39 -13.69
CA SER G 12 -9.64 -26.68 -14.76
C SER G 12 -11.15 -26.69 -14.56
N ALA G 13 -11.77 -25.53 -14.48
CA ALA G 13 -13.19 -25.48 -14.28
C ALA G 13 -13.84 -24.38 -15.14
N SER G 14 -15.11 -24.54 -15.53
CA SER G 14 -15.77 -23.51 -16.36
C SER G 14 -16.26 -22.45 -15.43
N VAL G 15 -16.33 -21.23 -15.93
CA VAL G 15 -16.82 -20.13 -15.13
C VAL G 15 -18.24 -20.44 -14.66
N GLY G 16 -18.46 -20.33 -13.36
CA GLY G 16 -19.76 -20.56 -12.79
C GLY G 16 -19.84 -21.84 -12.01
N ASP G 17 -18.89 -22.75 -12.23
CA ASP G 17 -18.87 -24.03 -11.55
C ASP G 17 -18.46 -24.00 -10.12
N ARG G 18 -18.67 -25.15 -9.47
CA ARG G 18 -18.36 -25.39 -8.06
C ARG G 18 -17.00 -26.01 -8.04
N VAL G 19 -16.12 -25.40 -7.28
CA VAL G 19 -14.75 -25.91 -7.21
C VAL G 19 -14.37 -26.22 -5.77
N THR G 20 -13.65 -27.33 -5.60
CA THR G 20 -13.18 -27.73 -4.28
C THR G 20 -11.66 -28.01 -4.16
N LEU G 21 -11.01 -27.29 -3.24
CA LEU G 21 -9.56 -27.45 -3.02
C LEU G 21 -9.25 -28.20 -1.72
N ASN G 22 -8.41 -29.22 -1.83
CA ASN G 22 -8.07 -30.02 -0.68
C ASN G 22 -6.67 -29.75 -0.12
N CYS G 23 -6.61 -29.81 1.21
CA CYS G 23 -5.39 -29.58 1.95
C CYS G 23 -5.29 -30.55 3.11
N LYS G 24 -4.24 -31.36 3.15
CA LYS G 24 -4.08 -32.32 4.22
C LYS G 24 -2.83 -32.07 5.03
N ALA G 25 -2.94 -32.24 6.33
CA ALA G 25 -1.79 -32.07 7.20
C ALA G 25 -1.31 -33.46 7.63
N SER G 26 -0.11 -33.52 8.19
CA SER G 26 0.49 -34.77 8.68
C SER G 26 0.32 -34.88 10.22
N GLN G 27 -0.49 -33.96 10.75
CA GLN G 27 -0.75 -33.91 12.17
C GLN G 27 -2.01 -33.17 12.41
N ASN G 28 -2.27 -32.83 13.66
CA ASN G 28 -3.48 -32.10 13.98
C ASN G 28 -3.17 -30.65 14.13
N ILE G 29 -3.74 -29.87 13.22
CA ILE G 29 -3.55 -28.45 13.19
C ILE G 29 -4.78 -27.97 13.90
N ASP G 30 -5.56 -28.96 14.32
CA ASP G 30 -6.77 -28.59 15.00
C ASP G 30 -7.53 -27.66 14.04
N LYS G 31 -7.79 -26.42 14.46
CA LYS G 31 -8.54 -25.46 13.64
C LYS G 31 -7.68 -24.37 13.03
N TYR G 32 -6.38 -24.49 13.20
CA TYR G 32 -5.49 -23.46 12.67
C TYR G 32 -5.03 -23.83 11.25
N LEU G 33 -5.66 -23.19 10.28
CA LEU G 33 -5.32 -23.42 8.90
C LEU G 33 -5.87 -22.24 8.12
N ASN G 34 -5.04 -21.71 7.26
CA ASN G 34 -5.43 -20.58 6.44
C ASN G 34 -5.25 -20.78 4.93
N TRP G 35 -5.91 -19.89 4.21
CA TRP G 35 -5.88 -19.94 2.80
C TRP G 35 -5.47 -18.61 2.22
N TYR G 36 -4.51 -18.67 1.33
CA TYR G 36 -4.13 -17.43 0.64
C TYR G 36 -4.29 -17.59 -0.89
N GLN G 37 -4.64 -16.49 -1.54
CA GLN G 37 -4.81 -16.44 -2.97
C GLN G 37 -3.67 -15.61 -3.54
N GLN G 38 -2.92 -16.16 -4.47
CA GLN G 38 -1.82 -15.39 -5.07
C GLN G 38 -2.00 -15.30 -6.57
N LYS G 39 -2.37 -14.12 -7.03
CA LYS G 39 -2.55 -13.93 -8.45
C LYS G 39 -1.16 -13.77 -9.07
N LEU G 40 -1.10 -13.78 -10.39
CA LEU G 40 0.16 -13.63 -11.11
C LEU G 40 0.88 -12.30 -10.81
N GLY G 41 2.14 -12.40 -10.41
CA GLY G 41 2.92 -11.20 -10.10
C GLY G 41 2.43 -10.45 -8.87
N GLU G 42 1.84 -11.14 -7.92
CA GLU G 42 1.38 -10.47 -6.72
C GLU G 42 1.70 -11.24 -5.44
N SER G 43 1.74 -10.49 -4.34
CA SER G 43 2.03 -11.13 -3.05
C SER G 43 0.80 -11.89 -2.57
N PRO G 44 0.99 -13.07 -1.98
CA PRO G 44 -0.15 -13.83 -1.48
C PRO G 44 -1.06 -12.90 -0.66
N LYS G 45 -2.38 -13.11 -0.73
CA LYS G 45 -3.35 -12.32 0.02
C LYS G 45 -4.20 -13.31 0.82
N LEU G 46 -4.57 -12.91 2.02
CA LEU G 46 -5.34 -13.77 2.93
C LEU G 46 -6.78 -13.92 2.56
N LEU G 47 -7.22 -15.17 2.38
CA LEU G 47 -8.60 -15.46 2.01
C LEU G 47 -9.41 -15.88 3.20
N ILE G 48 -8.92 -16.91 3.88
CA ILE G 48 -9.60 -17.41 5.08
C ILE G 48 -8.62 -17.84 6.18
N TYR G 49 -9.03 -17.62 7.43
CA TYR G 49 -8.21 -17.99 8.58
C TYR G 49 -8.90 -18.89 9.61
N ASN G 50 -8.17 -19.95 10.01
CA ASN G 50 -8.64 -20.95 10.98
C ASN G 50 -9.84 -21.68 10.37
N THR G 51 -9.51 -22.47 9.37
CA THR G 51 -10.37 -23.29 8.52
C THR G 51 -11.63 -22.64 7.90
N ASN G 52 -12.26 -21.65 8.55
CA ASN G 52 -13.46 -21.09 7.95
C ASN G 52 -13.86 -19.65 8.22
N ASN G 53 -12.93 -18.75 8.43
CA ASN G 53 -13.32 -17.37 8.64
C ASN G 53 -12.96 -16.58 7.46
N LEU G 54 -13.94 -15.97 6.81
CA LEU G 54 -13.57 -15.19 5.66
C LEU G 54 -12.96 -14.01 6.28
N GLN G 55 -12.18 -13.34 5.47
CA GLN G 55 -11.48 -12.16 5.84
C GLN G 55 -12.36 -11.04 5.29
N THR G 56 -12.09 -9.81 5.73
CA THR G 56 -12.83 -8.63 5.28
C THR G 56 -12.69 -8.39 3.77
N GLY G 57 -13.80 -8.15 3.09
CA GLY G 57 -13.77 -7.83 1.67
C GLY G 57 -13.67 -8.95 0.66
N ILE G 58 -13.71 -10.19 1.12
CA ILE G 58 -13.65 -11.28 0.18
C ILE G 58 -15.07 -11.77 -0.12
N PRO G 59 -15.38 -12.01 -1.39
CA PRO G 59 -16.71 -12.50 -1.83
C PRO G 59 -17.23 -13.76 -1.10
N SER G 60 -18.56 -13.82 -0.93
CA SER G 60 -19.25 -14.92 -0.27
C SER G 60 -19.23 -16.27 -0.97
N ARG G 61 -18.75 -16.30 -2.22
CA ARG G 61 -18.67 -17.55 -2.97
C ARG G 61 -17.57 -18.44 -2.40
N PHE G 62 -16.80 -17.94 -1.45
CA PHE G 62 -15.69 -18.68 -0.81
C PHE G 62 -16.09 -19.23 0.55
N SER G 63 -15.61 -20.42 0.85
CA SER G 63 -15.89 -20.98 2.14
C SER G 63 -14.87 -22.06 2.42
N GLY G 64 -14.69 -22.35 3.69
CA GLY G 64 -13.72 -23.35 4.06
C GLY G 64 -14.29 -24.23 5.13
N SER G 65 -13.69 -25.40 5.25
CA SER G 65 -14.16 -26.35 6.21
C SER G 65 -13.14 -27.45 6.46
N GLY G 66 -13.64 -28.53 7.07
CA GLY G 66 -12.82 -29.67 7.39
C GLY G 66 -12.27 -29.39 8.77
N SER G 67 -11.58 -30.36 9.34
CA SER G 67 -11.01 -30.11 10.64
C SER G 67 -10.05 -31.22 11.02
N GLY G 68 -8.98 -30.79 11.67
CA GLY G 68 -7.96 -31.70 12.13
C GLY G 68 -6.87 -32.02 11.15
N THR G 69 -7.13 -32.89 10.19
CA THR G 69 -6.11 -33.23 9.20
C THR G 69 -6.55 -32.97 7.76
N ASP G 70 -7.86 -32.84 7.53
CA ASP G 70 -8.34 -32.56 6.19
C ASP G 70 -9.14 -31.30 6.11
N PHE G 71 -8.77 -30.44 5.18
CA PHE G 71 -9.46 -29.16 4.99
C PHE G 71 -9.84 -28.95 3.52
N THR G 72 -10.84 -28.09 3.33
CA THR G 72 -11.33 -27.85 2.01
C THR G 72 -11.69 -26.41 1.77
N LEU G 73 -11.34 -25.93 0.59
CA LEU G 73 -11.70 -24.55 0.20
C LEU G 73 -12.66 -24.86 -0.92
N THR G 74 -13.79 -24.19 -0.89
CA THR G 74 -14.82 -24.39 -1.89
C THR G 74 -15.31 -23.09 -2.47
N ILE G 75 -15.35 -23.05 -3.79
CA ILE G 75 -15.82 -21.85 -4.45
C ILE G 75 -17.12 -22.29 -5.12
N SER G 76 -18.21 -21.64 -4.74
CA SER G 76 -19.53 -22.00 -5.22
C SER G 76 -19.54 -21.87 -6.71
N SER G 77 -19.41 -20.64 -7.17
CA SER G 77 -19.38 -20.35 -8.58
C SER G 77 -18.09 -19.60 -8.99
N LEU G 78 -17.22 -20.28 -9.71
CA LEU G 78 -15.95 -19.74 -10.18
C LEU G 78 -16.05 -18.48 -11.04
N GLN G 79 -15.40 -17.40 -10.61
CA GLN G 79 -15.41 -16.18 -11.40
C GLN G 79 -14.07 -16.11 -12.15
N PRO G 80 -14.01 -15.33 -13.25
CA PRO G 80 -12.74 -15.30 -13.96
C PRO G 80 -11.67 -14.61 -13.12
N GLU G 81 -12.05 -13.79 -12.14
CA GLU G 81 -11.04 -13.18 -11.27
C GLU G 81 -10.64 -14.10 -10.14
N ASP G 82 -10.82 -15.39 -10.30
CA ASP G 82 -10.49 -16.29 -9.22
C ASP G 82 -9.44 -17.21 -9.75
N VAL G 83 -9.05 -16.97 -11.00
CA VAL G 83 -7.99 -17.76 -11.59
C VAL G 83 -6.74 -17.33 -10.81
N ALA G 84 -6.06 -18.30 -10.21
CA ALA G 84 -4.88 -17.98 -9.42
C ALA G 84 -4.36 -19.25 -8.77
N THR G 85 -3.36 -19.09 -7.91
CA THR G 85 -2.81 -20.22 -7.18
C THR G 85 -3.32 -20.09 -5.76
N TYR G 86 -3.54 -21.22 -5.11
CA TYR G 86 -4.06 -21.21 -3.76
C TYR G 86 -3.17 -21.93 -2.79
N PHE G 87 -2.97 -21.26 -1.66
CA PHE G 87 -2.10 -21.75 -0.60
C PHE G 87 -2.74 -21.90 0.72
N CYS G 88 -2.40 -23.06 1.27
CA CYS G 88 -2.83 -23.58 2.55
C CYS G 88 -1.70 -23.32 3.58
N LEU G 89 -2.07 -22.87 4.78
CA LEU G 89 -1.10 -22.55 5.80
C LEU G 89 -1.38 -23.04 7.22
N GLN G 90 -0.55 -23.95 7.71
CA GLN G 90 -0.67 -24.51 9.05
C GLN G 90 0.03 -23.62 10.10
N HIS G 91 -0.69 -23.11 11.10
CA HIS G 91 0.02 -22.29 12.07
C HIS G 91 -0.29 -22.53 13.55
N ILE G 92 -0.30 -23.79 13.93
CA ILE G 92 -0.54 -24.13 15.31
C ILE G 92 0.85 -24.11 15.96
N SER G 93 1.84 -24.61 15.20
CA SER G 93 3.25 -24.72 15.61
C SER G 93 4.26 -24.02 14.73
N ARG G 94 5.35 -23.56 15.32
CA ARG G 94 6.43 -23.01 14.53
C ARG G 94 7.29 -24.24 14.18
N PRO G 95 7.89 -24.24 13.00
CA PRO G 95 7.78 -23.18 11.98
C PRO G 95 6.42 -23.29 11.27
N ARG G 96 5.81 -22.16 10.93
CA ARG G 96 4.54 -22.19 10.22
C ARG G 96 4.86 -22.80 8.85
N THR G 97 4.02 -23.70 8.35
CA THR G 97 4.29 -24.29 7.05
C THR G 97 3.12 -24.11 6.07
N PHE G 98 3.46 -23.89 4.81
CA PHE G 98 2.48 -23.69 3.72
C PHE G 98 2.31 -24.97 2.92
N GLY G 99 1.19 -25.07 2.18
CA GLY G 99 0.96 -26.25 1.37
C GLY G 99 1.58 -26.06 -0.01
N THR G 100 1.70 -27.15 -0.75
CA THR G 100 2.30 -27.12 -2.07
C THR G 100 1.62 -26.25 -3.08
N GLY G 101 0.36 -25.87 -2.83
CA GLY G 101 -0.39 -24.99 -3.72
C GLY G 101 -1.22 -25.64 -4.82
N THR G 102 -2.28 -24.96 -5.25
CA THR G 102 -3.14 -25.41 -6.32
C THR G 102 -3.43 -24.26 -7.29
N LYS G 103 -3.25 -24.54 -8.58
CA LYS G 103 -3.48 -23.57 -9.65
C LYS G 103 -4.82 -23.81 -10.41
N LEU G 104 -5.59 -22.76 -10.58
CA LEU G 104 -6.84 -22.84 -11.30
C LEU G 104 -6.81 -22.30 -12.70
N GLU G 105 -7.23 -23.15 -13.65
CA GLU G 105 -7.35 -22.81 -15.07
C GLU G 105 -8.85 -22.67 -15.41
N LEU G 106 -9.20 -21.62 -16.14
CA LEU G 106 -10.58 -21.39 -16.59
C LEU G 106 -10.71 -22.28 -17.82
N LYS G 107 -11.76 -23.08 -17.96
CA LYS G 107 -11.84 -23.94 -19.15
C LYS G 107 -12.31 -23.18 -20.36
N ARG G 108 -12.06 -23.77 -21.52
CA ARG G 108 -12.36 -23.14 -22.81
C ARG G 108 -12.57 -24.08 -23.95
N ALA G 109 -13.12 -23.48 -24.99
CA ALA G 109 -13.29 -24.21 -26.21
C ALA G 109 -11.89 -24.31 -26.91
N ASN G 110 -11.59 -25.47 -27.44
CA ASN G 110 -10.33 -25.60 -28.11
C ASN G 110 -10.09 -24.46 -29.04
N ALA G 111 -8.82 -24.11 -29.23
CA ALA G 111 -8.39 -23.03 -30.15
C ALA G 111 -7.04 -23.43 -30.78
N ALA G 112 -7.01 -23.40 -32.10
CA ALA G 112 -5.82 -23.78 -32.81
C ALA G 112 -4.94 -22.59 -32.76
N PRO G 113 -3.63 -22.82 -32.61
CA PRO G 113 -2.74 -21.67 -32.56
C PRO G 113 -2.36 -21.06 -33.88
N THR G 114 -2.16 -19.76 -33.85
CA THR G 114 -1.61 -19.02 -34.95
C THR G 114 -0.04 -19.14 -34.79
N VAL G 115 0.64 -19.72 -35.78
CA VAL G 115 2.09 -19.89 -35.70
C VAL G 115 2.76 -18.88 -36.59
N SER G 116 3.95 -18.46 -36.19
CA SER G 116 4.68 -17.39 -36.87
C SER G 116 6.18 -17.62 -36.73
N ILE G 117 6.92 -17.54 -37.83
CA ILE G 117 8.36 -17.77 -37.76
C ILE G 117 9.14 -16.51 -38.14
N PHE G 118 10.26 -16.28 -37.49
CA PHE G 118 11.05 -15.11 -37.77
C PHE G 118 12.52 -15.49 -37.93
N PRO G 119 13.11 -15.12 -39.07
CA PRO G 119 14.50 -15.36 -39.37
C PRO G 119 15.30 -14.36 -38.55
N PRO G 120 16.60 -14.59 -38.38
CA PRO G 120 17.37 -13.63 -37.59
C PRO G 120 17.35 -12.21 -38.15
N SER G 121 17.57 -11.25 -37.28
CA SER G 121 17.63 -9.83 -37.61
C SER G 121 19.00 -9.53 -38.27
N THR G 122 19.06 -8.59 -39.22
CA THR G 122 20.35 -8.30 -39.88
C THR G 122 21.30 -7.82 -38.81
N GLU G 123 20.77 -7.15 -37.79
CA GLU G 123 21.60 -6.69 -36.68
C GLU G 123 22.21 -7.81 -35.85
N GLN G 124 21.40 -8.78 -35.42
CA GLN G 124 21.96 -9.87 -34.62
C GLN G 124 23.09 -10.55 -35.40
N LEU G 125 22.90 -10.68 -36.72
CA LEU G 125 23.88 -11.30 -37.62
C LEU G 125 25.19 -10.55 -37.64
N ALA G 126 25.07 -9.26 -37.93
CA ALA G 126 26.20 -8.36 -37.97
C ALA G 126 27.05 -8.50 -36.69
N THR G 127 26.67 -9.39 -35.79
CA THR G 127 27.43 -9.61 -34.56
C THR G 127 27.70 -11.11 -34.43
N GLY G 128 27.54 -11.82 -35.55
CA GLY G 128 27.84 -13.24 -35.63
C GLY G 128 26.98 -14.20 -34.89
N GLY G 129 25.84 -13.72 -34.43
CA GLY G 129 24.94 -14.59 -33.72
C GLY G 129 23.71 -14.69 -34.57
N ALA G 130 22.84 -15.65 -34.26
CA ALA G 130 21.63 -15.80 -35.03
C ALA G 130 20.60 -16.60 -34.24
N SER G 131 19.48 -15.98 -33.87
CA SER G 131 18.41 -16.71 -33.16
C SER G 131 17.21 -16.71 -34.13
N VAL G 132 16.59 -17.86 -34.32
CA VAL G 132 15.40 -17.98 -35.19
C VAL G 132 14.33 -18.05 -34.15
N VAL G 133 13.23 -17.37 -34.43
CA VAL G 133 12.16 -17.32 -33.46
C VAL G 133 10.85 -17.84 -33.98
N CYS G 134 10.14 -18.61 -33.13
CA CYS G 134 8.80 -19.10 -33.52
C CYS G 134 7.76 -18.78 -32.42
N LEU G 135 6.82 -17.89 -32.75
CA LEU G 135 5.82 -17.51 -31.76
C LEU G 135 4.64 -18.41 -32.14
N MET G 136 4.16 -19.10 -31.13
CA MET G 136 3.10 -20.06 -31.26
C MET G 136 2.00 -19.52 -30.33
N ASN G 137 1.08 -18.75 -30.90
CA ASN G 137 0.08 -18.07 -30.08
C ASN G 137 -1.39 -18.44 -30.03
N LYS G 138 -2.01 -18.02 -28.91
CA LYS G 138 -3.43 -18.13 -28.55
C LYS G 138 -4.06 -19.48 -28.76
N PHE G 139 -3.52 -20.47 -28.09
CA PHE G 139 -4.00 -21.83 -28.22
C PHE G 139 -4.59 -22.41 -26.94
N TYR G 140 -5.33 -23.51 -27.09
CA TYR G 140 -5.93 -24.20 -25.96
C TYR G 140 -6.38 -25.57 -26.42
N PRO G 141 -6.17 -26.61 -25.60
CA PRO G 141 -5.55 -26.66 -24.27
C PRO G 141 -4.02 -26.44 -24.26
N ARG G 142 -3.48 -26.30 -23.05
CA ARG G 142 -2.06 -26.06 -22.84
C ARG G 142 -1.12 -27.10 -23.43
N ASP G 143 -1.58 -28.32 -23.65
CA ASP G 143 -0.64 -29.26 -24.19
C ASP G 143 -0.36 -28.99 -25.63
N ILE G 144 0.92 -28.98 -25.95
CA ILE G 144 1.38 -28.71 -27.30
C ILE G 144 2.87 -29.08 -27.41
N SER G 145 3.40 -29.12 -28.61
CA SER G 145 4.79 -29.47 -28.75
C SER G 145 5.29 -28.77 -29.97
N VAL G 146 6.52 -28.24 -29.88
CA VAL G 146 7.14 -27.55 -30.99
C VAL G 146 8.45 -28.25 -31.31
N LYS G 147 8.81 -28.29 -32.58
CA LYS G 147 10.08 -28.86 -32.96
C LYS G 147 10.68 -28.05 -34.08
N TRP G 148 11.97 -27.82 -33.97
CA TRP G 148 12.70 -27.10 -35.00
C TRP G 148 13.35 -28.13 -35.92
N LYS G 149 13.52 -27.77 -37.18
CA LYS G 149 14.14 -28.68 -38.10
C LYS G 149 14.87 -27.89 -39.14
N ILE G 150 16.20 -28.07 -39.18
CA ILE G 150 17.00 -27.37 -40.18
C ILE G 150 17.17 -28.32 -41.35
N ASP G 151 16.64 -27.95 -42.50
CA ASP G 151 16.72 -28.79 -43.69
C ASP G 151 16.06 -30.15 -43.39
N GLY G 152 14.83 -30.12 -42.91
CA GLY G 152 14.17 -31.37 -42.61
C GLY G 152 14.67 -32.15 -41.40
N THR G 153 15.81 -31.78 -40.81
CA THR G 153 16.31 -32.50 -39.63
C THR G 153 16.00 -31.93 -38.23
N GLU G 154 15.25 -32.67 -37.41
CA GLU G 154 14.89 -32.25 -36.05
C GLU G 154 16.19 -31.75 -35.44
N ARG G 155 16.10 -30.76 -34.56
CA ARG G 155 17.28 -30.16 -33.99
C ARG G 155 17.21 -29.84 -32.50
N ASN G 156 18.35 -29.59 -31.89
CA ASN G 156 18.35 -29.24 -30.48
C ASN G 156 19.49 -28.42 -29.82
N GLY G 157 19.16 -27.16 -29.56
CA GLY G 157 19.98 -26.12 -28.93
C GLY G 157 18.89 -25.03 -28.72
N VAL G 158 17.66 -25.54 -28.56
CA VAL G 158 16.42 -24.81 -28.38
C VAL G 158 16.07 -24.30 -26.97
N LEU G 159 15.15 -23.34 -26.93
CA LEU G 159 14.70 -22.72 -25.71
C LEU G 159 13.21 -22.41 -25.82
N ASN G 160 12.42 -22.95 -24.90
CA ASN G 160 10.98 -22.74 -24.91
C ASN G 160 10.51 -21.90 -23.74
N SER G 161 9.34 -21.34 -23.87
CA SER G 161 8.76 -20.53 -22.83
C SER G 161 7.23 -20.48 -23.10
N VAL G 162 6.40 -20.67 -22.08
CA VAL G 162 4.95 -20.62 -22.25
C VAL G 162 4.40 -19.62 -21.27
N THR G 163 3.44 -18.83 -21.71
CA THR G 163 2.87 -17.86 -20.80
C THR G 163 1.90 -18.55 -19.87
N ASP G 164 1.21 -17.72 -19.12
CA ASP G 164 0.21 -18.20 -18.23
C ASP G 164 -1.09 -17.93 -19.00
N GLN G 165 -2.19 -18.52 -18.55
CA GLN G 165 -3.45 -18.37 -19.25
C GLN G 165 -3.80 -16.89 -19.37
N ASP G 166 -4.14 -16.44 -20.58
CA ASP G 166 -4.46 -15.02 -20.77
C ASP G 166 -5.81 -14.60 -20.19
N SER G 167 -5.81 -13.52 -19.45
CA SER G 167 -7.04 -13.06 -18.81
C SER G 167 -8.12 -12.60 -19.77
N ALA G 168 -7.79 -12.52 -21.06
CA ALA G 168 -8.74 -12.03 -22.05
C ALA G 168 -9.46 -13.07 -22.89
N ASP G 169 -8.81 -14.19 -23.20
CA ASP G 169 -9.44 -15.20 -24.02
C ASP G 169 -9.08 -16.55 -23.50
N SER G 170 -8.43 -16.54 -22.34
CA SER G 170 -8.07 -17.77 -21.70
C SER G 170 -7.18 -18.72 -22.52
N THR G 171 -6.41 -18.21 -23.46
CA THR G 171 -5.56 -19.09 -24.26
C THR G 171 -4.19 -19.07 -23.68
N TYR G 172 -3.29 -19.79 -24.30
CA TYR G 172 -1.90 -19.87 -23.89
C TYR G 172 -1.07 -19.52 -25.10
N SER G 173 0.10 -18.97 -24.89
CA SER G 173 0.97 -18.66 -25.99
C SER G 173 2.30 -19.25 -25.66
N MET G 174 3.10 -19.54 -26.67
CA MET G 174 4.42 -20.08 -26.45
C MET G 174 5.45 -19.52 -27.43
N SER G 175 6.65 -19.44 -26.95
CA SER G 175 7.72 -18.89 -27.74
C SER G 175 8.85 -19.90 -27.69
N SER G 176 9.38 -20.24 -28.85
CA SER G 176 10.51 -21.16 -28.95
C SER G 176 11.61 -20.48 -29.76
N THR G 177 12.84 -20.61 -29.23
CA THR G 177 14.06 -19.98 -29.76
C THR G 177 15.11 -20.97 -30.26
N LEU G 178 15.74 -20.70 -31.40
CA LEU G 178 16.74 -21.62 -31.93
C LEU G 178 17.97 -20.76 -32.16
N SER G 179 18.96 -20.90 -31.27
CA SER G 179 20.18 -20.12 -31.38
C SER G 179 21.31 -20.87 -32.03
N LEU G 180 21.89 -20.26 -33.06
CA LEU G 180 23.00 -20.83 -33.79
C LEU G 180 24.06 -19.74 -34.01
N THR G 181 25.23 -20.14 -34.46
CA THR G 181 26.32 -19.20 -34.76
C THR G 181 25.96 -18.70 -36.16
N LYS G 182 26.48 -17.53 -36.53
CA LYS G 182 26.20 -17.01 -37.87
C LYS G 182 26.68 -18.04 -38.91
N ALA G 183 27.90 -18.54 -38.72
CA ALA G 183 28.50 -19.52 -39.64
C ALA G 183 27.58 -20.70 -39.89
N ASP G 184 27.18 -21.37 -38.82
CA ASP G 184 26.28 -22.52 -38.97
C ASP G 184 24.91 -22.10 -39.52
N TYR G 185 24.42 -20.92 -39.15
CA TYR G 185 23.14 -20.49 -39.69
C TYR G 185 23.26 -20.38 -41.19
N GLN G 186 24.44 -20.01 -41.68
CA GLN G 186 24.62 -19.84 -43.11
C GLN G 186 24.88 -21.09 -43.91
N SER G 187 25.32 -22.18 -43.29
CA SER G 187 25.53 -23.39 -44.08
C SER G 187 24.29 -24.28 -44.17
N HIS G 188 23.11 -23.70 -43.95
CA HIS G 188 21.84 -24.43 -44.08
C HIS G 188 20.87 -23.51 -44.79
N ASN G 189 19.70 -24.03 -45.17
CA ASN G 189 18.70 -23.27 -45.93
C ASN G 189 17.26 -23.19 -45.48
N LEU G 190 16.64 -24.32 -45.14
CA LEU G 190 15.24 -24.26 -44.74
C LEU G 190 15.03 -24.53 -43.26
N TYR G 191 14.62 -23.49 -42.57
CA TYR G 191 14.38 -23.58 -41.15
C TYR G 191 12.90 -23.81 -40.91
N THR G 192 12.60 -24.64 -39.93
CA THR G 192 11.23 -24.95 -39.70
C THR G 192 10.74 -25.08 -38.26
N CYS G 193 9.50 -24.61 -38.07
CA CYS G 193 8.80 -24.67 -36.81
C CYS G 193 7.56 -25.53 -37.02
N GLN G 194 7.55 -26.70 -36.40
CA GLN G 194 6.43 -27.58 -36.57
C GLN G 194 5.82 -27.70 -35.22
N VAL G 195 4.51 -27.52 -35.14
CA VAL G 195 3.85 -27.61 -33.88
C VAL G 195 2.79 -28.63 -34.07
N VAL G 196 2.54 -29.36 -33.01
CA VAL G 196 1.56 -30.40 -33.01
C VAL G 196 0.67 -30.06 -31.84
N HIS G 197 -0.60 -29.79 -32.10
CA HIS G 197 -1.50 -29.47 -31.01
C HIS G 197 -2.37 -30.65 -30.83
N LYS G 198 -1.93 -31.54 -29.93
CA LYS G 198 -2.67 -32.77 -29.59
C LYS G 198 -4.09 -32.29 -29.37
N THR G 199 -4.79 -32.15 -30.49
CA THR G 199 -6.14 -31.69 -30.53
C THR G 199 -6.22 -30.94 -31.83
N SER G 200 -6.79 -29.75 -31.77
CA SER G 200 -6.99 -28.89 -32.93
C SER G 200 -6.78 -29.42 -34.35
N SER G 201 -5.68 -30.10 -34.63
CA SER G 201 -5.46 -30.60 -35.97
C SER G 201 -4.54 -31.79 -35.96
N SER G 202 -4.62 -32.59 -37.01
CA SER G 202 -3.79 -33.79 -37.16
C SER G 202 -2.59 -33.56 -38.04
N PRO G 203 -2.80 -32.96 -39.22
CA PRO G 203 -1.71 -32.70 -40.16
C PRO G 203 -0.59 -31.81 -39.63
N VAL G 204 -0.63 -31.47 -38.33
CA VAL G 204 0.39 -30.63 -37.72
C VAL G 204 0.66 -29.29 -38.44
N VAL G 205 1.16 -28.32 -37.71
CA VAL G 205 1.37 -27.02 -38.32
C VAL G 205 2.83 -26.73 -38.52
N ALA G 206 3.15 -26.33 -39.73
CA ALA G 206 4.51 -26.05 -40.07
C ALA G 206 4.67 -24.69 -40.70
N LYS G 207 5.69 -23.96 -40.28
CA LYS G 207 6.01 -22.67 -40.89
C LYS G 207 7.53 -22.69 -41.14
N ASN G 208 7.97 -22.22 -42.31
CA ASN G 208 9.39 -22.16 -42.61
C ASN G 208 9.76 -21.02 -43.47
N PHE G 209 11.06 -20.99 -43.77
CA PHE G 209 11.63 -19.98 -44.63
C PHE G 209 13.00 -20.52 -45.04
N ASN G 210 13.51 -19.98 -46.15
CA ASN G 210 14.80 -20.36 -46.68
C ASN G 210 15.70 -19.19 -46.59
N ARG G 211 16.78 -19.37 -45.85
CA ARG G 211 17.76 -18.34 -45.61
C ARG G 211 17.87 -17.50 -46.87
N ASN G 212 18.06 -18.15 -48.02
CA ASN G 212 18.16 -17.43 -49.29
C ASN G 212 16.77 -16.96 -49.68
N GLU G 213 16.26 -16.09 -48.82
CA GLU G 213 14.95 -15.50 -48.91
C GLU G 213 13.96 -16.25 -49.81
N CYS G 214 13.86 -17.55 -49.52
CA CYS G 214 12.96 -18.51 -50.18
C CYS G 214 12.64 -18.24 -51.66
N GLU H 1 -1.99 -1.19 8.55
CA GLU H 1 -2.56 -1.96 7.40
C GLU H 1 -2.16 -1.34 6.08
N VAL H 2 -2.75 -0.18 5.78
CA VAL H 2 -2.49 0.54 4.54
C VAL H 2 -1.27 -0.01 3.75
N LYS H 3 -0.03 0.29 4.16
CA LYS H 3 1.10 -0.20 3.37
C LYS H 3 2.39 -0.75 3.99
N LEU H 4 2.92 -1.78 3.34
CA LEU H 4 4.15 -2.46 3.75
C LEU H 4 5.08 -2.39 2.55
N LEU H 5 6.23 -1.76 2.71
CA LEU H 5 7.14 -1.63 1.57
C LEU H 5 8.56 -2.13 1.79
N GLU H 6 8.94 -3.16 1.06
CA GLU H 6 10.31 -3.65 1.19
C GLU H 6 11.24 -2.94 0.21
N SER H 7 12.51 -2.86 0.56
CA SER H 7 13.56 -2.28 -0.31
C SER H 7 14.79 -3.04 0.06
N GLY H 8 15.78 -3.10 -0.81
CA GLY H 8 16.98 -3.83 -0.49
C GLY H 8 17.50 -4.47 -1.74
N GLY H 9 18.81 -4.39 -1.92
CA GLY H 9 19.45 -4.93 -3.11
C GLY H 9 18.94 -6.24 -3.66
N GLY H 10 19.45 -6.58 -4.83
CA GLY H 10 19.10 -7.80 -5.50
C GLY H 10 20.23 -8.70 -5.94
N LEU H 11 21.27 -8.22 -6.63
CA LEU H 11 22.33 -9.16 -7.02
C LEU H 11 23.50 -9.19 -6.04
N VAL H 12 23.77 -10.39 -5.55
CA VAL H 12 24.81 -10.60 -4.56
C VAL H 12 25.50 -11.92 -4.79
N GLN H 13 26.78 -11.95 -4.53
CA GLN H 13 27.57 -13.13 -4.78
C GLN H 13 27.54 -14.11 -3.61
N PRO H 14 27.70 -15.40 -3.93
CA PRO H 14 27.69 -16.42 -2.90
C PRO H 14 28.57 -16.03 -1.71
N GLY H 15 28.16 -16.42 -0.51
CA GLY H 15 28.90 -16.14 0.71
C GLY H 15 28.67 -14.77 1.31
N GLY H 16 28.26 -13.82 0.50
CA GLY H 16 28.09 -12.49 1.02
C GLY H 16 26.97 -12.40 2.00
N SER H 17 26.69 -11.19 2.45
CA SER H 17 25.58 -10.98 3.37
C SER H 17 24.72 -9.82 2.81
N MET H 18 23.47 -9.73 3.23
CA MET H 18 22.59 -8.70 2.70
C MET H 18 21.57 -8.28 3.71
N ARG H 19 21.09 -7.05 3.56
CA ARG H 19 20.09 -6.53 4.48
C ARG H 19 18.89 -5.95 3.80
N LEU H 20 17.77 -6.64 3.90
CA LEU H 20 16.54 -6.13 3.29
C LEU H 20 15.91 -5.29 4.35
N SER H 21 15.11 -4.32 3.98
CA SER H 21 14.45 -3.52 4.99
C SER H 21 13.00 -3.38 4.58
N CYS H 22 12.10 -3.34 5.56
CA CYS H 22 10.69 -3.23 5.32
C CYS H 22 10.12 -2.05 6.07
N ALA H 23 9.37 -1.20 5.36
CA ALA H 23 8.75 -0.03 6.00
C ALA H 23 7.24 -0.16 6.07
N GLY H 24 6.67 0.30 7.18
CA GLY H 24 5.24 0.20 7.42
C GLY H 24 4.52 1.52 7.64
N SER H 25 3.55 1.76 6.78
CA SER H 25 2.75 2.95 6.82
C SER H 25 1.30 2.61 7.25
N GLY H 26 0.60 3.57 7.85
CA GLY H 26 -0.79 3.36 8.24
C GLY H 26 -1.23 2.49 9.41
N PHE H 27 -0.36 2.27 10.39
CA PHE H 27 -0.74 1.46 11.57
C PHE H 27 0.39 1.50 12.59
N THR H 28 0.05 1.24 13.86
CA THR H 28 1.07 1.28 14.92
C THR H 28 2.03 0.08 14.81
N PHE H 29 3.13 0.33 14.12
CA PHE H 29 4.20 -0.64 13.89
C PHE H 29 4.45 -1.51 15.14
N THR H 30 4.78 -0.80 16.22
CA THR H 30 5.07 -1.39 17.54
C THR H 30 4.04 -2.34 18.18
N ASP H 31 2.77 -2.28 17.77
CA ASP H 31 1.75 -3.15 18.34
C ASP H 31 1.59 -4.50 17.66
N PHE H 32 2.37 -4.74 16.61
CA PHE H 32 2.31 -5.99 15.85
C PHE H 32 3.55 -6.84 15.72
N TYR H 33 3.34 -8.13 15.49
CA TYR H 33 4.46 -9.02 15.24
C TYR H 33 4.71 -8.67 13.77
N MET H 34 5.87 -8.99 13.24
CA MET H 34 6.19 -8.71 11.84
C MET H 34 6.95 -9.92 11.35
N ASN H 35 6.67 -10.34 10.11
CA ASN H 35 7.28 -11.54 9.54
C ASN H 35 8.00 -11.34 8.24
N TRP H 36 8.90 -12.28 7.94
CA TRP H 36 9.58 -12.28 6.68
C TRP H 36 9.18 -13.62 6.11
N ILE H 37 8.78 -13.60 4.85
CA ILE H 37 8.40 -14.79 4.15
C ILE H 37 9.10 -14.70 2.83
N ARG H 38 9.60 -15.81 2.34
CA ARG H 38 10.25 -15.77 1.05
C ARG H 38 9.67 -16.82 0.14
N GLN H 39 9.72 -16.55 -1.16
CA GLN H 39 9.17 -17.49 -2.13
C GLN H 39 10.01 -17.63 -3.37
N PRO H 40 10.61 -18.80 -3.56
CA PRO H 40 11.44 -19.07 -4.72
C PRO H 40 10.49 -19.16 -5.93
N ALA H 41 10.84 -18.50 -7.03
CA ALA H 41 10.01 -18.57 -8.23
C ALA H 41 9.55 -20.02 -8.53
N GLY H 42 8.26 -20.15 -8.78
CA GLY H 42 7.69 -21.44 -9.09
C GLY H 42 7.49 -22.36 -7.90
N LYS H 43 7.34 -21.80 -6.70
CA LYS H 43 7.12 -22.62 -5.51
C LYS H 43 6.39 -21.89 -4.40
N ALA H 44 5.97 -22.61 -3.36
CA ALA H 44 5.20 -22.02 -2.28
C ALA H 44 6.03 -21.17 -1.38
N PRO H 45 5.39 -20.25 -0.62
CA PRO H 45 6.10 -19.37 0.31
C PRO H 45 6.80 -20.23 1.32
N GLU H 46 7.75 -19.64 2.05
CA GLU H 46 8.49 -20.35 3.08
C GLU H 46 8.66 -19.34 4.18
N TRP H 47 8.12 -19.66 5.37
CA TRP H 47 8.16 -18.75 6.51
C TRP H 47 9.57 -18.72 7.12
N LEU H 48 10.10 -17.51 7.28
CA LEU H 48 11.45 -17.30 7.81
C LEU H 48 11.50 -17.06 9.34
N GLY H 49 10.78 -16.04 9.83
CA GLY H 49 10.75 -15.79 11.25
C GLY H 49 9.92 -14.56 11.46
N PHE H 50 9.88 -14.11 12.71
CA PHE H 50 9.14 -12.89 13.06
C PHE H 50 9.76 -12.28 14.31
N ILE H 51 9.43 -11.02 14.58
CA ILE H 51 9.93 -10.31 15.74
C ILE H 51 8.66 -9.94 16.49
N ARG H 52 8.61 -10.16 17.79
CA ARG H 52 7.40 -9.89 18.52
C ARG H 52 6.96 -8.44 18.78
N ASP H 53 5.87 -8.30 19.55
CA ASP H 53 5.25 -7.02 19.97
C ASP H 53 6.30 -6.18 20.64
N LYS H 54 5.82 -5.12 21.29
CA LYS H 54 6.69 -4.26 22.07
C LYS H 54 6.39 -4.82 23.47
N ALA H 55 5.19 -5.38 23.55
CA ALA H 55 4.66 -5.99 24.75
C ALA H 55 5.34 -7.32 25.06
N LYS H 56 5.68 -8.07 24.03
CA LYS H 56 6.34 -9.35 24.25
C LYS H 56 7.86 -9.18 24.33
N GLY H 57 8.30 -7.93 24.22
CA GLY H 57 9.70 -7.61 24.28
C GLY H 57 10.48 -7.60 22.97
N TYR H 58 9.81 -7.57 21.82
CA TYR H 58 10.52 -7.58 20.54
C TYR H 58 11.42 -8.83 20.38
N THR H 59 11.02 -9.97 20.88
CA THR H 59 11.87 -11.14 20.74
C THR H 59 11.70 -11.77 19.37
N THR H 60 12.54 -12.73 19.00
CA THR H 60 12.43 -13.29 17.66
C THR H 60 12.47 -14.80 17.56
N GLU H 61 11.73 -15.36 16.60
CA GLU H 61 11.76 -16.82 16.37
C GLU H 61 12.10 -17.02 14.88
N TYR H 62 12.78 -18.10 14.56
CA TYR H 62 13.16 -18.31 13.18
C TYR H 62 12.91 -19.72 12.76
N ASN H 63 12.67 -19.88 11.47
CA ASN H 63 12.45 -21.20 10.92
C ASN H 63 13.85 -21.89 11.03
N PRO H 64 13.90 -23.09 11.58
CA PRO H 64 15.16 -23.79 11.71
C PRO H 64 15.88 -23.99 10.37
N SER H 65 15.11 -23.98 9.30
CA SER H 65 15.68 -24.16 7.98
C SER H 65 16.75 -23.11 7.61
N VAL H 66 16.69 -21.94 8.22
CA VAL H 66 17.64 -20.88 7.92
C VAL H 66 18.44 -20.45 9.13
N LYS H 67 17.80 -20.49 10.29
CA LYS H 67 18.39 -20.11 11.58
C LYS H 67 19.92 -20.15 11.67
N GLY H 68 20.43 -19.12 12.29
CA GLY H 68 21.85 -19.00 12.42
C GLY H 68 22.28 -17.95 11.42
N ARG H 69 21.80 -18.09 10.19
CA ARG H 69 22.19 -17.17 9.14
C ARG H 69 21.40 -15.89 9.03
N PHE H 70 20.12 -15.94 9.40
CA PHE H 70 19.25 -14.78 9.28
C PHE H 70 18.92 -14.21 10.67
N THR H 71 18.75 -12.90 10.74
CA THR H 71 18.45 -12.22 11.98
C THR H 71 17.39 -11.19 11.63
N ILE H 72 16.52 -10.83 12.55
CA ILE H 72 15.47 -9.88 12.26
C ILE H 72 15.54 -8.82 13.32
N SER H 73 15.33 -7.56 12.95
CA SER H 73 15.35 -6.49 13.92
C SER H 73 14.40 -5.35 13.52
N ARG H 74 14.01 -4.53 14.48
CA ARG H 74 13.11 -3.43 14.20
C ARG H 74 13.84 -2.14 14.53
N ASP H 75 13.20 -1.03 14.20
CA ASP H 75 13.74 0.31 14.48
C ASP H 75 12.47 1.10 14.80
N ASN H 76 11.75 0.62 15.81
CA ASN H 76 10.49 1.18 16.23
C ASN H 76 10.38 2.70 16.14
N THR H 77 11.52 3.39 16.21
CA THR H 77 11.54 4.84 16.16
C THR H 77 11.12 5.38 14.78
N GLN H 78 11.32 4.58 13.73
CA GLN H 78 10.91 4.99 12.39
C GLN H 78 10.22 3.90 11.57
N ASN H 79 9.49 3.02 12.25
CA ASN H 79 8.73 1.94 11.61
C ASN H 79 9.46 1.14 10.52
N MET H 80 10.62 0.61 10.85
CA MET H 80 11.36 -0.17 9.88
C MET H 80 11.58 -1.52 10.52
N LEU H 81 11.73 -2.53 9.69
CA LEU H 81 11.97 -3.87 10.16
C LEU H 81 13.12 -4.25 9.26
N TYR H 82 13.98 -5.15 9.71
CA TYR H 82 15.10 -5.53 8.85
C TYR H 82 15.25 -7.02 8.84
N LEU H 83 15.84 -7.54 7.77
CA LEU H 83 16.14 -8.94 7.70
C LEU H 83 17.59 -8.88 7.27
N GLN H 84 18.46 -9.50 8.05
CA GLN H 84 19.88 -9.52 7.84
C GLN H 84 20.21 -10.96 7.49
N MET H 85 20.71 -11.19 6.27
CA MET H 85 21.05 -12.52 5.83
C MET H 85 22.55 -12.65 5.69
N ASN H 86 23.09 -13.76 6.18
CA ASN H 86 24.50 -14.00 6.11
C ASN H 86 24.80 -15.30 5.39
N THR H 87 26.00 -15.36 4.83
CA THR H 87 26.40 -16.56 4.13
C THR H 87 25.34 -16.92 3.10
N LEU H 88 24.93 -15.92 2.32
CA LEU H 88 23.95 -16.16 1.27
C LEU H 88 24.49 -17.25 0.36
N ARG H 89 23.61 -18.18 0.06
CA ARG H 89 23.91 -19.34 -0.75
C ARG H 89 23.05 -19.19 -2.04
N ALA H 90 23.16 -20.13 -2.98
CA ALA H 90 22.40 -20.04 -4.22
C ALA H 90 20.89 -20.24 -4.08
N GLU H 91 20.48 -21.18 -3.22
CA GLU H 91 19.05 -21.45 -3.00
C GLU H 91 18.33 -20.36 -2.21
N ASP H 92 19.05 -19.31 -1.84
CA ASP H 92 18.41 -18.24 -1.09
C ASP H 92 17.83 -17.28 -2.09
N THR H 93 18.00 -17.60 -3.36
CA THR H 93 17.49 -16.76 -4.46
C THR H 93 15.99 -16.83 -4.44
N ALA H 94 15.34 -15.69 -4.17
CA ALA H 94 13.89 -15.66 -4.08
C ALA H 94 13.28 -14.29 -3.90
N THR H 95 11.97 -14.24 -3.80
CA THR H 95 11.32 -12.97 -3.56
C THR H 95 11.06 -13.00 -2.08
N TYR H 96 11.36 -11.88 -1.42
CA TYR H 96 11.24 -11.77 0.04
C TYR H 96 10.20 -10.73 0.36
N TYR H 97 9.29 -11.12 1.26
CA TYR H 97 8.17 -10.26 1.66
C TYR H 97 8.11 -10.07 3.11
N CYS H 98 7.83 -8.86 3.55
CA CYS H 98 7.64 -8.74 4.99
C CYS H 98 6.13 -8.84 5.04
N ALA H 99 5.57 -9.29 6.15
CA ALA H 99 4.11 -9.42 6.30
C ALA H 99 3.65 -9.19 7.72
N ARG H 100 2.83 -8.17 7.93
CA ARG H 100 2.31 -7.94 9.27
C ARG H 100 1.57 -9.19 9.77
N GLU H 101 1.71 -9.49 11.06
CA GLU H 101 1.05 -10.68 11.65
C GLU H 101 -0.45 -10.41 11.76
N GLY H 102 -0.80 -9.45 12.62
CA GLY H 102 -2.19 -9.08 12.80
C GLY H 102 -2.85 -9.60 14.06
N HIS H 103 -4.05 -9.09 14.27
CA HIS H 103 -4.90 -9.43 15.41
C HIS H 103 -6.09 -10.09 14.73
N THR H 104 -6.61 -11.19 15.29
CA THR H 104 -7.76 -11.92 14.70
C THR H 104 -7.39 -12.36 13.27
N ALA H 105 -7.58 -11.45 12.30
CA ALA H 105 -7.20 -11.69 10.90
C ALA H 105 -5.70 -11.87 10.96
N ALA H 106 -5.26 -13.12 11.05
CA ALA H 106 -3.84 -13.40 11.15
C ALA H 106 -3.59 -14.90 11.15
N PRO H 107 -2.35 -15.33 10.83
CA PRO H 107 -1.20 -14.50 10.45
C PRO H 107 -1.16 -14.01 8.99
N PHE H 108 -0.38 -12.97 8.75
CA PHE H 108 -0.16 -12.42 7.43
C PHE H 108 -1.42 -11.74 6.87
N ASP H 109 -1.95 -10.76 7.56
CA ASP H 109 -3.11 -10.07 7.02
C ASP H 109 -2.68 -9.08 5.94
N TYR H 110 -1.42 -8.67 5.95
CA TYR H 110 -0.92 -7.74 4.94
C TYR H 110 0.50 -8.01 4.50
N TRP H 111 0.68 -8.13 3.19
CA TRP H 111 1.99 -8.38 2.66
C TRP H 111 2.53 -7.18 1.95
N GLY H 112 3.79 -7.21 1.62
CA GLY H 112 4.41 -6.11 0.88
C GLY H 112 4.51 -6.61 -0.55
N GLN H 113 5.05 -5.81 -1.44
CA GLN H 113 5.11 -6.27 -2.80
C GLN H 113 6.29 -7.20 -3.08
N GLY H 114 7.24 -7.27 -2.17
CA GLY H 114 8.37 -8.15 -2.34
C GLY H 114 9.57 -7.54 -3.02
N VAL H 115 10.69 -8.24 -2.95
CA VAL H 115 11.91 -7.80 -3.60
C VAL H 115 12.68 -9.04 -3.89
N MET H 116 13.23 -9.12 -5.09
CA MET H 116 13.95 -10.29 -5.43
C MET H 116 15.42 -10.11 -5.07
N VAL H 117 15.96 -11.19 -4.50
CA VAL H 117 17.30 -11.27 -4.09
C VAL H 117 17.81 -12.36 -4.99
N THR H 118 18.89 -12.09 -5.67
CA THR H 118 19.47 -13.10 -6.50
C THR H 118 20.84 -13.36 -5.92
N VAL H 119 21.20 -14.62 -5.81
CA VAL H 119 22.50 -14.89 -5.33
C VAL H 119 23.30 -15.62 -6.41
N SER H 120 24.20 -14.90 -7.08
CA SER H 120 25.06 -15.49 -8.11
C SER H 120 26.43 -14.81 -8.30
N SER H 121 27.41 -15.56 -8.75
CA SER H 121 28.71 -14.94 -8.98
C SER H 121 28.69 -14.30 -10.40
N ALA H 122 27.69 -14.63 -11.19
CA ALA H 122 27.55 -14.09 -12.52
C ALA H 122 27.35 -12.58 -12.48
N GLN H 123 27.94 -11.84 -13.41
CA GLN H 123 27.76 -10.40 -13.37
C GLN H 123 26.60 -9.71 -14.13
N THR H 124 26.27 -8.55 -13.63
CA THR H 124 25.26 -7.69 -14.14
C THR H 124 25.50 -7.27 -15.57
N THR H 125 24.84 -7.94 -16.51
CA THR H 125 24.97 -7.55 -17.92
C THR H 125 23.67 -7.11 -18.61
N ALA H 126 23.77 -6.04 -19.37
CA ALA H 126 22.60 -5.52 -20.08
C ALA H 126 22.19 -6.38 -21.29
N PRO H 127 20.95 -6.22 -21.73
CA PRO H 127 20.50 -7.01 -22.85
C PRO H 127 20.78 -6.42 -24.23
N SER H 128 20.78 -7.29 -25.24
CA SER H 128 20.90 -6.85 -26.62
C SER H 128 19.46 -7.05 -27.10
N VAL H 129 18.94 -6.07 -27.79
CA VAL H 129 17.58 -6.13 -28.24
C VAL H 129 17.45 -6.13 -29.76
N TYR H 130 16.85 -7.18 -30.29
CA TYR H 130 16.67 -7.26 -31.73
C TYR H 130 15.19 -7.25 -32.06
N PRO H 131 14.83 -6.53 -33.13
CA PRO H 131 13.46 -6.43 -33.62
C PRO H 131 13.14 -7.72 -34.38
N LEU H 132 11.88 -8.12 -34.43
CA LEU H 132 11.50 -9.33 -35.14
C LEU H 132 10.40 -9.03 -36.10
N ALA H 133 10.76 -8.86 -37.36
CA ALA H 133 9.80 -8.58 -38.40
C ALA H 133 9.79 -9.79 -39.30
N PRO H 134 8.65 -10.12 -39.88
CA PRO H 134 8.43 -11.24 -40.80
C PRO H 134 9.30 -10.97 -41.98
N GLY H 135 9.89 -12.00 -42.58
CA GLY H 135 10.78 -11.60 -43.65
C GLY H 135 10.86 -12.37 -44.92
N CYS H 136 12.01 -13.03 -45.05
CA CYS H 136 12.38 -13.90 -46.18
C CYS H 136 11.17 -14.56 -46.83
N GLY H 137 10.52 -13.83 -47.73
CA GLY H 137 9.35 -14.30 -48.45
C GLY H 137 8.16 -14.86 -47.69
N ASP H 138 7.55 -14.04 -46.87
CA ASP H 138 6.41 -14.53 -46.13
C ASP H 138 5.18 -13.72 -46.39
N THR H 139 4.10 -14.42 -46.63
CA THR H 139 2.79 -13.87 -46.96
C THR H 139 2.18 -12.82 -46.00
N THR H 140 1.92 -13.22 -44.76
CA THR H 140 1.30 -12.37 -43.72
C THR H 140 -0.12 -11.86 -43.93
N SER H 141 -0.89 -11.98 -42.86
CA SER H 141 -2.25 -11.55 -42.83
C SER H 141 -2.30 -10.03 -42.77
N SER H 142 -3.50 -9.53 -42.46
CA SER H 142 -3.84 -8.12 -42.32
C SER H 142 -3.32 -7.69 -40.90
N THR H 143 -3.44 -8.57 -39.94
CA THR H 143 -2.90 -8.20 -38.65
C THR H 143 -1.66 -9.07 -38.50
N VAL H 144 -0.54 -8.36 -38.45
CA VAL H 144 0.76 -8.99 -38.38
C VAL H 144 1.24 -9.06 -36.98
N THR H 145 1.82 -10.19 -36.65
CA THR H 145 2.43 -10.27 -35.35
C THR H 145 3.97 -9.97 -35.49
N LEU H 146 4.48 -9.12 -34.59
CA LEU H 146 5.88 -8.69 -34.55
C LEU H 146 6.48 -9.05 -33.23
N GLY H 147 7.77 -8.91 -33.07
CA GLY H 147 8.33 -9.29 -31.77
C GLY H 147 9.65 -8.60 -31.46
N CYS H 148 10.23 -8.92 -30.31
CA CYS H 148 11.49 -8.34 -29.87
C CYS H 148 12.21 -9.40 -29.14
N LEU H 149 13.48 -9.60 -29.50
CA LEU H 149 14.32 -10.58 -28.85
C LEU H 149 15.15 -9.81 -27.84
N VAL H 150 15.04 -10.15 -26.56
CA VAL H 150 15.81 -9.45 -25.54
C VAL H 150 16.78 -10.53 -25.14
N LYS H 151 18.06 -10.35 -25.55
CA LYS H 151 19.08 -11.39 -25.33
C LYS H 151 20.31 -11.13 -24.51
N GLY H 152 20.72 -12.19 -23.77
CA GLY H 152 21.89 -12.16 -22.92
C GLY H 152 21.87 -11.05 -21.90
N TYR H 153 21.00 -11.17 -20.90
CA TYR H 153 20.96 -10.16 -19.86
C TYR H 153 20.98 -10.82 -18.48
N PHE H 154 21.34 -10.05 -17.47
CA PHE H 154 21.38 -10.58 -16.12
C PHE H 154 21.57 -9.45 -15.14
N PRO H 155 20.85 -9.49 -14.00
CA PRO H 155 19.89 -10.55 -13.64
C PRO H 155 18.46 -10.07 -13.96
N GLU H 156 17.47 -10.90 -13.63
CA GLU H 156 16.10 -10.48 -13.92
C GLU H 156 15.78 -9.24 -13.14
N PRO H 157 14.77 -8.51 -13.56
CA PRO H 157 13.93 -8.78 -14.72
C PRO H 157 14.15 -7.71 -15.79
N VAL H 158 13.38 -7.80 -16.85
CA VAL H 158 13.45 -6.80 -17.87
C VAL H 158 12.00 -6.36 -18.04
N THR H 159 11.81 -5.21 -18.64
CA THR H 159 10.49 -4.67 -18.88
C THR H 159 10.24 -4.40 -20.34
N VAL H 160 9.18 -4.98 -20.89
CA VAL H 160 8.95 -4.73 -22.29
C VAL H 160 7.59 -4.09 -22.45
N THR H 161 7.53 -3.02 -23.23
CA THR H 161 6.25 -2.37 -23.51
C THR H 161 6.25 -1.98 -24.97
N TRP H 162 5.06 -1.71 -25.54
CA TRP H 162 5.03 -1.38 -26.96
C TRP H 162 4.46 -0.05 -27.26
N ASN H 163 5.09 0.67 -28.14
CA ASN H 163 4.63 1.99 -28.49
C ASN H 163 4.37 2.74 -27.19
N SER H 164 5.28 2.56 -26.24
CA SER H 164 5.20 3.16 -24.92
C SER H 164 3.82 2.96 -24.32
N GLY H 165 3.36 1.73 -24.31
CA GLY H 165 2.04 1.41 -23.79
C GLY H 165 0.89 1.71 -24.74
N ALA H 166 1.07 2.67 -25.65
CA ALA H 166 0.01 3.03 -26.59
C ALA H 166 -0.63 1.83 -27.28
N LEU H 167 0.18 0.84 -27.61
CA LEU H 167 -0.30 -0.34 -28.28
C LEU H 167 -0.10 -1.49 -27.32
N SER H 168 -1.06 -1.69 -26.45
CA SER H 168 -0.99 -2.75 -25.47
C SER H 168 -2.02 -3.79 -25.85
N SER H 169 -2.47 -3.71 -27.10
CA SER H 169 -3.46 -4.63 -27.65
C SER H 169 -3.06 -6.07 -27.35
N ASP H 170 -2.88 -6.86 -28.41
CA ASP H 170 -2.51 -8.24 -28.22
C ASP H 170 -0.98 -8.28 -27.95
N VAL H 171 -0.62 -8.30 -26.68
CA VAL H 171 0.76 -8.36 -26.27
C VAL H 171 1.04 -9.55 -25.42
N HIS H 172 2.08 -10.31 -25.76
CA HIS H 172 2.51 -11.47 -25.01
C HIS H 172 3.97 -11.40 -24.68
N THR H 173 4.31 -11.26 -23.40
CA THR H 173 5.70 -11.24 -22.98
C THR H 173 5.95 -12.60 -22.31
N PHE H 174 6.83 -13.39 -22.92
CA PHE H 174 7.16 -14.74 -22.47
C PHE H 174 8.18 -14.79 -21.37
N PRO H 175 8.01 -15.72 -20.42
CA PRO H 175 8.95 -15.85 -19.32
C PRO H 175 10.38 -16.07 -19.78
N ALA H 176 11.33 -15.53 -19.03
CA ALA H 176 12.72 -15.67 -19.39
C ALA H 176 13.19 -17.12 -19.28
N VAL H 177 14.37 -17.37 -19.83
CA VAL H 177 14.97 -18.68 -19.84
C VAL H 177 16.48 -18.54 -19.65
N LEU H 178 17.05 -19.49 -18.87
CA LEU H 178 18.49 -19.56 -18.60
C LEU H 178 19.29 -20.39 -19.59
N GLN H 179 19.93 -19.72 -20.53
CA GLN H 179 20.77 -20.37 -21.49
C GLN H 179 22.20 -19.97 -21.10
N SER H 180 22.93 -20.93 -20.53
CA SER H 180 24.31 -20.70 -20.15
C SER H 180 24.53 -19.43 -19.33
N GLY H 181 23.90 -19.36 -18.16
CA GLY H 181 24.09 -18.22 -17.29
C GLY H 181 23.56 -16.84 -17.65
N LEU H 182 22.84 -16.70 -18.75
CA LEU H 182 22.26 -15.41 -19.11
C LEU H 182 20.81 -15.58 -19.51
N TYR H 183 20.00 -14.60 -19.15
CA TYR H 183 18.60 -14.64 -19.48
C TYR H 183 18.28 -14.14 -20.91
N THR H 184 17.33 -14.82 -21.55
CA THR H 184 16.88 -14.47 -22.89
C THR H 184 15.35 -14.42 -22.84
N LEU H 185 14.75 -13.39 -23.41
CA LEU H 185 13.30 -13.39 -23.44
C LEU H 185 12.73 -12.78 -24.66
N THR H 186 11.47 -13.15 -24.89
CA THR H 186 10.74 -12.82 -26.10
C THR H 186 9.43 -12.12 -25.81
N SER H 187 9.02 -11.24 -26.69
CA SER H 187 7.77 -10.50 -26.51
C SER H 187 7.08 -10.31 -27.86
N SER H 188 5.77 -10.61 -27.94
CA SER H 188 5.07 -10.41 -29.21
C SER H 188 3.96 -9.39 -29.11
N VAL H 189 3.64 -8.79 -30.23
CA VAL H 189 2.58 -7.82 -30.31
C VAL H 189 1.86 -8.00 -31.66
N THR H 190 0.68 -7.41 -31.77
CA THR H 190 -0.08 -7.52 -32.98
C THR H 190 -0.43 -6.16 -33.53
N SER H 191 -0.43 -6.03 -34.84
CA SER H 191 -0.82 -4.76 -35.44
C SER H 191 -1.45 -4.89 -36.84
N SER H 192 -2.61 -4.26 -36.99
CA SER H 192 -3.30 -4.19 -38.26
C SER H 192 -2.66 -2.90 -38.65
N THR H 193 -2.66 -2.53 -39.92
CA THR H 193 -1.98 -1.27 -40.30
C THR H 193 -0.51 -1.48 -39.91
N TRP H 194 0.02 -2.68 -40.20
CA TRP H 194 1.38 -2.99 -39.82
C TRP H 194 2.37 -1.94 -40.12
N PRO H 195 2.88 -1.93 -41.36
CA PRO H 195 3.92 -1.00 -41.84
C PRO H 195 3.73 0.48 -41.75
N SER H 196 2.59 0.99 -42.16
CA SER H 196 2.48 2.42 -42.13
C SER H 196 2.21 2.99 -40.75
N GLN H 197 2.38 2.22 -39.68
CA GLN H 197 2.10 2.83 -38.42
C GLN H 197 3.26 3.05 -37.49
N THR H 198 4.19 2.11 -37.44
CA THR H 198 5.35 2.27 -36.53
C THR H 198 5.03 1.57 -35.22
N VAL H 199 5.85 0.58 -34.92
CA VAL H 199 5.74 -0.22 -33.78
C VAL H 199 7.13 -0.27 -33.23
N THR H 200 7.23 -0.01 -31.93
CA THR H 200 8.53 0.06 -31.26
C THR H 200 8.42 -0.59 -29.93
N CYS H 201 9.37 -1.45 -29.60
CA CYS H 201 9.31 -2.08 -28.29
C CYS H 201 10.27 -1.31 -27.42
N ASN H 202 9.90 -1.21 -26.15
CA ASN H 202 10.66 -0.46 -25.16
C ASN H 202 11.08 -1.46 -24.14
N VAL H 203 12.37 -1.69 -24.06
CA VAL H 203 12.93 -2.65 -23.14
C VAL H 203 13.69 -1.88 -22.11
N ALA H 204 13.61 -2.34 -20.89
CA ALA H 204 14.33 -1.72 -19.80
C ALA H 204 14.85 -2.80 -18.88
N HIS H 205 16.10 -2.62 -18.45
CA HIS H 205 16.79 -3.50 -17.51
C HIS H 205 17.30 -2.55 -16.45
N PRO H 206 16.69 -2.61 -15.25
CA PRO H 206 17.10 -1.74 -14.15
C PRO H 206 18.47 -2.12 -13.58
N ALA H 207 18.74 -3.41 -13.40
CA ALA H 207 20.05 -3.77 -12.88
C ALA H 207 21.22 -3.21 -13.71
N SER H 208 20.94 -2.43 -14.76
CA SER H 208 22.00 -1.83 -15.58
C SER H 208 21.59 -0.44 -16.03
N SER H 209 20.46 0.03 -15.55
CA SER H 209 19.92 1.32 -15.96
C SER H 209 19.91 1.44 -17.48
N THR H 210 19.45 0.37 -18.14
CA THR H 210 19.35 0.30 -19.60
C THR H 210 17.91 0.58 -20.04
N LYS H 211 17.75 1.43 -21.04
CA LYS H 211 16.45 1.74 -21.61
C LYS H 211 16.64 1.84 -23.10
N VAL H 212 16.14 0.85 -23.81
CA VAL H 212 16.24 0.82 -25.25
C VAL H 212 14.92 0.88 -25.98
N ASP H 213 14.90 1.60 -27.09
CA ASP H 213 13.73 1.70 -27.93
C ASP H 213 14.00 1.16 -29.32
N LYS H 214 13.78 -0.13 -29.55
CA LYS H 214 13.97 -0.68 -30.89
C LYS H 214 12.75 -0.57 -31.76
N LYS H 215 12.94 0.01 -32.93
CA LYS H 215 11.82 0.14 -33.86
C LYS H 215 11.79 -1.08 -34.78
N VAL H 216 10.63 -1.51 -35.21
CA VAL H 216 10.56 -2.69 -36.06
C VAL H 216 10.14 -2.36 -37.48
#